data_6PDT
#
_entry.id   6PDT
#
loop_
_entity.id
_entity.type
_entity.pdbx_description
1 polymer Glucokinase-1
2 non-polymer alpha-D-glucopyranose
3 non-polymer 'MAGNESIUM ION'
4 non-polymer "ADENOSINE-5'-TRIPHOSPHATE"
#
_entity_poly.entity_id   1
_entity_poly.type   'polypeptide(L)'
_entity_poly.pdbx_seq_one_letter_code
;MSFDDLHKATERAVIQAVDQICDDFEVTPEKLDELTAYFIEQMEKGLAPPKEGHTLASDKGLPMIPAFVTGSPNGTERGV
LLAADLGGTNFRICSVNLHGDHTFSMEQMKSKIPDDLLDDENVTSDDLFGFLARRTLAFMKKYHPDELAKGKDAKPMKLG
FTFSYPVDQTSLNSGTLIRWTKGFRIADTVGKDVVQLYQEQLSAQGMPMIKVVALTNDTVGTYLSHCYTSDNTDSMTSGE
ISEPVIGCIFGTGTNGCYMEEINKITKLPQELRDKLIKEGKTHMIINVEWGSFDNELKHLPTTKYDVVIDQKLSTNPGFH
LFEKRVSGMFLGEVLRNILVDLHSQGLLLQQYRSKEQLPRHLTTPFQLSSEVLSHIEIDDSTGLRETELSLLQSLRLPTT
PTERVQIQKLVRAISRRSAYLAAVPLAAILIKTNALNKRYHGEVEIGCDGSVVEYYPGFRSMLRHALALSPLGAEGERKV
HLKIAKDGSGVGAALCALVA
;
_entity_poly.pdbx_strand_id   A,B,C,D
#
loop_
_chem_comp.id
_chem_comp.type
_chem_comp.name
_chem_comp.formula
ATP non-polymer ADENOSINE-5'-TRIPHOSPHATE 'C10 H16 N5 O13 P3'
GLC D-saccharide, alpha linking alpha-D-glucopyranose 'C6 H12 O6'
MG non-polymer 'MAGNESIUM ION' 'Mg 2'
#
# COMPACT_ATOMS: atom_id res chain seq x y z
N MET A 1 -41.84 -27.28 42.90
CA MET A 1 -41.24 -27.44 41.57
C MET A 1 -42.28 -27.37 40.41
N SER A 2 -42.33 -26.22 39.70
CA SER A 2 -43.20 -25.96 38.55
C SER A 2 -42.50 -26.53 37.33
N PHE A 3 -43.16 -26.58 36.18
CA PHE A 3 -42.49 -27.11 35.01
C PHE A 3 -41.23 -26.33 34.70
N ASP A 4 -41.28 -25.02 34.91
CA ASP A 4 -40.15 -24.15 34.64
C ASP A 4 -38.97 -24.45 35.59
N ASP A 5 -39.23 -24.96 36.80
CA ASP A 5 -38.13 -25.20 37.72
C ASP A 5 -37.51 -26.54 37.37
N LEU A 6 -38.35 -27.45 36.90
CA LEU A 6 -37.90 -28.76 36.50
C LEU A 6 -37.06 -28.62 35.23
N HIS A 7 -37.45 -27.69 34.37
CA HIS A 7 -36.71 -27.44 33.15
C HIS A 7 -35.37 -26.82 33.50
N LYS A 8 -35.31 -25.92 34.49
CA LYS A 8 -34.03 -25.36 34.86
C LYS A 8 -33.12 -26.43 35.43
N ALA A 9 -33.66 -27.37 36.20
CA ALA A 9 -32.79 -28.41 36.72
C ALA A 9 -32.15 -29.18 35.56
N THR A 10 -32.92 -29.41 34.49
CA THR A 10 -32.35 -30.07 33.32
C THR A 10 -31.30 -29.18 32.68
N GLU A 11 -31.57 -27.88 32.55
CA GLU A 11 -30.61 -27.00 31.91
C GLU A 11 -29.32 -26.97 32.68
N ARG A 12 -29.38 -27.06 34.01
CA ARG A 12 -28.15 -27.07 34.77
C ARG A 12 -27.34 -28.31 34.44
N ALA A 13 -28.00 -29.46 34.25
CA ALA A 13 -27.27 -30.67 33.88
C ALA A 13 -26.57 -30.49 32.53
N VAL A 14 -27.24 -29.81 31.61
CA VAL A 14 -26.69 -29.60 30.28
C VAL A 14 -25.48 -28.72 30.38
N ILE A 15 -25.60 -27.66 31.17
CA ILE A 15 -24.54 -26.72 31.37
C ILE A 15 -23.36 -27.37 31.99
N GLN A 16 -23.54 -28.21 33.00
CA GLN A 16 -22.37 -28.82 33.56
C GLN A 16 -21.62 -29.62 32.52
N ALA A 17 -22.31 -30.40 31.68
CA ALA A 17 -21.57 -31.16 30.69
C ALA A 17 -20.82 -30.25 29.72
N VAL A 18 -21.46 -29.15 29.30
CA VAL A 18 -20.80 -28.25 28.38
C VAL A 18 -19.62 -27.56 29.01
N ASP A 19 -19.74 -27.14 30.27
CA ASP A 19 -18.61 -26.51 30.93
C ASP A 19 -17.49 -27.53 31.10
N GLN A 20 -17.80 -28.79 31.39
CA GLN A 20 -16.73 -29.76 31.54
C GLN A 20 -15.97 -29.87 30.25
N ILE A 21 -16.69 -29.87 29.13
CA ILE A 21 -16.02 -29.97 27.86
C ILE A 21 -15.20 -28.73 27.64
N CYS A 22 -15.76 -27.56 27.89
CA CYS A 22 -15.00 -26.36 27.64
C CYS A 22 -13.69 -26.34 28.43
N ASP A 23 -13.71 -26.81 29.67
CA ASP A 23 -12.50 -26.86 30.48
C ASP A 23 -11.52 -27.91 30.00
N ASP A 24 -12.00 -29.01 29.40
CA ASP A 24 -11.09 -30.02 28.90
C ASP A 24 -10.35 -29.48 27.68
N PHE A 25 -11.06 -28.66 26.91
CA PHE A 25 -10.53 -28.03 25.71
C PHE A 25 -9.57 -26.88 25.95
N GLU A 26 -9.83 -26.01 26.92
CA GLU A 26 -8.94 -24.88 27.09
C GLU A 26 -7.50 -25.29 27.36
N VAL A 27 -6.59 -24.64 26.66
CA VAL A 27 -5.17 -24.85 26.84
C VAL A 27 -4.65 -23.83 27.82
N THR A 28 -4.05 -24.32 28.88
CA THR A 28 -3.49 -23.48 29.91
C THR A 28 -2.04 -23.24 29.57
N PRO A 29 -1.43 -22.07 29.88
CA PRO A 29 -0.04 -21.77 29.64
C PRO A 29 0.89 -22.86 30.12
N GLU A 30 0.56 -23.57 31.19
CA GLU A 30 1.48 -24.62 31.61
C GLU A 30 1.69 -25.66 30.51
N LYS A 31 0.64 -25.99 29.76
CA LYS A 31 0.76 -26.98 28.72
C LYS A 31 1.33 -26.31 27.51
N LEU A 32 1.04 -25.04 27.34
CA LEU A 32 1.55 -24.35 26.19
C LEU A 32 3.09 -24.37 26.27
N ASP A 33 3.64 -24.27 27.49
CA ASP A 33 5.09 -24.33 27.68
C ASP A 33 5.62 -25.74 27.52
N GLU A 34 4.90 -26.77 28.01
CA GLU A 34 5.41 -28.13 27.83
C GLU A 34 5.49 -28.44 26.35
N LEU A 35 4.49 -27.98 25.61
CA LEU A 35 4.40 -28.23 24.20
C LEU A 35 5.43 -27.46 23.44
N THR A 36 5.73 -26.22 23.80
CA THR A 36 6.73 -25.51 23.05
C THR A 36 8.05 -26.22 23.22
N ALA A 37 8.38 -26.61 24.44
CA ALA A 37 9.63 -27.27 24.69
C ALA A 37 9.70 -28.61 23.99
N TYR A 38 8.60 -29.35 23.96
CA TYR A 38 8.60 -30.65 23.35
C TYR A 38 8.73 -30.50 21.85
N PHE A 39 8.07 -29.50 21.29
CA PHE A 39 8.10 -29.24 19.87
C PHE A 39 9.53 -29.00 19.49
N ILE A 40 10.26 -28.21 20.27
CA ILE A 40 11.64 -27.96 19.91
C ILE A 40 12.44 -29.25 19.99
N GLU A 41 12.24 -30.07 21.03
CA GLU A 41 12.98 -31.33 21.09
C GLU A 41 12.69 -32.20 19.89
N GLN A 42 11.41 -32.30 19.48
CA GLN A 42 11.12 -33.11 18.32
C GLN A 42 11.67 -32.46 17.07
N MET A 43 11.77 -31.12 17.02
CA MET A 43 12.34 -30.54 15.83
C MET A 43 13.79 -30.95 15.66
N GLU A 44 14.54 -31.03 16.75
CA GLU A 44 15.93 -31.44 16.60
C GLU A 44 15.99 -32.88 16.12
N LYS A 45 15.11 -33.73 16.66
CA LYS A 45 15.10 -35.12 16.24
C LYS A 45 14.72 -35.26 14.77
N GLY A 46 13.83 -34.38 14.31
CA GLY A 46 13.32 -34.37 12.95
C GLY A 46 14.39 -34.07 11.89
N LEU A 47 15.55 -33.53 12.32
CA LEU A 47 16.64 -33.22 11.43
C LEU A 47 17.72 -34.28 11.45
N ALA A 48 17.60 -35.22 12.39
CA ALA A 48 18.60 -36.24 12.63
C ALA A 48 18.46 -37.41 11.67
N PRO A 49 19.52 -38.19 11.41
CA PRO A 49 19.44 -39.41 10.68
C PRO A 49 18.45 -40.33 11.42
N PRO A 50 17.74 -41.21 10.71
CA PRO A 50 16.78 -42.18 11.21
C PRO A 50 17.48 -43.32 11.93
N LYS A 51 16.75 -44.03 12.76
CA LYS A 51 17.32 -45.21 13.41
C LYS A 51 16.88 -46.43 12.64
N GLU A 52 17.52 -47.55 12.89
CA GLU A 52 17.15 -48.76 12.19
C GLU A 52 15.68 -49.05 12.44
N GLY A 53 14.97 -49.41 11.38
CA GLY A 53 13.55 -49.72 11.49
C GLY A 53 12.67 -48.53 11.13
N HIS A 54 13.27 -47.35 10.93
CA HIS A 54 12.51 -46.15 10.60
C HIS A 54 12.56 -45.87 9.10
N THR A 55 11.50 -45.29 8.58
CA THR A 55 11.46 -44.83 7.20
C THR A 55 10.62 -43.58 7.18
N LEU A 56 10.24 -43.08 6.00
CA LEU A 56 9.43 -41.86 6.01
C LEU A 56 7.95 -42.15 5.97
N ALA A 57 7.57 -43.24 5.32
CA ALA A 57 6.16 -43.61 5.22
C ALA A 57 5.64 -43.88 6.62
N SER A 58 6.52 -44.42 7.44
CA SER A 58 6.28 -44.72 8.83
C SER A 58 7.47 -44.23 9.63
N ASP A 59 7.24 -43.16 10.36
CA ASP A 59 8.24 -42.48 11.15
C ASP A 59 7.81 -42.17 12.57
N LYS A 60 6.74 -41.40 12.71
CA LYS A 60 6.25 -40.87 13.95
C LYS A 60 7.24 -39.80 14.37
N GLY A 61 6.90 -39.00 15.33
CA GLY A 61 7.76 -37.89 15.68
C GLY A 61 7.46 -36.75 14.72
N LEU A 62 8.34 -35.76 14.64
CA LEU A 62 8.07 -34.56 13.85
C LEU A 62 9.06 -34.42 12.73
N PRO A 63 8.86 -35.05 11.59
CA PRO A 63 9.83 -35.12 10.54
C PRO A 63 9.94 -33.78 9.90
N MET A 64 11.11 -33.51 9.37
CA MET A 64 11.29 -32.32 8.57
C MET A 64 11.78 -32.63 7.18
N ILE A 65 11.36 -31.81 6.24
CA ILE A 65 11.81 -31.98 4.86
C ILE A 65 12.69 -30.81 4.40
N PRO A 66 13.95 -31.05 4.02
CA PRO A 66 14.92 -30.06 3.61
C PRO A 66 14.71 -29.59 2.19
N ALA A 67 13.63 -28.86 1.96
CA ALA A 67 13.33 -28.41 0.61
C ALA A 67 14.50 -27.61 0.07
N PHE A 68 14.87 -27.89 -1.16
CA PHE A 68 16.04 -27.27 -1.76
C PHE A 68 15.80 -25.97 -2.48
N VAL A 69 15.40 -24.98 -1.72
CA VAL A 69 15.13 -23.68 -2.32
C VAL A 69 16.34 -22.78 -2.33
N THR A 70 17.03 -22.71 -1.20
CA THR A 70 18.11 -22.22 -0.36
C THR A 70 18.23 -20.70 -0.44
N GLY A 71 17.19 -19.99 -0.04
CA GLY A 71 17.20 -18.53 -0.09
C GLY A 71 15.80 -17.98 -0.17
N SER A 72 15.68 -16.67 -0.35
CA SER A 72 14.38 -16.02 -0.40
C SER A 72 14.44 -14.85 -1.39
N PRO A 73 13.32 -14.47 -2.03
CA PRO A 73 13.17 -13.38 -2.98
C PRO A 73 13.21 -12.05 -2.32
N ASN A 74 13.43 -11.00 -3.11
CA ASN A 74 13.32 -9.65 -2.58
C ASN A 74 12.31 -8.80 -3.32
N GLY A 75 11.50 -9.40 -4.20
CA GLY A 75 10.47 -8.62 -4.86
C GLY A 75 10.86 -8.13 -6.23
N THR A 76 12.12 -8.31 -6.62
CA THR A 76 12.56 -7.86 -7.94
C THR A 76 12.39 -8.94 -9.00
N GLU A 77 12.04 -10.14 -8.59
CA GLU A 77 11.89 -11.22 -9.54
C GLU A 77 10.76 -10.88 -10.50
N ARG A 78 10.99 -11.15 -11.79
CA ARG A 78 10.02 -10.84 -12.84
C ARG A 78 9.86 -11.99 -13.83
N GLY A 79 8.67 -12.10 -14.42
CA GLY A 79 8.40 -13.10 -15.47
C GLY A 79 7.03 -13.74 -15.31
N VAL A 80 6.54 -14.43 -16.35
CA VAL A 80 5.22 -15.03 -16.23
C VAL A 80 5.32 -16.54 -16.18
N LEU A 81 4.86 -17.09 -15.08
CA LEU A 81 4.93 -18.53 -14.87
C LEU A 81 3.58 -19.12 -14.46
N LEU A 82 3.38 -20.39 -14.77
CA LEU A 82 2.16 -21.07 -14.36
C LEU A 82 2.37 -21.71 -13.03
N ALA A 83 1.30 -21.93 -12.30
CA ALA A 83 1.38 -22.62 -11.04
C ALA A 83 0.18 -23.51 -10.83
N ALA A 84 0.42 -24.70 -10.32
CA ALA A 84 -0.66 -25.61 -9.98
C ALA A 84 -0.62 -25.80 -8.48
N ASP A 85 -1.77 -25.89 -7.84
CA ASP A 85 -1.86 -26.10 -6.40
C ASP A 85 -2.89 -27.13 -5.96
N LEU A 86 -2.43 -28.31 -5.58
CA LEU A 86 -3.34 -29.39 -5.20
C LEU A 86 -3.35 -29.77 -3.75
N GLY A 87 -4.55 -30.05 -3.24
CA GLY A 87 -4.60 -30.73 -1.97
C GLY A 87 -5.51 -30.27 -0.86
N GLY A 88 -6.37 -29.31 -1.09
CA GLY A 88 -7.25 -28.88 -0.03
C GLY A 88 -8.55 -29.51 -0.34
N THR A 89 -9.59 -28.72 -0.36
CA THR A 89 -10.87 -29.24 -0.78
C THR A 89 -10.88 -29.12 -2.27
N ASN A 90 -9.95 -28.32 -2.76
CA ASN A 90 -9.82 -27.96 -4.13
C ASN A 90 -8.40 -27.99 -4.71
N PHE A 91 -8.39 -27.60 -5.97
CA PHE A 91 -7.24 -27.47 -6.82
C PHE A 91 -7.26 -26.15 -7.59
N ARG A 92 -6.14 -25.46 -7.66
CA ARG A 92 -6.05 -24.19 -8.37
C ARG A 92 -4.97 -24.13 -9.42
N ILE A 93 -5.24 -23.45 -10.53
CA ILE A 93 -4.22 -23.17 -11.50
C ILE A 93 -4.14 -21.69 -11.72
N CYS A 94 -2.95 -21.17 -11.61
CA CYS A 94 -2.69 -19.78 -11.77
C CYS A 94 -1.72 -19.47 -12.87
N SER A 95 -1.81 -18.26 -13.35
CA SER A 95 -0.80 -17.72 -14.24
C SER A 95 -0.39 -16.44 -13.59
N VAL A 96 0.83 -16.43 -13.08
CA VAL A 96 1.29 -15.33 -12.29
C VAL A 96 2.31 -14.52 -12.99
N ASN A 97 1.99 -13.26 -13.15
CA ASN A 97 2.88 -12.32 -13.79
C ASN A 97 3.62 -11.58 -12.70
N LEU A 98 4.87 -11.95 -12.47
CA LEU A 98 5.67 -11.34 -11.43
C LEU A 98 6.17 -10.05 -12.05
N HIS A 99 6.01 -8.92 -11.36
CA HIS A 99 6.40 -7.67 -11.98
C HIS A 99 7.72 -7.04 -11.54
N GLY A 100 8.30 -7.52 -10.48
CA GLY A 100 9.56 -6.98 -9.99
C GLY A 100 9.46 -5.77 -9.03
N ASP A 101 8.29 -5.50 -8.45
CA ASP A 101 8.06 -4.40 -7.54
C ASP A 101 7.31 -4.86 -6.31
N HIS A 102 7.51 -6.12 -5.91
CA HIS A 102 6.77 -6.73 -4.81
C HIS A 102 5.29 -7.01 -5.13
N THR A 103 4.87 -6.95 -6.40
CA THR A 103 3.50 -7.29 -6.74
C THR A 103 3.50 -8.22 -7.93
N PHE A 104 2.34 -8.76 -8.20
CA PHE A 104 2.13 -9.65 -9.30
C PHE A 104 0.69 -9.55 -9.75
N SER A 105 0.43 -9.95 -10.97
CA SER A 105 -0.94 -10.02 -11.46
C SER A 105 -1.29 -11.47 -11.66
N MET A 106 -2.29 -11.95 -10.93
CA MET A 106 -2.63 -13.36 -11.01
C MET A 106 -3.96 -13.67 -11.68
N GLU A 107 -3.90 -14.57 -12.65
CA GLU A 107 -5.09 -15.09 -13.29
C GLU A 107 -5.36 -16.41 -12.61
N GLN A 108 -6.61 -16.78 -12.44
CA GLN A 108 -6.88 -18.05 -11.78
C GLN A 108 -8.09 -18.81 -12.25
N MET A 109 -7.96 -20.13 -12.27
CA MET A 109 -9.11 -21.01 -12.45
C MET A 109 -9.06 -21.98 -11.29
N LYS A 110 -10.20 -22.29 -10.69
CA LYS A 110 -10.16 -23.24 -9.60
C LYS A 110 -11.32 -24.18 -9.66
N SER A 111 -11.14 -25.36 -9.11
CA SER A 111 -12.21 -26.33 -9.02
C SER A 111 -12.09 -27.21 -7.80
N LYS A 112 -13.20 -27.76 -7.37
CA LYS A 112 -13.25 -28.69 -6.25
C LYS A 112 -12.65 -30.02 -6.66
N ILE A 113 -11.98 -30.70 -5.73
CA ILE A 113 -11.51 -32.04 -6.04
C ILE A 113 -12.77 -32.89 -6.02
N PRO A 114 -13.12 -33.60 -7.09
CA PRO A 114 -14.32 -34.39 -7.19
C PRO A 114 -14.20 -35.50 -6.19
N ASP A 115 -15.33 -35.93 -5.64
CA ASP A 115 -15.38 -36.95 -4.61
C ASP A 115 -14.99 -38.31 -5.12
N ASP A 116 -14.96 -38.45 -6.44
CA ASP A 116 -14.54 -39.67 -7.09
C ASP A 116 -13.12 -40.00 -6.69
N LEU A 117 -12.33 -38.97 -6.32
CA LEU A 117 -10.95 -39.15 -5.95
C LEU A 117 -10.71 -39.25 -4.45
N LEU A 118 -11.73 -39.02 -3.62
CA LEU A 118 -11.54 -38.97 -2.17
C LEU A 118 -12.18 -40.09 -1.35
N ASP A 119 -13.30 -40.61 -1.78
CA ASP A 119 -14.02 -41.59 -0.95
C ASP A 119 -13.73 -43.06 -1.23
N ASP A 120 -12.75 -43.36 -2.07
CA ASP A 120 -12.50 -44.75 -2.46
C ASP A 120 -11.02 -45.13 -2.57
N GLU A 121 -10.64 -46.17 -1.87
CA GLU A 121 -9.29 -46.72 -1.83
C GLU A 121 -8.87 -47.28 -3.18
N ASN A 122 -9.83 -47.52 -4.05
CA ASN A 122 -9.59 -48.10 -5.36
C ASN A 122 -9.37 -47.05 -6.43
N VAL A 123 -9.23 -45.79 -6.02
CA VAL A 123 -8.90 -44.70 -6.92
C VAL A 123 -7.44 -44.83 -7.25
N THR A 124 -7.07 -44.66 -8.51
CA THR A 124 -5.67 -44.79 -8.88
C THR A 124 -4.96 -43.48 -9.19
N SER A 125 -3.64 -43.56 -9.38
CA SER A 125 -2.82 -42.41 -9.72
C SER A 125 -3.25 -41.77 -11.00
N ASP A 126 -3.81 -42.55 -11.91
CA ASP A 126 -4.27 -42.02 -13.17
C ASP A 126 -5.54 -41.23 -13.04
N ASP A 127 -6.30 -41.41 -11.97
CA ASP A 127 -7.51 -40.66 -11.87
C ASP A 127 -7.16 -39.31 -11.29
N LEU A 128 -6.24 -39.30 -10.33
CA LEU A 128 -5.88 -38.02 -9.74
C LEU A 128 -5.08 -37.17 -10.68
N PHE A 129 -4.07 -37.76 -11.29
CA PHE A 129 -3.26 -36.97 -12.14
C PHE A 129 -3.98 -36.69 -13.45
N GLY A 130 -4.89 -37.58 -13.89
CA GLY A 130 -5.64 -37.33 -15.10
C GLY A 130 -6.51 -36.09 -14.87
N PHE A 131 -7.08 -35.98 -13.67
CA PHE A 131 -7.86 -34.83 -13.26
C PHE A 131 -7.07 -33.56 -13.35
N LEU A 132 -5.87 -33.57 -12.79
CA LEU A 132 -5.09 -32.35 -12.80
C LEU A 132 -4.76 -31.95 -14.23
N ALA A 133 -4.43 -32.91 -15.09
CA ALA A 133 -4.11 -32.57 -16.46
C ALA A 133 -5.33 -32.00 -17.19
N ARG A 134 -6.53 -32.54 -16.94
CA ARG A 134 -7.71 -32.01 -17.61
C ARG A 134 -8.02 -30.60 -17.17
N ARG A 135 -7.82 -30.31 -15.89
CA ARG A 135 -8.07 -28.96 -15.44
C ARG A 135 -7.03 -28.02 -16.02
N THR A 136 -5.81 -28.52 -16.26
CA THR A 136 -4.77 -27.73 -16.85
C THR A 136 -5.17 -27.36 -18.27
N LEU A 137 -5.79 -28.30 -19.03
CA LEU A 137 -6.23 -27.92 -20.36
C LEU A 137 -7.26 -26.82 -20.28
N ALA A 138 -8.18 -26.93 -19.31
CA ALA A 138 -9.21 -25.92 -19.20
C ALA A 138 -8.60 -24.57 -18.90
N PHE A 139 -7.57 -24.53 -18.06
CA PHE A 139 -6.92 -23.28 -17.73
C PHE A 139 -6.32 -22.67 -18.97
N MET A 140 -5.57 -23.47 -19.72
CA MET A 140 -4.90 -22.93 -20.88
C MET A 140 -5.90 -22.39 -21.90
N LYS A 141 -7.03 -23.05 -22.06
CA LYS A 141 -8.05 -22.59 -23.00
C LYS A 141 -8.63 -21.23 -22.64
N LYS A 142 -8.57 -20.83 -21.38
CA LYS A 142 -9.13 -19.57 -20.97
C LYS A 142 -8.12 -18.45 -20.93
N TYR A 143 -6.89 -18.74 -20.47
CA TYR A 143 -5.92 -17.67 -20.33
C TYR A 143 -4.81 -17.64 -21.38
N HIS A 144 -4.45 -18.80 -21.93
CA HIS A 144 -3.38 -18.87 -22.92
C HIS A 144 -3.79 -19.83 -24.04
N PRO A 145 -4.96 -19.62 -24.70
CA PRO A 145 -5.51 -20.50 -25.71
C PRO A 145 -4.61 -20.61 -26.92
N ASP A 146 -3.78 -19.60 -27.11
CA ASP A 146 -2.89 -19.56 -28.24
C ASP A 146 -1.74 -20.50 -28.04
N GLU A 147 -1.30 -20.68 -26.81
CA GLU A 147 -0.15 -21.51 -26.59
C GLU A 147 -0.63 -22.92 -26.77
N LEU A 148 -1.85 -23.18 -26.34
CA LEU A 148 -2.39 -24.51 -26.45
C LEU A 148 -2.64 -24.84 -27.91
N ALA A 149 -3.18 -23.88 -28.67
CA ALA A 149 -3.43 -24.06 -30.09
C ALA A 149 -2.14 -24.27 -30.87
N LYS A 150 -1.07 -23.57 -30.47
CA LYS A 150 0.21 -23.66 -31.15
C LYS A 150 1.10 -24.81 -30.66
N GLY A 151 0.83 -25.36 -29.48
CA GLY A 151 1.63 -26.47 -28.99
C GLY A 151 1.33 -27.62 -29.94
N LYS A 152 2.26 -28.55 -30.18
CA LYS A 152 3.58 -28.73 -29.58
C LYS A 152 4.64 -27.72 -29.94
N ASP A 153 4.43 -26.90 -30.97
CA ASP A 153 5.51 -26.02 -31.40
C ASP A 153 5.74 -24.86 -30.46
N ALA A 154 4.66 -24.31 -29.91
CA ALA A 154 4.82 -23.24 -28.94
C ALA A 154 5.45 -23.84 -27.69
N LYS A 155 6.43 -23.17 -27.11
CA LYS A 155 7.08 -23.69 -25.92
C LYS A 155 8.08 -22.71 -25.34
N PRO A 156 8.53 -22.96 -24.11
CA PRO A 156 8.01 -23.81 -23.05
C PRO A 156 7.02 -23.02 -22.22
N MET A 157 6.15 -23.70 -21.52
CA MET A 157 5.49 -23.05 -20.41
C MET A 157 6.20 -23.56 -19.17
N LYS A 158 6.52 -22.69 -18.23
CA LYS A 158 7.14 -23.16 -17.00
C LYS A 158 6.14 -23.21 -15.89
N LEU A 159 5.90 -24.40 -15.34
CA LEU A 159 4.94 -24.53 -14.26
C LEU A 159 5.54 -24.96 -12.93
N GLY A 160 5.12 -24.28 -11.87
CA GLY A 160 5.50 -24.70 -10.53
C GLY A 160 4.35 -25.54 -10.03
N PHE A 161 4.63 -26.56 -9.25
CA PHE A 161 3.59 -27.41 -8.74
C PHE A 161 3.62 -27.53 -7.24
N THR A 162 2.63 -26.96 -6.59
CA THR A 162 2.50 -27.04 -5.17
C THR A 162 1.67 -28.26 -4.92
N PHE A 163 2.19 -29.13 -4.09
CA PHE A 163 1.52 -30.36 -3.77
C PHE A 163 1.53 -30.50 -2.28
N SER A 164 0.38 -30.33 -1.65
CA SER A 164 0.36 -30.24 -0.19
C SER A 164 0.39 -31.56 0.55
N TYR A 165 1.43 -32.34 0.34
CA TYR A 165 1.59 -33.63 0.99
C TYR A 165 3.04 -33.73 1.36
N PRO A 166 3.45 -34.50 2.36
CA PRO A 166 4.85 -34.61 2.64
C PRO A 166 5.50 -35.22 1.42
N VAL A 167 6.57 -34.60 0.96
CA VAL A 167 7.31 -35.09 -0.18
C VAL A 167 8.77 -35.27 0.11
N ASP A 168 9.28 -36.42 -0.23
CA ASP A 168 10.66 -36.72 -0.02
C ASP A 168 11.42 -36.10 -1.16
N GLN A 169 11.67 -34.80 -1.02
CA GLN A 169 12.26 -33.99 -2.06
C GLN A 169 13.73 -34.27 -2.14
N THR A 170 14.27 -34.44 -3.34
CA THR A 170 15.70 -34.64 -3.48
C THR A 170 16.33 -33.45 -4.19
N SER A 171 15.49 -32.76 -4.93
CA SER A 171 15.85 -31.58 -5.70
C SER A 171 14.66 -30.70 -5.80
N LEU A 172 14.82 -29.42 -6.02
CA LEU A 172 13.63 -28.60 -6.14
C LEU A 172 12.76 -29.13 -7.29
N ASN A 173 13.37 -29.72 -8.31
CA ASN A 173 12.60 -30.28 -9.42
C ASN A 173 11.71 -31.48 -9.06
N SER A 174 12.09 -32.32 -8.09
CA SER A 174 11.26 -33.51 -7.85
C SER A 174 11.46 -34.20 -6.51
N GLY A 175 10.54 -35.13 -6.23
CA GLY A 175 10.57 -35.97 -5.04
C GLY A 175 9.39 -36.90 -5.04
N THR A 176 9.32 -37.76 -4.04
CA THR A 176 8.24 -38.72 -4.02
C THR A 176 7.27 -38.51 -2.90
N LEU A 177 6.08 -39.05 -3.07
CA LEU A 177 5.10 -38.93 -2.01
C LEU A 177 5.45 -39.83 -0.85
N ILE A 178 5.40 -39.30 0.36
CA ILE A 178 5.70 -40.10 1.52
C ILE A 178 4.50 -40.89 2.00
N ARG A 179 3.37 -40.22 2.05
CA ARG A 179 2.12 -40.82 2.48
C ARG A 179 1.01 -39.95 1.98
N TRP A 180 -0.18 -40.47 1.87
CA TRP A 180 -1.28 -39.56 1.66
C TRP A 180 -1.82 -39.18 2.99
N THR A 181 -2.24 -37.95 3.06
CA THR A 181 -2.91 -37.44 4.21
C THR A 181 -4.07 -36.58 3.82
N LYS A 182 -4.76 -36.09 4.82
CA LYS A 182 -5.85 -35.16 4.63
C LYS A 182 -6.96 -35.54 3.67
N GLY A 183 -7.45 -36.75 3.70
CA GLY A 183 -8.54 -37.10 2.81
C GLY A 183 -8.20 -37.93 1.59
N PHE A 184 -6.95 -38.02 1.17
CA PHE A 184 -6.67 -38.90 0.04
C PHE A 184 -6.27 -40.29 0.49
N ARG A 185 -6.72 -41.30 -0.24
CA ARG A 185 -6.40 -42.68 0.04
C ARG A 185 -5.75 -43.37 -1.16
N ILE A 186 -5.19 -42.61 -2.08
CA ILE A 186 -4.71 -43.23 -3.31
C ILE A 186 -3.35 -43.87 -3.11
N ALA A 187 -3.40 -45.10 -2.65
CA ALA A 187 -2.24 -45.84 -2.25
C ALA A 187 -1.20 -46.07 -3.33
N ASP A 188 -1.59 -46.17 -4.59
CA ASP A 188 -0.55 -46.52 -5.56
C ASP A 188 0.35 -45.36 -6.00
N THR A 189 0.19 -44.18 -5.39
CA THR A 189 1.10 -43.08 -5.69
C THR A 189 2.07 -42.90 -4.56
N VAL A 190 1.97 -43.70 -3.51
CA VAL A 190 2.87 -43.50 -2.41
C VAL A 190 4.20 -44.11 -2.82
N GLY A 191 5.27 -43.34 -2.72
CA GLY A 191 6.57 -43.81 -3.14
C GLY A 191 6.88 -43.41 -4.58
N LYS A 192 5.91 -42.87 -5.31
CA LYS A 192 6.17 -42.49 -6.68
C LYS A 192 6.51 -41.03 -6.81
N ASP A 193 7.18 -40.71 -7.90
CA ASP A 193 7.55 -39.35 -8.19
C ASP A 193 6.34 -38.54 -8.61
N VAL A 194 6.07 -37.52 -7.80
CA VAL A 194 4.90 -36.68 -7.96
C VAL A 194 4.93 -35.90 -9.25
N VAL A 195 6.09 -35.40 -9.63
CA VAL A 195 6.15 -34.65 -10.85
C VAL A 195 6.04 -35.59 -11.97
N GLN A 196 6.71 -36.72 -11.90
CA GLN A 196 6.61 -37.61 -13.04
C GLN A 196 5.15 -37.95 -13.33
N LEU A 197 4.33 -38.23 -12.32
CA LEU A 197 2.96 -38.58 -12.63
C LEU A 197 2.21 -37.43 -13.28
N TYR A 198 2.42 -36.21 -12.80
CA TYR A 198 1.71 -35.08 -13.37
C TYR A 198 2.20 -34.76 -14.76
N GLN A 199 3.50 -34.79 -14.97
CA GLN A 199 4.08 -34.45 -16.24
C GLN A 199 3.62 -35.41 -17.32
N GLU A 200 3.54 -36.70 -17.00
CA GLU A 200 3.09 -37.66 -17.99
C GLU A 200 1.65 -37.42 -18.36
N GLN A 201 0.81 -37.08 -17.38
CA GLN A 201 -0.57 -36.83 -17.74
C GLN A 201 -0.71 -35.57 -18.55
N LEU A 202 0.12 -34.56 -18.32
CA LEU A 202 -0.01 -33.37 -19.14
C LEU A 202 0.27 -33.71 -20.60
N SER A 203 1.27 -34.56 -20.85
CA SER A 203 1.53 -34.95 -22.24
C SER A 203 0.39 -35.79 -22.79
N ALA A 204 -0.16 -36.68 -21.96
CA ALA A 204 -1.26 -37.57 -22.37
C ALA A 204 -2.48 -36.79 -22.84
N GLN A 205 -2.70 -35.63 -22.24
CA GLN A 205 -3.83 -34.78 -22.55
C GLN A 205 -3.58 -33.80 -23.69
N GLY A 206 -2.38 -33.82 -24.28
CA GLY A 206 -2.12 -32.90 -25.36
C GLY A 206 -1.29 -31.67 -25.02
N MET A 207 -0.62 -31.63 -23.87
CA MET A 207 0.19 -30.47 -23.53
C MET A 207 1.66 -30.80 -23.25
N PRO A 208 2.42 -31.31 -24.23
CA PRO A 208 3.84 -31.64 -24.10
C PRO A 208 4.68 -30.37 -23.94
N MET A 209 4.03 -29.25 -24.25
CA MET A 209 4.56 -27.90 -24.18
C MET A 209 4.73 -27.38 -22.74
N ILE A 210 4.05 -28.00 -21.77
CA ILE A 210 4.15 -27.52 -20.39
C ILE A 210 5.09 -28.40 -19.63
N LYS A 211 6.11 -27.80 -19.06
CA LYS A 211 7.09 -28.54 -18.28
C LYS A 211 6.95 -28.17 -16.85
N VAL A 212 6.91 -29.17 -15.99
CA VAL A 212 6.84 -28.88 -14.60
C VAL A 212 8.28 -28.65 -14.20
N VAL A 213 8.54 -27.49 -13.69
CA VAL A 213 9.87 -27.05 -13.35
C VAL A 213 10.20 -27.29 -11.91
N ALA A 214 9.24 -27.05 -11.03
CA ALA A 214 9.56 -27.21 -9.62
C ALA A 214 8.43 -27.81 -8.84
N LEU A 215 8.76 -28.66 -7.88
CA LEU A 215 7.79 -29.27 -6.99
C LEU A 215 7.96 -28.67 -5.62
N THR A 216 6.92 -28.10 -5.09
CA THR A 216 7.07 -27.46 -3.80
C THR A 216 5.96 -27.79 -2.85
N ASN A 217 6.08 -27.32 -1.63
CA ASN A 217 5.01 -27.53 -0.67
C ASN A 217 4.21 -26.25 -0.61
N ASP A 218 3.16 -26.23 0.18
CA ASP A 218 2.32 -25.06 0.27
C ASP A 218 2.99 -24.15 1.26
N THR A 219 3.66 -24.75 2.23
CA THR A 219 4.31 -23.96 3.25
C THR A 219 5.44 -23.16 2.67
N VAL A 220 6.16 -23.76 1.74
CA VAL A 220 7.29 -23.14 1.11
C VAL A 220 6.81 -22.08 0.19
N GLY A 221 5.79 -22.40 -0.62
CA GLY A 221 5.32 -21.41 -1.53
C GLY A 221 4.84 -20.19 -0.77
N THR A 222 4.17 -20.39 0.36
CA THR A 222 3.67 -19.29 1.16
C THR A 222 4.79 -18.43 1.67
N TYR A 223 5.85 -19.04 2.19
CA TYR A 223 6.96 -18.25 2.70
C TYR A 223 7.55 -17.40 1.61
N LEU A 224 7.79 -18.00 0.44
CA LEU A 224 8.42 -17.26 -0.62
C LEU A 224 7.53 -16.16 -1.16
N SER A 225 6.24 -16.41 -1.22
CA SER A 225 5.30 -15.40 -1.69
C SER A 225 5.29 -14.24 -0.76
N HIS A 226 5.28 -14.53 0.54
CA HIS A 226 5.29 -13.52 1.55
C HIS A 226 6.54 -12.68 1.43
N CYS A 227 7.69 -13.33 1.22
CA CYS A 227 8.95 -12.63 1.09
C CYS A 227 8.96 -11.71 -0.11
N TYR A 228 8.39 -12.18 -1.22
CA TYR A 228 8.33 -11.43 -2.46
C TYR A 228 7.58 -10.13 -2.28
N THR A 229 6.41 -10.21 -1.66
CA THR A 229 5.55 -9.07 -1.43
C THR A 229 6.08 -8.24 -0.27
N SER A 230 5.49 -7.07 -0.03
CA SER A 230 5.40 -5.84 0.73
C SER A 230 6.59 -4.97 0.39
N ASP A 231 7.48 -4.79 1.35
CA ASP A 231 8.68 -4.04 1.12
C ASP A 231 9.89 -4.75 1.73
N ASN A 232 10.08 -4.64 3.05
CA ASN A 232 11.25 -5.15 3.78
C ASN A 232 12.54 -4.47 3.31
N THR A 233 12.38 -3.33 2.65
CA THR A 233 13.40 -2.48 2.08
C THR A 233 13.14 -1.04 2.48
N ASP A 234 12.71 -0.81 3.71
CA ASP A 234 12.43 0.56 4.09
C ASP A 234 13.76 1.23 4.36
N SER A 235 13.70 2.50 4.70
CA SER A 235 14.89 3.24 5.05
C SER A 235 15.43 2.76 6.37
N MET A 236 16.73 2.82 6.54
CA MET A 236 17.34 2.39 7.79
C MET A 236 17.16 3.47 8.85
N THR A 237 16.60 4.61 8.43
CA THR A 237 16.32 5.74 9.29
C THR A 237 14.84 5.73 9.72
N SER A 238 14.04 4.72 9.26
CA SER A 238 12.63 4.67 9.66
C SER A 238 12.58 4.09 11.06
N GLY A 239 13.72 3.55 11.46
CA GLY A 239 14.03 2.98 12.74
C GLY A 239 14.04 1.46 12.86
N GLU A 240 13.31 0.75 12.01
CA GLU A 240 13.35 -0.70 12.13
C GLU A 240 12.86 -1.41 10.86
N ILE A 241 13.65 -2.35 10.34
CA ILE A 241 13.24 -3.08 9.14
C ILE A 241 13.02 -4.56 9.44
N SER A 242 11.83 -5.05 9.11
CA SER A 242 11.43 -6.43 9.35
C SER A 242 12.02 -7.44 8.39
N GLU A 243 11.97 -8.72 8.79
CA GLU A 243 12.37 -9.86 7.98
C GLU A 243 11.40 -11.04 8.14
N PRO A 244 10.96 -11.72 7.05
CA PRO A 244 10.20 -12.97 7.07
C PRO A 244 10.97 -14.11 7.71
N VAL A 245 10.33 -14.84 8.62
CA VAL A 245 11.01 -15.98 9.24
C VAL A 245 10.24 -17.27 8.99
N ILE A 246 8.92 -17.23 9.22
CA ILE A 246 8.06 -18.42 9.19
C ILE A 246 6.90 -18.29 8.22
N GLY A 247 6.65 -19.31 7.41
CA GLY A 247 5.45 -19.36 6.56
C GLY A 247 4.46 -20.29 7.28
N CYS A 248 3.11 -20.11 7.11
CA CYS A 248 2.11 -20.99 7.74
C CYS A 248 1.05 -21.37 6.71
N ILE A 249 0.39 -22.50 6.93
CA ILE A 249 -0.83 -22.91 6.29
C ILE A 249 -1.84 -23.23 7.37
N PHE A 250 -2.98 -22.58 7.37
CA PHE A 250 -4.05 -22.95 8.27
C PHE A 250 -5.30 -23.05 7.44
N GLY A 251 -5.46 -24.19 6.78
CA GLY A 251 -6.52 -24.46 5.81
C GLY A 251 -7.17 -25.76 6.19
N THR A 252 -7.29 -26.68 5.22
CA THR A 252 -7.92 -27.93 5.58
C THR A 252 -6.98 -28.62 6.54
N GLY A 253 -5.67 -28.44 6.35
CA GLY A 253 -4.66 -28.99 7.27
C GLY A 253 -3.81 -27.88 7.87
N THR A 254 -2.77 -28.23 8.62
CA THR A 254 -1.93 -27.18 9.17
C THR A 254 -0.47 -27.52 9.09
N ASN A 255 0.30 -26.52 8.67
CA ASN A 255 1.74 -26.65 8.49
C ASN A 255 2.44 -25.31 8.45
N GLY A 256 3.75 -25.34 8.31
CA GLY A 256 4.54 -24.17 8.10
C GLY A 256 5.97 -24.55 7.83
N CYS A 257 6.77 -23.56 7.55
CA CYS A 257 8.17 -23.82 7.25
C CYS A 257 8.98 -22.67 7.69
N TYR A 258 10.26 -22.85 7.81
CA TYR A 258 11.06 -21.73 8.23
C TYR A 258 12.43 -21.77 7.68
N MET A 259 13.11 -20.64 7.70
CA MET A 259 14.48 -20.65 7.21
C MET A 259 15.41 -21.19 8.32
N GLU A 260 16.26 -22.17 7.98
CA GLU A 260 17.15 -22.82 8.95
C GLU A 260 18.58 -22.91 8.45
N GLU A 261 19.54 -22.95 9.38
CA GLU A 261 20.94 -23.03 8.97
C GLU A 261 21.28 -24.42 8.45
N ILE A 262 21.91 -24.46 7.29
CA ILE A 262 22.26 -25.69 6.60
C ILE A 262 23.19 -26.59 7.39
N ASN A 263 24.02 -26.00 8.23
CA ASN A 263 25.01 -26.72 8.98
C ASN A 263 24.41 -27.51 10.12
N LYS A 264 23.13 -27.27 10.41
CA LYS A 264 22.46 -27.97 11.47
C LYS A 264 21.66 -29.15 10.97
N ILE A 265 21.53 -29.32 9.65
CA ILE A 265 20.67 -30.40 9.21
C ILE A 265 21.54 -31.61 9.12
N THR A 266 21.63 -32.34 10.21
CA THR A 266 22.61 -33.41 10.27
C THR A 266 22.28 -34.60 9.40
N LYS A 267 21.02 -34.81 9.06
CA LYS A 267 20.67 -35.92 8.18
C LYS A 267 20.97 -35.66 6.70
N LEU A 268 21.20 -34.41 6.32
CA LEU A 268 21.44 -34.14 4.92
C LEU A 268 22.84 -34.70 4.68
N PRO A 269 23.20 -35.29 3.55
CA PRO A 269 24.55 -35.77 3.32
C PRO A 269 25.55 -34.65 3.53
N GLN A 270 26.69 -34.95 4.15
CA GLN A 270 27.70 -33.92 4.40
C GLN A 270 28.25 -33.39 3.10
N GLU A 271 28.35 -34.23 2.10
CA GLU A 271 28.87 -33.79 0.82
C GLU A 271 27.98 -32.71 0.21
N LEU A 272 26.68 -32.82 0.43
CA LEU A 272 25.75 -31.84 -0.09
C LEU A 272 25.84 -30.59 0.76
N ARG A 273 25.98 -30.75 2.07
CA ARG A 273 26.13 -29.58 2.92
C ARG A 273 27.37 -28.81 2.50
N ASP A 274 28.44 -29.52 2.13
CA ASP A 274 29.67 -28.84 1.72
C ASP A 274 29.51 -28.19 0.37
N LYS A 275 28.84 -28.87 -0.57
CA LYS A 275 28.68 -28.28 -1.89
C LYS A 275 27.95 -26.96 -1.79
N LEU A 276 26.89 -26.93 -0.99
CA LEU A 276 26.09 -25.74 -0.83
C LEU A 276 26.73 -24.65 0.02
N ILE A 277 27.42 -25.01 1.11
CA ILE A 277 27.96 -23.95 1.94
C ILE A 277 29.04 -23.19 1.17
N LYS A 278 29.75 -23.89 0.28
CA LYS A 278 30.80 -23.28 -0.53
C LYS A 278 30.30 -22.21 -1.49
N GLU A 279 29.01 -22.20 -1.80
CA GLU A 279 28.44 -21.20 -2.69
C GLU A 279 27.73 -20.12 -1.89
N GLY A 280 27.82 -20.16 -0.56
CA GLY A 280 27.15 -19.21 0.31
C GLY A 280 25.73 -19.62 0.67
N LYS A 281 25.36 -20.87 0.39
CA LYS A 281 24.02 -21.32 0.66
C LYS A 281 23.95 -21.83 2.07
N THR A 282 23.90 -20.86 2.97
CA THR A 282 23.95 -21.05 4.40
C THR A 282 22.64 -21.47 5.02
N HIS A 283 21.55 -21.31 4.29
CA HIS A 283 20.24 -21.65 4.82
C HIS A 283 19.35 -22.38 3.82
N MET A 284 18.40 -23.14 4.37
CA MET A 284 17.39 -23.89 3.62
C MET A 284 16.01 -23.63 4.18
N ILE A 285 14.97 -23.81 3.38
CA ILE A 285 13.63 -23.67 3.90
C ILE A 285 13.19 -25.05 4.28
N ILE A 286 12.87 -25.22 5.54
CA ILE A 286 12.54 -26.53 6.03
C ILE A 286 11.08 -26.65 6.34
N ASN A 287 10.46 -27.69 5.80
CA ASN A 287 9.07 -27.94 6.04
C ASN A 287 8.98 -28.70 7.31
N VAL A 288 8.31 -28.14 8.26
CA VAL A 288 8.22 -28.81 9.52
C VAL A 288 6.90 -29.40 9.51
N GLU A 289 6.76 -30.70 9.61
CA GLU A 289 5.42 -31.20 9.48
C GLU A 289 4.66 -31.02 10.77
N TRP A 290 4.18 -29.80 11.02
CA TRP A 290 3.53 -29.45 12.28
C TRP A 290 2.45 -30.41 12.55
N GLY A 291 1.77 -30.85 11.52
CA GLY A 291 0.66 -31.73 11.69
C GLY A 291 1.02 -32.98 12.48
N SER A 292 2.26 -33.45 12.35
CA SER A 292 2.75 -34.65 12.99
C SER A 292 3.28 -34.45 14.38
N PHE A 293 3.32 -33.21 14.83
CA PHE A 293 3.86 -32.96 16.14
C PHE A 293 3.16 -33.76 17.17
N ASP A 294 3.95 -34.42 17.99
CA ASP A 294 3.45 -35.25 19.04
C ASP A 294 2.46 -36.32 18.58
N ASN A 295 2.76 -37.04 17.49
CA ASN A 295 1.90 -38.13 17.03
C ASN A 295 1.77 -39.23 18.07
N GLU A 296 2.80 -39.41 18.89
CA GLU A 296 2.80 -40.42 19.93
C GLU A 296 1.97 -40.00 21.16
N LEU A 297 1.53 -38.74 21.19
CA LEU A 297 0.73 -38.10 22.23
C LEU A 297 1.28 -38.07 23.66
N LYS A 298 2.47 -37.52 23.84
CA LYS A 298 2.99 -37.40 25.19
C LYS A 298 2.57 -36.09 25.86
N HIS A 299 2.27 -35.04 25.07
CA HIS A 299 1.93 -33.74 25.63
C HIS A 299 0.62 -33.08 25.15
N LEU A 300 0.14 -33.35 23.94
CA LEU A 300 -1.07 -32.65 23.49
C LEU A 300 -2.27 -32.94 24.40
N PRO A 301 -3.15 -31.94 24.63
CA PRO A 301 -4.32 -32.00 25.49
C PRO A 301 -5.43 -32.77 24.86
N THR A 302 -5.22 -34.06 24.77
CA THR A 302 -6.13 -34.99 24.12
C THR A 302 -7.36 -35.30 24.93
N THR A 303 -8.51 -35.26 24.28
CA THR A 303 -9.75 -35.70 24.93
C THR A 303 -10.37 -36.84 24.14
N LYS A 304 -11.47 -37.39 24.63
CA LYS A 304 -12.04 -38.56 23.98
C LYS A 304 -12.53 -38.28 22.57
N TYR A 305 -12.87 -37.04 22.28
CA TYR A 305 -13.38 -36.67 20.98
C TYR A 305 -12.26 -36.69 19.95
N ASP A 306 -11.02 -36.51 20.40
CA ASP A 306 -9.92 -36.44 19.47
C ASP A 306 -9.49 -37.86 19.20
N VAL A 307 -9.69 -38.72 20.20
CA VAL A 307 -9.37 -40.13 20.05
C VAL A 307 -10.28 -40.72 19.01
N VAL A 308 -11.56 -40.37 19.03
CA VAL A 308 -12.47 -40.89 18.04
C VAL A 308 -12.10 -40.42 16.65
N ILE A 309 -11.77 -39.16 16.48
CA ILE A 309 -11.46 -38.78 15.13
C ILE A 309 -10.24 -39.51 14.65
N ASP A 310 -9.19 -39.55 15.46
CA ASP A 310 -7.96 -40.19 15.04
C ASP A 310 -8.06 -41.68 14.81
N GLN A 311 -8.80 -42.40 15.62
CA GLN A 311 -8.85 -43.83 15.43
C GLN A 311 -9.97 -44.33 14.54
N LYS A 312 -11.08 -43.59 14.43
CA LYS A 312 -12.18 -44.08 13.65
C LYS A 312 -12.55 -43.30 12.40
N LEU A 313 -12.37 -41.97 12.37
CA LEU A 313 -12.93 -41.24 11.23
C LEU A 313 -11.92 -40.82 10.17
N SER A 314 -10.70 -40.57 10.59
CA SER A 314 -9.60 -40.10 9.74
C SER A 314 -9.10 -41.09 8.72
N THR A 315 -8.57 -40.57 7.63
CA THR A 315 -8.01 -41.40 6.57
C THR A 315 -6.64 -41.97 6.91
N ASN A 316 -5.98 -41.45 7.94
CA ASN A 316 -4.66 -41.97 8.27
C ASN A 316 -4.40 -42.01 9.78
N PRO A 317 -5.05 -42.92 10.52
CA PRO A 317 -5.00 -43.01 11.96
C PRO A 317 -3.59 -43.17 12.47
N GLY A 318 -3.26 -42.45 13.53
CA GLY A 318 -1.95 -42.55 14.15
C GLY A 318 -1.01 -41.48 13.67
N PHE A 319 -1.40 -40.78 12.61
CA PHE A 319 -0.58 -39.72 12.07
C PHE A 319 -1.32 -38.41 12.04
N HIS A 320 -0.55 -37.34 12.08
CA HIS A 320 -1.07 -35.99 11.98
C HIS A 320 -2.00 -35.68 13.14
N LEU A 321 -1.53 -36.03 14.33
CA LEU A 321 -2.33 -35.82 15.51
C LEU A 321 -2.47 -34.35 15.84
N PHE A 322 -1.50 -33.52 15.50
CA PHE A 322 -1.61 -32.11 15.80
C PHE A 322 -2.70 -31.52 14.94
N GLU A 323 -2.73 -31.90 13.66
CA GLU A 323 -3.75 -31.33 12.79
C GLU A 323 -5.13 -31.61 13.28
N LYS A 324 -5.31 -32.79 13.85
CA LYS A 324 -6.62 -33.20 14.32
C LYS A 324 -7.13 -32.35 15.46
N ARG A 325 -6.26 -31.52 16.04
CA ARG A 325 -6.69 -30.64 17.08
C ARG A 325 -6.82 -29.22 16.55
N VAL A 326 -6.05 -28.91 15.50
CA VAL A 326 -5.95 -27.56 14.98
C VAL A 326 -6.61 -27.14 13.66
N SER A 327 -6.53 -27.96 12.62
CA SER A 327 -6.94 -27.56 11.28
C SER A 327 -8.44 -27.54 11.03
N GLY A 328 -8.83 -26.89 9.92
CA GLY A 328 -10.25 -26.71 9.59
C GLY A 328 -11.05 -27.99 9.47
N MET A 329 -10.48 -29.05 8.95
CA MET A 329 -11.31 -30.23 8.85
C MET A 329 -11.73 -30.78 10.17
N PHE A 330 -10.89 -30.61 11.18
CA PHE A 330 -11.22 -31.23 12.41
C PHE A 330 -11.86 -30.27 13.36
N LEU A 331 -11.82 -28.97 13.08
CA LEU A 331 -12.58 -28.12 13.98
C LEU A 331 -14.03 -28.57 13.78
N GLY A 332 -14.36 -28.83 12.50
CA GLY A 332 -15.70 -29.24 12.10
C GLY A 332 -16.06 -30.58 12.71
N GLU A 333 -15.20 -31.56 12.54
CA GLU A 333 -15.51 -32.87 13.05
C GLU A 333 -15.59 -32.93 14.55
N VAL A 334 -14.79 -32.17 15.28
CA VAL A 334 -14.90 -32.25 16.71
C VAL A 334 -16.25 -31.77 17.16
N LEU A 335 -16.79 -30.69 16.60
CA LEU A 335 -18.10 -30.32 17.09
C LEU A 335 -19.09 -31.41 16.80
N ARG A 336 -19.03 -32.01 15.62
CA ARG A 336 -20.03 -33.01 15.32
C ARG A 336 -20.00 -34.13 16.35
N ASN A 337 -18.81 -34.60 16.74
CA ASN A 337 -18.76 -35.68 17.70
C ASN A 337 -19.29 -35.26 19.06
N ILE A 338 -19.11 -34.01 19.43
CA ILE A 338 -19.61 -33.59 20.71
C ILE A 338 -21.12 -33.59 20.69
N LEU A 339 -21.72 -33.07 19.63
CA LEU A 339 -23.17 -33.00 19.58
C LEU A 339 -23.77 -34.39 19.61
N VAL A 340 -23.15 -35.34 18.94
CA VAL A 340 -23.68 -36.69 18.96
C VAL A 340 -23.53 -37.27 20.36
N ASP A 341 -22.39 -37.04 21.01
CA ASP A 341 -22.21 -37.57 22.35
C ASP A 341 -23.18 -36.94 23.36
N LEU A 342 -23.49 -35.64 23.22
CA LEU A 342 -24.43 -35.01 24.14
C LEU A 342 -25.86 -35.45 23.80
N HIS A 343 -26.08 -35.96 22.57
CA HIS A 343 -27.33 -36.63 22.30
C HIS A 343 -27.41 -37.89 23.16
N SER A 344 -26.34 -38.70 23.14
CA SER A 344 -26.33 -39.95 23.89
C SER A 344 -26.51 -39.74 25.39
N GLN A 345 -26.01 -38.62 25.91
CA GLN A 345 -26.17 -38.31 27.33
C GLN A 345 -27.53 -37.73 27.67
N GLY A 346 -28.34 -37.43 26.65
CA GLY A 346 -29.66 -36.85 26.82
C GLY A 346 -29.63 -35.39 27.18
N LEU A 347 -28.60 -34.67 26.78
CA LEU A 347 -28.52 -33.27 27.18
C LEU A 347 -28.86 -32.24 26.10
N LEU A 348 -28.50 -32.47 24.86
CA LEU A 348 -28.84 -31.42 23.88
C LEU A 348 -30.01 -31.84 23.01
N LEU A 349 -29.81 -32.85 22.20
CA LEU A 349 -30.84 -33.29 21.28
C LEU A 349 -31.76 -34.27 21.96
N GLN A 350 -32.53 -33.72 22.90
CA GLN A 350 -33.39 -34.47 23.79
C GLN A 350 -34.64 -35.02 23.12
N GLN A 351 -34.98 -34.48 21.97
CA GLN A 351 -36.18 -34.91 21.27
C GLN A 351 -36.03 -36.21 20.50
N TYR A 352 -34.81 -36.75 20.37
CA TYR A 352 -34.67 -37.96 19.57
C TYR A 352 -34.57 -39.21 20.45
N ARG A 353 -35.12 -40.31 19.98
CA ARG A 353 -35.08 -41.56 20.69
C ARG A 353 -34.60 -42.69 19.81
N SER A 354 -33.30 -42.85 19.73
CA SER A 354 -31.90 -42.59 20.01
C SER A 354 -31.17 -42.19 18.74
N LYS A 355 -29.88 -42.53 18.67
CA LYS A 355 -28.98 -42.11 17.59
C LYS A 355 -29.51 -42.37 16.19
N GLU A 356 -30.20 -43.48 15.97
CA GLU A 356 -30.68 -43.79 14.63
C GLU A 356 -31.71 -42.79 14.09
N GLN A 357 -32.33 -42.02 14.99
CA GLN A 357 -33.33 -41.04 14.58
C GLN A 357 -32.72 -39.67 14.32
N LEU A 358 -31.44 -39.50 14.56
CA LEU A 358 -30.82 -38.21 14.37
C LEU A 358 -30.75 -37.93 12.88
N PRO A 359 -30.71 -36.68 12.44
CA PRO A 359 -30.60 -36.32 11.06
C PRO A 359 -29.43 -37.04 10.45
N ARG A 360 -29.58 -37.55 9.24
CA ARG A 360 -28.46 -38.31 8.71
C ARG A 360 -27.20 -37.48 8.53
N HIS A 361 -27.32 -36.17 8.35
CA HIS A 361 -26.10 -35.41 8.13
C HIS A 361 -25.39 -35.15 9.44
N LEU A 362 -26.06 -35.39 10.56
CA LEU A 362 -25.42 -35.18 11.85
C LEU A 362 -24.61 -36.40 12.19
N THR A 363 -25.08 -37.57 11.81
CA THR A 363 -24.33 -38.75 12.20
C THR A 363 -23.23 -39.10 11.19
N THR A 364 -23.33 -38.59 9.97
CA THR A 364 -22.32 -38.82 8.92
C THR A 364 -21.05 -37.96 9.18
N PRO A 365 -19.84 -38.55 9.19
CA PRO A 365 -18.61 -37.86 9.46
C PRO A 365 -18.29 -36.83 8.41
N PHE A 366 -17.65 -35.77 8.87
CA PHE A 366 -17.18 -34.65 8.10
C PHE A 366 -18.26 -33.87 7.38
N GLN A 367 -19.52 -33.97 7.80
CA GLN A 367 -20.53 -33.15 7.14
C GLN A 367 -20.69 -31.80 7.78
N LEU A 368 -20.03 -31.59 8.91
CA LEU A 368 -20.13 -30.32 9.59
C LEU A 368 -18.87 -29.55 9.27
N SER A 369 -18.99 -28.60 8.35
CA SER A 369 -17.85 -27.82 7.85
C SER A 369 -17.37 -26.80 8.86
N SER A 370 -16.09 -26.48 8.86
CA SER A 370 -15.63 -25.41 9.75
C SER A 370 -16.21 -24.07 9.36
N GLU A 371 -16.78 -23.98 8.16
CA GLU A 371 -17.45 -22.80 7.71
C GLU A 371 -18.67 -22.51 8.59
N VAL A 372 -19.35 -23.57 9.06
CA VAL A 372 -20.52 -23.32 9.87
C VAL A 372 -20.00 -22.85 11.21
N LEU A 373 -18.87 -23.41 11.64
CA LEU A 373 -18.34 -23.02 12.95
C LEU A 373 -17.98 -21.56 12.94
N SER A 374 -17.46 -21.08 11.83
CA SER A 374 -17.12 -19.68 11.76
C SER A 374 -18.32 -18.82 12.05
N HIS A 375 -19.45 -19.14 11.45
CA HIS A 375 -20.59 -18.32 11.71
C HIS A 375 -21.12 -18.56 13.13
N ILE A 376 -21.02 -19.78 13.64
CA ILE A 376 -21.54 -20.06 14.97
C ILE A 376 -20.83 -19.22 16.01
N GLU A 377 -19.50 -19.16 15.91
CA GLU A 377 -18.70 -18.38 16.85
C GLU A 377 -18.82 -16.88 16.75
N ILE A 378 -18.86 -16.33 15.54
CA ILE A 378 -18.95 -14.87 15.45
C ILE A 378 -20.26 -14.35 15.97
N ASP A 379 -21.32 -15.12 15.80
CA ASP A 379 -22.60 -14.62 16.22
C ASP A 379 -22.75 -14.18 17.65
N ASP A 380 -23.18 -12.95 17.73
CA ASP A 380 -23.46 -12.22 18.94
C ASP A 380 -24.95 -12.37 19.21
N SER A 381 -25.45 -11.76 20.27
CA SER A 381 -26.84 -11.86 20.73
C SER A 381 -27.93 -12.27 19.73
N THR A 382 -28.15 -11.51 18.66
CA THR A 382 -29.28 -11.83 17.81
C THR A 382 -28.88 -12.82 16.75
N GLY A 383 -27.59 -12.97 16.58
CA GLY A 383 -27.06 -13.91 15.62
C GLY A 383 -27.26 -15.29 16.24
N LEU A 384 -26.92 -15.39 17.52
CA LEU A 384 -27.06 -16.63 18.23
C LEU A 384 -28.51 -17.04 18.30
N ARG A 385 -29.36 -16.09 18.61
CA ARG A 385 -30.74 -16.44 18.67
C ARG A 385 -31.33 -16.92 17.35
N GLU A 386 -31.07 -16.20 16.23
CA GLU A 386 -31.71 -16.54 14.96
C GLU A 386 -30.86 -17.28 13.92
N THR A 387 -29.59 -16.93 13.80
CA THR A 387 -28.76 -17.45 12.74
C THR A 387 -28.17 -18.76 13.12
N GLU A 388 -27.94 -18.96 14.39
CA GLU A 388 -27.44 -20.24 14.79
C GLU A 388 -28.42 -21.31 14.34
N LEU A 389 -29.72 -21.00 14.42
CA LEU A 389 -30.69 -21.95 13.98
C LEU A 389 -30.58 -22.17 12.50
N SER A 390 -30.43 -21.10 11.71
CA SER A 390 -30.31 -21.27 10.27
C SER A 390 -29.09 -22.11 9.89
N LEU A 391 -27.98 -21.88 10.57
CA LEU A 391 -26.73 -22.58 10.31
C LEU A 391 -26.83 -24.05 10.58
N LEU A 392 -27.52 -24.43 11.64
CA LEU A 392 -27.68 -25.83 11.91
C LEU A 392 -28.85 -26.41 11.12
N GLN A 393 -29.79 -25.56 10.70
CA GLN A 393 -30.91 -26.03 9.89
C GLN A 393 -30.33 -26.55 8.57
N SER A 394 -29.25 -25.94 8.09
CA SER A 394 -28.57 -26.36 6.85
C SER A 394 -27.87 -27.74 6.98
N LEU A 395 -27.80 -28.26 8.21
CA LEU A 395 -27.26 -29.58 8.55
C LEU A 395 -28.45 -30.45 8.98
N ARG A 396 -29.66 -29.95 8.72
CA ARG A 396 -30.95 -30.53 9.06
C ARG A 396 -31.11 -30.81 10.54
N LEU A 397 -30.60 -29.92 11.39
CA LEU A 397 -30.68 -30.13 12.81
C LEU A 397 -31.34 -28.97 13.55
N PRO A 398 -32.67 -28.89 13.66
CA PRO A 398 -33.35 -27.79 14.30
C PRO A 398 -33.05 -27.86 15.79
N THR A 399 -32.90 -26.71 16.43
CA THR A 399 -32.56 -26.59 17.85
C THR A 399 -33.44 -25.64 18.66
N THR A 400 -33.30 -25.70 19.99
CA THR A 400 -34.03 -24.81 20.92
C THR A 400 -33.14 -23.60 21.26
N PRO A 401 -33.63 -22.52 21.91
CA PRO A 401 -32.86 -21.33 22.29
C PRO A 401 -31.73 -21.58 23.30
N THR A 402 -31.93 -22.70 23.99
CA THR A 402 -31.06 -22.80 25.14
C THR A 402 -29.98 -23.71 24.66
N GLU A 403 -30.36 -24.56 23.72
CA GLU A 403 -29.45 -25.45 23.06
C GLU A 403 -28.46 -24.65 22.25
N ARG A 404 -28.93 -23.60 21.58
CA ARG A 404 -28.07 -22.79 20.74
C ARG A 404 -26.98 -22.11 21.54
N VAL A 405 -27.28 -21.60 22.73
CA VAL A 405 -26.18 -20.99 23.48
C VAL A 405 -25.21 -22.06 23.95
N GLN A 406 -25.70 -23.25 24.29
CA GLN A 406 -24.77 -24.27 24.72
C GLN A 406 -23.88 -24.73 23.58
N ILE A 407 -24.41 -24.78 22.36
CA ILE A 407 -23.60 -25.16 21.21
C ILE A 407 -22.56 -24.10 20.97
N GLN A 408 -22.93 -22.82 21.06
CA GLN A 408 -21.93 -21.81 20.83
C GLN A 408 -20.79 -21.92 21.83
N LYS A 409 -21.09 -22.21 23.10
CA LYS A 409 -19.98 -22.33 24.03
C LYS A 409 -19.04 -23.43 23.61
N LEU A 410 -19.58 -24.55 23.12
CA LEU A 410 -18.72 -25.63 22.68
C LEU A 410 -17.87 -25.18 21.50
N VAL A 411 -18.45 -24.42 20.58
CA VAL A 411 -17.68 -23.98 19.43
C VAL A 411 -16.55 -23.07 19.80
N ARG A 412 -16.80 -22.13 20.70
CA ARG A 412 -15.71 -21.27 21.09
C ARG A 412 -14.64 -22.08 21.81
N ALA A 413 -15.01 -23.06 22.62
CA ALA A 413 -13.98 -23.86 23.27
C ALA A 413 -13.13 -24.60 22.25
N ILE A 414 -13.76 -25.09 21.17
CA ILE A 414 -13.01 -25.83 20.17
C ILE A 414 -12.06 -24.92 19.44
N SER A 415 -12.50 -23.75 19.00
CA SER A 415 -11.60 -22.92 18.23
C SER A 415 -10.52 -22.34 19.10
N ARG A 416 -10.78 -22.14 20.40
CA ARG A 416 -9.74 -21.64 21.27
C ARG A 416 -8.69 -22.71 21.46
N ARG A 417 -9.11 -23.96 21.68
CA ARG A 417 -8.11 -24.99 21.84
C ARG A 417 -7.20 -24.98 20.65
N SER A 418 -7.78 -24.91 19.45
CA SER A 418 -6.95 -24.87 18.26
C SER A 418 -6.07 -23.68 18.16
N ALA A 419 -6.59 -22.49 18.38
CA ALA A 419 -5.79 -21.30 18.24
C ALA A 419 -4.63 -21.28 19.20
N TYR A 420 -4.79 -21.82 20.40
CA TYR A 420 -3.66 -21.81 21.31
C TYR A 420 -2.67 -22.87 20.93
N LEU A 421 -3.12 -24.05 20.52
CA LEU A 421 -2.16 -25.07 20.14
C LEU A 421 -1.43 -24.64 18.89
N ALA A 422 -2.11 -23.91 18.04
CA ALA A 422 -1.58 -23.41 16.80
C ALA A 422 -0.42 -22.47 17.03
N ALA A 423 -0.30 -21.91 18.22
CA ALA A 423 0.79 -21.02 18.51
C ALA A 423 2.03 -21.79 18.89
N VAL A 424 1.90 -23.07 19.25
CA VAL A 424 3.04 -23.84 19.70
C VAL A 424 4.14 -23.87 18.67
N PRO A 425 3.91 -24.25 17.41
CA PRO A 425 4.91 -24.25 16.39
C PRO A 425 5.43 -22.88 16.03
N LEU A 426 4.73 -21.80 16.33
CA LEU A 426 5.29 -20.55 15.91
C LEU A 426 6.25 -20.13 16.99
N ALA A 427 5.87 -20.36 18.23
CA ALA A 427 6.75 -20.00 19.30
C ALA A 427 7.97 -20.89 19.25
N ALA A 428 7.75 -22.18 18.99
CA ALA A 428 8.83 -23.11 18.97
C ALA A 428 9.83 -22.82 17.90
N ILE A 429 9.38 -22.42 16.70
CA ILE A 429 10.33 -22.11 15.67
C ILE A 429 11.09 -20.84 15.96
N LEU A 430 10.41 -19.79 16.40
CA LEU A 430 11.13 -18.55 16.63
C LEU A 430 12.13 -18.72 17.75
N ILE A 431 11.79 -19.50 18.75
CA ILE A 431 12.69 -19.73 19.86
C ILE A 431 13.87 -20.60 19.43
N LYS A 432 13.64 -21.70 18.71
CA LYS A 432 14.75 -22.56 18.33
C LYS A 432 15.82 -21.84 17.53
N THR A 433 15.42 -20.96 16.61
CA THR A 433 16.41 -20.29 15.78
C THR A 433 16.81 -18.93 16.34
N ASN A 434 16.27 -18.57 17.50
CA ASN A 434 16.51 -17.29 18.14
C ASN A 434 16.22 -16.14 17.18
N ALA A 435 15.09 -16.23 16.49
CA ALA A 435 14.67 -15.24 15.52
C ALA A 435 14.50 -13.89 16.15
N LEU A 436 14.14 -13.90 17.42
CA LEU A 436 13.87 -12.69 18.16
C LEU A 436 15.15 -11.95 18.55
N ASN A 437 16.29 -12.64 18.69
CA ASN A 437 17.47 -11.94 19.16
C ASN A 437 18.69 -12.10 18.26
N LYS A 438 18.55 -12.70 17.08
CA LYS A 438 19.70 -12.86 16.18
C LYS A 438 20.20 -11.51 15.67
N ARG A 439 19.35 -10.51 15.82
CA ARG A 439 19.61 -9.16 15.42
C ARG A 439 19.13 -8.25 16.54
N TYR A 440 19.84 -7.16 16.80
CA TYR A 440 19.43 -6.22 17.83
C TYR A 440 18.03 -5.68 17.58
N HIS A 441 17.78 -5.29 16.34
CA HIS A 441 16.52 -4.71 15.96
C HIS A 441 16.10 -5.29 14.62
N GLY A 442 14.81 -5.20 14.34
CA GLY A 442 14.16 -5.70 13.14
C GLY A 442 13.06 -6.64 13.58
N GLU A 443 11.88 -6.45 13.02
CA GLU A 443 10.70 -7.21 13.33
C GLU A 443 10.68 -8.57 12.69
N VAL A 444 9.90 -9.44 13.28
CA VAL A 444 9.72 -10.79 12.80
C VAL A 444 8.41 -10.99 12.09
N GLU A 445 8.45 -11.43 10.85
CA GLU A 445 7.19 -11.64 10.18
C GLU A 445 6.88 -13.11 9.95
N ILE A 446 5.62 -13.41 10.17
CA ILE A 446 5.09 -14.71 9.90
C ILE A 446 4.05 -14.56 8.81
N GLY A 447 4.27 -15.22 7.67
CA GLY A 447 3.35 -15.11 6.54
C GLY A 447 2.45 -16.33 6.47
N CYS A 448 1.20 -16.21 6.96
CA CYS A 448 0.26 -17.33 7.04
C CYS A 448 -0.80 -17.25 5.91
N ASP A 449 -0.96 -18.34 5.12
CA ASP A 449 -1.99 -18.56 4.08
C ASP A 449 -3.00 -19.50 4.71
N GLY A 450 -4.04 -19.84 3.98
CA GLY A 450 -5.05 -20.77 4.46
C GLY A 450 -6.27 -20.04 4.91
N SER A 451 -7.41 -20.60 4.59
CA SER A 451 -8.68 -20.00 4.93
C SER A 451 -9.02 -19.97 6.41
N VAL A 452 -8.46 -20.81 7.25
CA VAL A 452 -8.87 -20.70 8.64
C VAL A 452 -8.22 -19.45 9.20
N VAL A 453 -6.95 -19.28 8.97
CA VAL A 453 -6.33 -18.08 9.50
C VAL A 453 -6.82 -16.80 8.81
N GLU A 454 -7.12 -16.87 7.51
CA GLU A 454 -7.60 -15.69 6.82
C GLU A 454 -9.04 -15.31 7.17
N TYR A 455 -9.94 -16.28 7.33
CA TYR A 455 -11.34 -15.94 7.58
C TYR A 455 -11.93 -16.31 8.94
N TYR A 456 -11.35 -17.24 9.69
CA TYR A 456 -12.02 -17.65 10.90
C TYR A 456 -12.00 -16.42 11.80
N PRO A 457 -13.14 -15.93 12.29
CA PRO A 457 -13.30 -14.71 13.04
C PRO A 457 -12.83 -14.88 14.44
N GLY A 458 -11.52 -14.98 14.61
CA GLY A 458 -10.96 -15.24 15.91
C GLY A 458 -9.51 -15.66 15.87
N PHE A 459 -9.04 -16.28 14.79
CA PHE A 459 -7.64 -16.68 14.79
C PHE A 459 -6.61 -15.58 14.81
N ARG A 460 -6.83 -14.50 14.10
CA ARG A 460 -5.77 -13.53 14.06
C ARG A 460 -5.44 -13.05 15.47
N SER A 461 -6.48 -12.78 16.26
CA SER A 461 -6.26 -12.31 17.60
C SER A 461 -5.94 -13.42 18.58
N MET A 462 -6.50 -14.61 18.42
CA MET A 462 -6.19 -15.64 19.37
C MET A 462 -4.75 -16.08 19.23
N LEU A 463 -4.19 -16.11 18.01
CA LEU A 463 -2.80 -16.48 17.92
C LEU A 463 -1.96 -15.40 18.56
N ARG A 464 -2.26 -14.13 18.36
CA ARG A 464 -1.39 -13.15 18.99
C ARG A 464 -1.40 -13.31 20.50
N HIS A 465 -2.57 -13.57 21.06
CA HIS A 465 -2.67 -13.75 22.48
C HIS A 465 -1.87 -14.97 22.92
N ALA A 466 -2.06 -16.09 22.23
CA ALA A 466 -1.37 -17.31 22.59
C ALA A 466 0.14 -17.15 22.47
N LEU A 467 0.62 -16.38 21.50
CA LEU A 467 2.05 -16.22 21.38
C LEU A 467 2.57 -15.52 22.61
N ALA A 468 1.86 -14.51 23.08
CA ALA A 468 2.28 -13.81 24.29
C ALA A 468 2.27 -14.73 25.52
N LEU A 469 1.34 -15.69 25.55
CA LEU A 469 1.26 -16.63 26.67
C LEU A 469 2.39 -17.66 26.66
N SER A 470 2.84 -18.05 25.49
CA SER A 470 3.86 -19.07 25.29
C SER A 470 5.17 -18.47 25.79
N PRO A 471 6.30 -19.21 25.82
CA PRO A 471 7.61 -18.78 26.29
C PRO A 471 8.14 -17.54 25.58
N LEU A 472 7.55 -17.15 24.45
CA LEU A 472 7.99 -15.95 23.77
C LEU A 472 7.77 -14.77 24.70
N GLY A 473 6.66 -14.83 25.45
CA GLY A 473 6.30 -13.79 26.39
C GLY A 473 5.78 -12.59 25.63
N ALA A 474 5.47 -11.53 26.37
CA ALA A 474 5.02 -10.33 25.72
C ALA A 474 6.15 -9.77 24.87
N GLU A 475 7.37 -9.90 25.34
CA GLU A 475 8.47 -9.31 24.61
C GLU A 475 8.62 -9.96 23.25
N GLY A 476 8.46 -11.28 23.16
CA GLY A 476 8.54 -11.90 21.87
C GLY A 476 7.35 -11.51 21.01
N GLU A 477 6.15 -11.39 21.59
CA GLU A 477 4.98 -11.04 20.79
C GLU A 477 5.15 -9.68 20.14
N ARG A 478 5.86 -8.77 20.81
CA ARG A 478 6.08 -7.43 20.30
C ARG A 478 6.91 -7.37 19.02
N LYS A 479 7.64 -8.44 18.70
CA LYS A 479 8.46 -8.47 17.50
C LYS A 479 7.78 -9.12 16.31
N VAL A 480 6.60 -9.66 16.60
CA VAL A 480 6.10 -10.71 15.74
C VAL A 480 4.79 -10.29 15.12
N HIS A 481 4.75 -10.24 13.81
CA HIS A 481 3.55 -9.85 13.13
C HIS A 481 2.95 -10.97 12.35
N LEU A 482 1.65 -11.13 12.46
CA LEU A 482 0.98 -12.15 11.69
C LEU A 482 0.32 -11.47 10.52
N LYS A 483 0.79 -11.80 9.34
CA LYS A 483 0.32 -11.20 8.11
C LYS A 483 -0.27 -12.27 7.24
N ILE A 484 -1.14 -11.92 6.29
CA ILE A 484 -1.73 -12.96 5.46
C ILE A 484 -1.20 -13.01 4.05
N ALA A 485 -0.70 -14.17 3.72
CA ALA A 485 -0.12 -14.48 2.43
C ALA A 485 -1.24 -14.91 1.53
N LYS A 486 -2.08 -13.96 1.18
CA LYS A 486 -3.33 -14.25 0.48
C LYS A 486 -3.22 -14.98 -0.85
N ASP A 487 -2.21 -14.65 -1.63
CA ASP A 487 -2.08 -15.24 -2.96
C ASP A 487 -0.95 -16.23 -3.03
N GLY A 488 -0.42 -16.62 -1.90
CA GLY A 488 0.49 -17.39 -1.09
C GLY A 488 1.01 -18.53 -1.90
N SER A 489 0.25 -19.61 -1.98
CA SER A 489 0.71 -20.79 -2.71
C SER A 489 0.96 -20.60 -4.21
N GLY A 490 0.13 -19.80 -4.87
CA GLY A 490 0.20 -19.53 -6.29
C GLY A 490 1.49 -18.83 -6.70
N VAL A 491 1.76 -17.74 -6.01
CA VAL A 491 2.95 -16.94 -6.28
C VAL A 491 4.16 -17.74 -5.92
N GLY A 492 4.09 -18.45 -4.80
CA GLY A 492 5.20 -19.23 -4.34
C GLY A 492 5.62 -20.26 -5.37
N ALA A 493 4.67 -21.02 -5.91
CA ALA A 493 5.04 -22.00 -6.91
C ALA A 493 5.60 -21.32 -8.15
N ALA A 494 5.06 -20.16 -8.53
CA ALA A 494 5.59 -19.47 -9.70
C ALA A 494 7.05 -19.10 -9.46
N LEU A 495 7.37 -18.66 -8.25
CA LEU A 495 8.74 -18.32 -7.90
C LEU A 495 9.61 -19.56 -7.87
N CYS A 496 9.08 -20.67 -7.41
CA CYS A 496 9.89 -21.88 -7.37
C CYS A 496 10.27 -22.29 -8.78
N ALA A 497 9.33 -22.16 -9.73
CA ALA A 497 9.58 -22.48 -11.13
C ALA A 497 10.57 -21.50 -11.76
N LEU A 498 10.55 -20.25 -11.30
CA LEU A 498 11.48 -19.21 -11.76
C LEU A 498 12.89 -19.61 -11.31
N VAL A 499 12.99 -20.08 -10.07
CA VAL A 499 14.24 -20.56 -9.45
C VAL A 499 14.80 -21.83 -10.13
N ALA A 500 13.94 -22.85 -10.38
CA ALA A 500 14.24 -24.14 -11.06
C ALA A 500 15.36 -24.97 -10.36
N MET B 1 -20.68 22.61 7.85
CA MET B 1 -20.53 21.21 7.41
C MET B 1 -19.20 20.56 7.89
N SER B 2 -19.29 19.70 8.93
CA SER B 2 -18.17 18.94 9.52
C SER B 2 -17.99 17.69 8.67
N PHE B 3 -16.93 16.93 8.88
CA PHE B 3 -16.76 15.73 8.08
C PHE B 3 -17.95 14.80 8.24
N ASP B 4 -18.50 14.73 9.44
CA ASP B 4 -19.64 13.88 9.73
C ASP B 4 -20.89 14.34 8.97
N ASP B 5 -21.02 15.63 8.65
CA ASP B 5 -22.22 16.09 7.98
C ASP B 5 -22.06 15.81 6.50
N LEU B 6 -20.83 15.90 6.04
CA LEU B 6 -20.52 15.64 4.65
C LEU B 6 -20.71 14.16 4.38
N HIS B 7 -20.37 13.33 5.36
CA HIS B 7 -20.54 11.90 5.23
C HIS B 7 -22.02 11.57 5.22
N LYS B 8 -22.83 12.24 6.04
CA LYS B 8 -24.25 11.97 5.99
C LYS B 8 -24.85 12.36 4.65
N ALA B 9 -24.38 13.45 4.05
CA ALA B 9 -24.91 13.79 2.75
C ALA B 9 -24.64 12.66 1.76
N THR B 10 -23.46 12.06 1.84
CA THR B 10 -23.16 10.93 0.99
C THR B 10 -24.06 9.76 1.31
N GLU B 11 -24.28 9.47 2.60
CA GLU B 11 -25.12 8.34 2.96
C GLU B 11 -26.53 8.53 2.44
N ARG B 12 -27.03 9.77 2.42
CA ARG B 12 -28.36 9.98 1.90
C ARG B 12 -28.39 9.63 0.42
N ALA B 13 -27.34 9.95 -0.34
CA ALA B 13 -27.31 9.59 -1.75
C ALA B 13 -27.35 8.07 -1.93
N VAL B 14 -26.67 7.36 -1.04
CA VAL B 14 -26.61 5.92 -1.12
C VAL B 14 -27.98 5.35 -0.85
N ILE B 15 -28.62 5.89 0.17
CA ILE B 15 -29.94 5.46 0.57
C ILE B 15 -30.92 5.69 -0.53
N GLN B 16 -30.90 6.85 -1.17
CA GLN B 16 -31.87 7.03 -2.21
C GLN B 16 -31.71 5.98 -3.28
N ALA B 17 -30.49 5.66 -3.70
CA ALA B 17 -30.37 4.64 -4.73
C ALA B 17 -30.91 3.28 -4.27
N VAL B 18 -30.63 2.93 -3.02
CA VAL B 18 -31.10 1.65 -2.51
C VAL B 18 -32.60 1.63 -2.40
N ASP B 19 -33.21 2.71 -1.93
CA ASP B 19 -34.65 2.74 -1.83
C ASP B 19 -35.26 2.67 -3.22
N GLN B 20 -34.65 3.32 -4.23
CA GLN B 20 -35.22 3.24 -5.55
C GLN B 20 -35.23 1.81 -6.02
N ILE B 21 -34.16 1.10 -5.74
CA ILE B 21 -34.10 -0.28 -6.14
C ILE B 21 -35.15 -1.07 -5.38
N CYS B 22 -35.26 -0.87 -4.09
CA CYS B 22 -36.22 -1.63 -3.33
C CYS B 22 -37.64 -1.44 -3.87
N ASP B 23 -37.99 -0.21 -4.25
CA ASP B 23 -39.30 0.06 -4.81
C ASP B 23 -39.50 -0.53 -6.19
N ASP B 24 -38.43 -0.66 -6.97
CA ASP B 24 -38.55 -1.24 -8.30
C ASP B 24 -38.84 -2.73 -8.16
N PHE B 25 -38.23 -3.34 -7.14
CA PHE B 25 -38.38 -4.75 -6.83
C PHE B 25 -39.71 -5.14 -6.20
N GLU B 26 -40.24 -4.35 -5.29
CA GLU B 26 -41.48 -4.77 -4.65
C GLU B 26 -42.61 -5.00 -5.63
N VAL B 27 -43.30 -6.12 -5.46
CA VAL B 27 -44.45 -6.46 -6.27
C VAL B 27 -45.69 -6.00 -5.55
N THR B 28 -46.46 -5.17 -6.23
CA THR B 28 -47.69 -4.62 -5.69
C THR B 28 -48.81 -5.55 -6.10
N PRO B 29 -49.88 -5.73 -5.31
CA PRO B 29 -51.03 -6.56 -5.64
C PRO B 29 -51.60 -6.25 -7.02
N GLU B 30 -51.51 -5.03 -7.50
CA GLU B 30 -52.04 -4.78 -8.83
C GLU B 30 -51.33 -5.63 -9.88
N LYS B 31 -50.03 -5.84 -9.73
CA LYS B 31 -49.29 -6.61 -10.71
C LYS B 31 -49.48 -8.06 -10.38
N LEU B 32 -49.66 -8.35 -9.12
CA LEU B 32 -49.83 -9.74 -8.74
C LEU B 32 -51.12 -10.25 -9.42
N ASP B 33 -52.13 -9.39 -9.54
CA ASP B 33 -53.37 -9.76 -10.22
C ASP B 33 -53.20 -9.82 -11.73
N GLU B 34 -52.43 -8.88 -12.33
CA GLU B 34 -52.26 -8.96 -13.78
C GLU B 34 -51.55 -10.25 -14.13
N LEU B 35 -50.59 -10.62 -13.30
CA LEU B 35 -49.80 -11.80 -13.51
C LEU B 35 -50.60 -13.05 -13.29
N THR B 36 -51.47 -13.09 -12.29
CA THR B 36 -52.24 -14.31 -12.12
C THR B 36 -53.11 -14.52 -13.32
N ALA B 37 -53.76 -13.46 -13.77
CA ALA B 37 -54.64 -13.58 -14.91
C ALA B 37 -53.88 -13.95 -16.17
N TYR B 38 -52.69 -13.40 -16.36
CA TYR B 38 -51.92 -13.68 -17.55
C TYR B 38 -51.43 -15.11 -17.50
N PHE B 39 -51.03 -15.57 -16.32
CA PHE B 39 -50.53 -16.91 -16.14
C PHE B 39 -51.62 -17.85 -16.56
N ILE B 40 -52.86 -17.60 -16.13
CA ILE B 40 -53.93 -18.50 -16.53
C ILE B 40 -54.12 -18.48 -18.03
N GLU B 41 -54.11 -17.30 -18.66
CA GLU B 41 -54.25 -17.25 -20.11
C GLU B 41 -53.15 -18.04 -20.80
N GLN B 42 -51.90 -17.91 -20.34
CA GLN B 42 -50.86 -18.66 -20.97
C GLN B 42 -51.00 -20.12 -20.66
N MET B 43 -51.57 -20.49 -19.50
CA MET B 43 -51.74 -21.91 -19.25
C MET B 43 -52.68 -22.53 -20.25
N GLU B 44 -53.74 -21.82 -20.62
CA GLU B 44 -54.64 -22.41 -21.59
C GLU B 44 -53.94 -22.56 -22.93
N LYS B 45 -53.13 -21.56 -23.31
CA LYS B 45 -52.41 -21.63 -24.56
C LYS B 45 -51.40 -22.78 -24.55
N GLY B 46 -50.82 -23.04 -23.39
CA GLY B 46 -49.81 -24.07 -23.19
C GLY B 46 -50.33 -25.49 -23.41
N LEU B 47 -51.66 -25.67 -23.41
CA LEU B 47 -52.29 -26.96 -23.63
C LEU B 47 -52.77 -27.13 -25.06
N ALA B 48 -52.73 -26.05 -25.82
CA ALA B 48 -53.26 -26.00 -27.17
C ALA B 48 -52.28 -26.56 -28.18
N PRO B 49 -52.73 -27.03 -29.35
CA PRO B 49 -51.88 -27.40 -30.45
C PRO B 49 -51.06 -26.18 -30.82
N PRO B 50 -49.82 -26.35 -31.33
CA PRO B 50 -48.90 -25.33 -31.78
C PRO B 50 -49.34 -24.72 -33.08
N LYS B 51 -48.85 -23.53 -33.39
CA LYS B 51 -49.14 -22.93 -34.68
C LYS B 51 -47.98 -23.20 -35.61
N GLU B 52 -48.18 -22.98 -36.89
CA GLU B 52 -47.12 -23.22 -37.83
C GLU B 52 -45.92 -22.37 -37.45
N GLY B 53 -44.73 -22.97 -37.49
CA GLY B 53 -43.51 -22.26 -37.15
C GLY B 53 -43.09 -22.49 -35.70
N HIS B 54 -43.95 -23.14 -34.91
CA HIS B 54 -43.64 -23.41 -33.52
C HIS B 54 -43.13 -24.83 -33.32
N THR B 55 -42.25 -25.00 -32.35
CA THR B 55 -41.80 -26.33 -31.94
C THR B 55 -41.58 -26.29 -30.44
N LEU B 56 -40.95 -27.30 -29.87
CA LEU B 56 -40.75 -27.25 -28.41
C LEU B 56 -39.42 -26.64 -28.03
N ALA B 57 -38.40 -26.86 -28.86
CA ALA B 57 -37.08 -26.32 -28.59
C ALA B 57 -37.16 -24.81 -28.57
N SER B 58 -38.04 -24.30 -29.43
CA SER B 58 -38.33 -22.89 -29.56
C SER B 58 -39.84 -22.73 -29.62
N ASP B 59 -40.38 -22.21 -28.53
CA ASP B 59 -41.80 -22.03 -28.33
C ASP B 59 -42.19 -20.65 -27.84
N LYS B 60 -41.67 -20.29 -26.67
CA LYS B 60 -42.01 -19.10 -25.94
C LYS B 60 -43.41 -19.32 -25.42
N GLY B 61 -43.85 -18.48 -24.52
CA GLY B 61 -45.13 -18.74 -23.88
C GLY B 61 -44.91 -19.73 -22.76
N LEU B 62 -45.96 -20.34 -22.24
CA LEU B 62 -45.85 -21.19 -21.06
C LEU B 62 -46.23 -22.61 -21.39
N PRO B 63 -45.32 -23.43 -21.91
CA PRO B 63 -45.63 -24.74 -22.40
C PRO B 63 -45.94 -25.63 -21.26
N MET B 64 -46.77 -26.61 -21.53
CA MET B 64 -47.02 -27.65 -20.57
C MET B 64 -46.69 -29.02 -21.09
N ILE B 65 -46.25 -29.89 -20.19
CA ILE B 65 -45.95 -31.25 -20.57
C ILE B 65 -46.91 -32.26 -19.92
N PRO B 66 -47.68 -33.04 -20.69
CA PRO B 66 -48.66 -33.98 -20.22
C PRO B 66 -48.06 -35.27 -19.75
N ALA B 67 -47.36 -35.22 -18.63
CA ALA B 67 -46.69 -36.41 -18.12
C ALA B 67 -47.71 -37.52 -17.91
N PHE B 68 -47.37 -38.71 -18.37
CA PHE B 68 -48.29 -39.84 -18.34
C PHE B 68 -48.27 -40.64 -17.07
N VAL B 69 -48.66 -40.03 -15.98
CA VAL B 69 -48.67 -40.73 -14.71
C VAL B 69 -50.00 -41.39 -14.43
N THR B 70 -51.08 -40.67 -14.64
CA THR B 70 -52.51 -40.42 -14.64
C THR B 70 -53.15 -40.86 -13.33
N GLY B 71 -52.75 -40.25 -12.23
CA GLY B 71 -53.29 -40.60 -10.93
C GLY B 71 -52.32 -40.24 -9.82
N SER B 72 -52.65 -40.64 -8.59
CA SER B 72 -51.82 -40.32 -7.45
C SER B 72 -51.88 -41.48 -6.44
N PRO B 73 -50.83 -41.70 -5.63
CA PRO B 73 -50.71 -42.72 -4.61
C PRO B 73 -51.54 -42.43 -3.41
N ASN B 74 -51.76 -43.44 -2.58
CA ASN B 74 -52.43 -43.20 -1.30
C ASN B 74 -51.60 -43.66 -0.12
N GLY B 75 -50.33 -44.01 -0.32
CA GLY B 75 -49.50 -44.37 0.81
C GLY B 75 -49.39 -45.85 1.05
N THR B 76 -50.18 -46.65 0.33
CA THR B 76 -50.13 -48.10 0.52
C THR B 76 -49.13 -48.77 -0.40
N GLU B 77 -48.57 -48.02 -1.33
CA GLU B 77 -47.62 -48.58 -2.27
C GLU B 77 -46.41 -49.08 -1.49
N ARG B 78 -45.93 -50.26 -1.86
CA ARG B 78 -44.79 -50.91 -1.19
C ARG B 78 -43.79 -51.49 -2.18
N GLY B 79 -42.52 -51.55 -1.78
CA GLY B 79 -41.46 -52.17 -2.60
C GLY B 79 -40.18 -51.37 -2.57
N VAL B 80 -39.07 -51.97 -2.99
CA VAL B 80 -37.80 -51.23 -2.96
C VAL B 80 -37.33 -50.91 -4.36
N LEU B 81 -37.22 -49.61 -4.63
CA LEU B 81 -36.83 -49.16 -5.95
C LEU B 81 -35.69 -48.15 -5.89
N LEU B 82 -34.91 -48.08 -6.96
CA LEU B 82 -33.83 -47.11 -7.03
C LEU B 82 -34.35 -45.85 -7.66
N ALA B 83 -33.70 -44.75 -7.37
CA ALA B 83 -34.05 -43.49 -8.00
C ALA B 83 -32.84 -42.65 -8.28
N ALA B 84 -32.79 -42.04 -9.45
CA ALA B 84 -31.71 -41.13 -9.78
C ALA B 84 -32.33 -39.76 -9.94
N ASP B 85 -31.64 -38.72 -9.51
CA ASP B 85 -32.12 -37.35 -9.62
C ASP B 85 -31.09 -36.34 -10.09
N LEU B 86 -31.18 -35.93 -11.35
CA LEU B 86 -30.19 -35.01 -11.92
C LEU B 86 -30.67 -33.63 -12.21
N GLY B 87 -29.81 -32.65 -11.93
CA GLY B 87 -30.07 -31.34 -12.49
C GLY B 87 -29.99 -30.08 -11.66
N GLY B 88 -29.56 -30.17 -10.43
CA GLY B 88 -29.47 -28.96 -9.63
C GLY B 88 -28.02 -28.60 -9.65
N THR B 89 -27.46 -28.39 -8.48
CA THR B 89 -26.05 -28.17 -8.41
C THR B 89 -25.42 -29.54 -8.33
N ASN B 90 -26.28 -30.50 -8.03
CA ASN B 90 -25.92 -31.86 -7.79
C ASN B 90 -26.82 -32.92 -8.45
N PHE B 91 -26.43 -34.14 -8.13
CA PHE B 91 -27.04 -35.38 -8.53
C PHE B 91 -27.18 -36.32 -7.35
N ARG B 92 -28.34 -36.97 -7.23
CA ARG B 92 -28.57 -37.91 -6.14
C ARG B 92 -29.02 -39.28 -6.58
N ILE B 93 -28.57 -40.31 -5.88
CA ILE B 93 -29.09 -41.65 -6.08
C ILE B 93 -29.63 -42.17 -4.78
N CYS B 94 -30.84 -42.65 -4.84
CA CYS B 94 -31.51 -43.18 -3.71
C CYS B 94 -31.93 -44.60 -3.87
N SER B 95 -32.11 -45.26 -2.75
CA SER B 95 -32.74 -46.56 -2.73
C SER B 95 -33.85 -46.39 -1.73
N VAL B 96 -35.07 -46.41 -2.25
CA VAL B 96 -36.22 -46.11 -1.43
C VAL B 96 -37.05 -47.30 -1.16
N ASN B 97 -37.19 -47.59 0.11
CA ASN B 97 -37.99 -48.70 0.56
C ASN B 97 -39.36 -48.16 0.92
N LEU B 98 -40.33 -48.36 0.05
CA LEU B 98 -41.67 -47.87 0.28
C LEU B 98 -42.31 -48.88 1.21
N HIS B 99 -42.90 -48.43 2.32
CA HIS B 99 -43.43 -49.41 3.27
C HIS B 99 -44.93 -49.66 3.26
N GLY B 100 -45.70 -48.81 2.61
CA GLY B 100 -47.13 -48.98 2.57
C GLY B 100 -47.94 -48.32 3.71
N ASP B 101 -47.33 -47.42 4.47
CA ASP B 101 -47.97 -46.73 5.58
C ASP B 101 -47.72 -45.25 5.52
N HIS B 102 -47.57 -44.70 4.32
CA HIS B 102 -47.23 -43.30 4.11
C HIS B 102 -45.77 -42.95 4.50
N THR B 103 -44.90 -43.94 4.70
CA THR B 103 -43.50 -43.65 4.98
C THR B 103 -42.62 -44.52 4.12
N PHE B 104 -41.36 -44.21 4.12
CA PHE B 104 -40.36 -44.94 3.39
C PHE B 104 -39.03 -44.81 4.10
N SER B 105 -38.14 -45.73 3.82
CA SER B 105 -36.78 -45.62 4.34
C SER B 105 -35.85 -45.36 3.18
N MET B 106 -35.18 -44.23 3.20
CA MET B 106 -34.32 -43.87 2.08
C MET B 106 -32.84 -43.89 2.35
N GLU B 107 -32.12 -44.60 1.50
CA GLU B 107 -30.67 -44.60 1.54
C GLU B 107 -30.24 -43.61 0.49
N GLN B 108 -29.16 -42.90 0.69
CA GLN B 108 -28.75 -41.94 -0.33
C GLN B 108 -27.26 -41.74 -0.50
N MET B 109 -26.86 -41.52 -1.74
CA MET B 109 -25.52 -41.07 -2.04
C MET B 109 -25.69 -39.83 -2.91
N LYS B 110 -24.91 -38.80 -2.67
CA LYS B 110 -25.05 -37.63 -3.53
C LYS B 110 -23.72 -37.03 -3.88
N SER B 111 -23.66 -36.36 -5.00
CA SER B 111 -22.46 -35.67 -5.40
C SER B 111 -22.76 -34.43 -6.21
N LYS B 112 -21.82 -33.50 -6.23
CA LYS B 112 -21.93 -32.29 -7.02
C LYS B 112 -21.73 -32.59 -8.48
N ILE B 113 -22.42 -31.88 -9.36
CA ILE B 113 -22.16 -32.07 -10.78
C ILE B 113 -20.82 -31.38 -10.99
N PRO B 114 -19.79 -32.07 -11.51
CA PRO B 114 -18.48 -31.52 -11.71
C PRO B 114 -18.58 -30.44 -12.73
N ASP B 115 -17.75 -29.42 -12.61
CA ASP B 115 -17.76 -28.26 -13.49
C ASP B 115 -17.34 -28.58 -14.90
N ASP B 116 -16.74 -29.75 -15.06
CA ASP B 116 -16.32 -30.24 -16.36
C ASP B 116 -17.54 -30.37 -17.26
N LEU B 117 -18.72 -30.55 -16.67
CA LEU B 117 -19.95 -30.71 -17.42
C LEU B 117 -20.76 -29.43 -17.59
N LEU B 118 -20.38 -28.36 -16.91
CA LEU B 118 -21.19 -27.13 -16.91
C LEU B 118 -20.61 -25.91 -17.63
N ASP B 119 -19.30 -25.75 -17.63
CA ASP B 119 -18.71 -24.53 -18.17
C ASP B 119 -18.26 -24.58 -19.63
N ASP B 120 -18.58 -25.66 -20.34
CA ASP B 120 -18.08 -25.80 -21.71
C ASP B 120 -19.10 -26.40 -22.70
N GLU B 121 -19.31 -25.68 -23.78
CA GLU B 121 -20.23 -26.07 -24.86
C GLU B 121 -19.76 -27.33 -25.59
N ASN B 122 -18.50 -27.68 -25.41
CA ASN B 122 -17.90 -28.83 -26.06
C ASN B 122 -18.02 -30.10 -25.24
N VAL B 123 -18.79 -30.04 -24.15
CA VAL B 123 -19.08 -31.22 -23.34
C VAL B 123 -20.08 -32.04 -24.10
N THR B 124 -19.90 -33.35 -24.13
CA THR B 124 -20.82 -34.21 -24.87
C THR B 124 -21.76 -35.02 -23.99
N SER B 125 -22.72 -35.68 -24.64
CA SER B 125 -23.68 -36.55 -23.98
C SER B 125 -23.02 -37.67 -23.25
N ASP B 126 -21.87 -38.11 -23.73
CA ASP B 126 -21.15 -39.18 -23.09
C ASP B 126 -20.47 -38.73 -21.80
N ASP B 127 -20.24 -37.44 -21.63
CA ASP B 127 -19.59 -37.05 -20.41
C ASP B 127 -20.64 -36.94 -19.34
N LEU B 128 -21.82 -36.43 -19.71
CA LEU B 128 -22.84 -36.31 -18.69
C LEU B 128 -23.42 -37.63 -18.30
N PHE B 129 -23.74 -38.45 -19.29
CA PHE B 129 -24.34 -39.70 -18.94
C PHE B 129 -23.28 -40.66 -18.41
N GLY B 130 -22.02 -40.51 -18.83
CA GLY B 130 -20.96 -41.36 -18.31
C GLY B 130 -20.83 -41.08 -16.81
N PHE B 131 -20.92 -39.80 -16.43
CA PHE B 131 -20.91 -39.38 -15.05
C PHE B 131 -22.00 -40.04 -14.26
N LEU B 132 -23.23 -39.98 -14.76
CA LEU B 132 -24.32 -40.56 -14.01
C LEU B 132 -24.10 -42.05 -13.82
N ALA B 133 -23.64 -42.75 -14.85
CA ALA B 133 -23.43 -44.17 -14.71
C ALA B 133 -22.32 -44.48 -13.69
N ARG B 134 -21.26 -43.67 -13.65
CA ARG B 134 -20.21 -43.93 -12.68
C ARG B 134 -20.67 -43.71 -11.26
N ARG B 135 -21.52 -42.70 -11.06
CA ARG B 135 -22.02 -42.47 -9.72
C ARG B 135 -22.98 -43.61 -9.34
N THR B 136 -23.67 -44.18 -10.34
CA THR B 136 -24.56 -45.29 -10.08
C THR B 136 -23.75 -46.48 -9.60
N LEU B 137 -22.58 -46.72 -10.20
CA LEU B 137 -21.76 -47.83 -9.70
C LEU B 137 -21.38 -47.59 -8.27
N ALA B 138 -21.01 -46.35 -7.94
CA ALA B 138 -20.61 -46.05 -6.58
C ALA B 138 -21.76 -46.31 -5.61
N PHE B 139 -22.97 -45.95 -6.01
CA PHE B 139 -24.11 -46.18 -5.16
C PHE B 139 -24.30 -47.64 -4.90
N MET B 140 -24.28 -48.44 -5.96
CA MET B 140 -24.52 -49.86 -5.79
C MET B 140 -23.47 -50.50 -4.90
N LYS B 141 -22.21 -50.08 -5.01
CA LYS B 141 -21.15 -50.62 -4.18
C LYS B 141 -21.35 -50.37 -2.68
N LYS B 142 -22.12 -49.34 -2.33
CA LYS B 142 -22.31 -49.01 -0.94
C LYS B 142 -23.59 -49.60 -0.37
N TYR B 143 -24.66 -49.60 -1.15
CA TYR B 143 -25.93 -50.08 -0.61
C TYR B 143 -26.38 -51.44 -1.09
N HIS B 144 -26.00 -51.85 -2.30
CA HIS B 144 -26.40 -53.12 -2.85
C HIS B 144 -25.21 -53.77 -3.56
N PRO B 145 -24.06 -53.97 -2.89
CA PRO B 145 -22.84 -54.48 -3.46
C PRO B 145 -22.99 -55.88 -3.97
N ASP B 146 -23.98 -56.59 -3.44
CA ASP B 146 -24.22 -57.95 -3.81
C ASP B 146 -24.88 -58.02 -5.16
N GLU B 147 -25.72 -57.04 -5.47
CA GLU B 147 -26.43 -57.11 -6.73
C GLU B 147 -25.43 -56.79 -7.79
N LEU B 148 -24.52 -55.89 -7.47
CA LEU B 148 -23.52 -55.50 -8.45
C LEU B 148 -22.55 -56.65 -8.67
N ALA B 149 -22.16 -57.32 -7.59
CA ALA B 149 -21.26 -58.46 -7.67
C ALA B 149 -21.89 -59.63 -8.44
N LYS B 150 -23.20 -59.82 -8.27
CA LYS B 150 -23.91 -60.91 -8.92
C LYS B 150 -24.41 -60.56 -10.33
N GLY B 151 -24.49 -59.29 -10.68
CA GLY B 151 -24.95 -58.92 -12.01
C GLY B 151 -23.85 -59.42 -12.94
N LYS B 152 -24.14 -59.78 -14.19
CA LYS B 152 -25.40 -59.73 -14.91
C LYS B 152 -26.51 -60.68 -14.46
N ASP B 153 -26.20 -61.69 -13.66
CA ASP B 153 -27.22 -62.67 -13.35
C ASP B 153 -28.26 -62.16 -12.38
N ALA B 154 -27.83 -61.36 -11.40
CA ALA B 154 -28.80 -60.78 -10.49
C ALA B 154 -29.62 -59.77 -11.27
N LYS B 155 -30.94 -59.78 -11.08
CA LYS B 155 -31.78 -58.84 -11.81
C LYS B 155 -33.23 -58.92 -11.34
N PRO B 156 -34.03 -57.93 -11.73
CA PRO B 156 -33.75 -56.60 -12.24
C PRO B 156 -33.61 -55.64 -11.09
N MET B 157 -32.95 -54.53 -11.30
CA MET B 157 -33.15 -53.41 -10.40
C MET B 157 -34.06 -52.46 -11.13
N LYS B 158 -35.08 -51.93 -10.47
CA LYS B 158 -35.94 -50.95 -11.13
C LYS B 158 -35.58 -49.56 -10.72
N LEU B 159 -35.18 -48.72 -11.67
CA LEU B 159 -34.83 -47.37 -11.34
C LEU B 159 -35.73 -46.31 -11.96
N GLY B 160 -36.11 -45.34 -11.14
CA GLY B 160 -36.85 -44.19 -11.65
C GLY B 160 -35.81 -43.12 -11.90
N PHE B 161 -35.99 -42.32 -12.92
CA PHE B 161 -35.04 -41.28 -13.22
C PHE B 161 -35.68 -39.92 -13.31
N THR B 162 -35.38 -39.07 -12.35
CA THR B 162 -35.86 -37.72 -12.33
C THR B 162 -34.83 -36.92 -13.08
N PHE B 163 -35.28 -36.20 -14.06
CA PHE B 163 -34.41 -35.40 -14.87
C PHE B 163 -35.01 -34.04 -14.95
N SER B 164 -34.42 -33.06 -14.29
CA SER B 164 -35.07 -31.75 -14.17
C SER B 164 -34.92 -30.83 -15.36
N TYR B 165 -35.37 -31.26 -16.51
CA TYR B 165 -35.30 -30.47 -17.72
C TYR B 165 -36.61 -30.66 -18.44
N PRO B 166 -37.09 -29.76 -19.29
CA PRO B 166 -38.30 -30.02 -19.99
C PRO B 166 -38.07 -31.25 -20.83
N VAL B 167 -38.98 -32.20 -20.76
CA VAL B 167 -38.89 -33.41 -21.55
C VAL B 167 -40.14 -33.67 -22.33
N ASP B 168 -39.97 -33.94 -23.60
CA ASP B 168 -41.08 -34.21 -24.47
C ASP B 168 -41.43 -35.66 -24.27
N GLN B 169 -42.19 -35.89 -23.20
CA GLN B 169 -42.52 -37.23 -22.76
C GLN B 169 -43.59 -37.80 -23.65
N THR B 170 -43.43 -39.07 -24.05
CA THR B 170 -44.46 -39.70 -24.87
C THR B 170 -45.11 -40.82 -24.08
N SER B 171 -44.37 -41.31 -23.10
CA SER B 171 -44.76 -42.40 -22.23
C SER B 171 -44.09 -42.21 -20.92
N LEU B 172 -44.63 -42.74 -19.83
CA LEU B 172 -43.90 -42.55 -18.59
C LEU B 172 -42.49 -43.14 -18.72
N ASN B 173 -42.31 -44.18 -19.54
CA ASN B 173 -40.99 -44.75 -19.73
C ASN B 173 -39.97 -43.84 -20.41
N SER B 174 -40.37 -42.94 -21.31
CA SER B 174 -39.35 -42.16 -22.02
C SER B 174 -39.85 -40.88 -22.70
N GLY B 175 -38.88 -40.08 -23.13
CA GLY B 175 -39.09 -38.85 -23.87
C GLY B 175 -37.77 -38.20 -24.20
N THR B 176 -37.83 -37.10 -24.93
CA THR B 176 -36.59 -36.45 -25.32
C THR B 176 -36.37 -35.11 -24.67
N LEU B 177 -35.13 -34.70 -24.66
CA LEU B 177 -34.82 -33.40 -24.10
C LEU B 177 -35.28 -32.30 -25.03
N ILE B 178 -35.97 -31.31 -24.50
CA ILE B 178 -36.42 -30.21 -25.33
C ILE B 178 -35.35 -29.15 -25.50
N ARG B 179 -34.70 -28.81 -24.41
CA ARG B 179 -33.65 -27.82 -24.39
C ARG B 179 -32.86 -28.01 -23.14
N TRP B 180 -31.64 -27.55 -23.10
CA TRP B 180 -31.00 -27.50 -21.80
C TRP B 180 -31.30 -26.19 -21.19
N THR B 181 -31.44 -26.21 -19.91
CA THR B 181 -31.59 -25.03 -19.13
C THR B 181 -30.81 -25.12 -17.85
N LYS B 182 -30.88 -24.06 -17.09
CA LYS B 182 -30.26 -24.00 -15.79
C LYS B 182 -28.78 -24.36 -15.67
N GLY B 183 -27.94 -23.89 -16.55
CA GLY B 183 -26.53 -24.19 -16.41
C GLY B 183 -25.95 -25.25 -17.35
N PHE B 184 -26.76 -26.09 -17.97
CA PHE B 184 -26.16 -27.04 -18.91
C PHE B 184 -26.16 -26.48 -20.32
N ARG B 185 -25.08 -26.76 -21.05
CA ARG B 185 -24.93 -26.34 -22.44
C ARG B 185 -24.68 -27.52 -23.36
N ILE B 186 -25.01 -28.72 -22.94
CA ILE B 186 -24.63 -29.88 -23.74
C ILE B 186 -25.58 -30.10 -24.90
N ALA B 187 -25.27 -29.41 -25.98
CA ALA B 187 -26.12 -29.33 -27.14
C ALA B 187 -26.41 -30.66 -27.82
N ASP B 188 -25.50 -31.64 -27.78
CA ASP B 188 -25.79 -32.82 -28.56
C ASP B 188 -26.76 -33.81 -27.91
N THR B 189 -27.36 -33.45 -26.78
CA THR B 189 -28.39 -34.30 -26.19
C THR B 189 -29.74 -33.69 -26.41
N VAL B 190 -29.81 -32.54 -27.06
CA VAL B 190 -31.11 -31.94 -27.25
C VAL B 190 -31.76 -32.69 -28.39
N GLY B 191 -32.98 -33.17 -28.16
CA GLY B 191 -33.67 -33.95 -29.16
C GLY B 191 -33.45 -35.45 -28.97
N LYS B 192 -32.54 -35.85 -28.08
CA LYS B 192 -32.30 -37.27 -27.87
C LYS B 192 -33.08 -37.81 -26.71
N ASP B 193 -33.27 -39.11 -26.75
CA ASP B 193 -33.96 -39.80 -25.68
C ASP B 193 -33.11 -39.88 -24.44
N VAL B 194 -33.62 -39.27 -23.39
CA VAL B 194 -32.93 -39.14 -22.13
C VAL B 194 -32.67 -40.47 -21.47
N VAL B 195 -33.65 -41.36 -21.52
CA VAL B 195 -33.45 -42.64 -20.90
C VAL B 195 -32.50 -43.41 -21.73
N GLN B 196 -32.65 -43.37 -23.04
CA GLN B 196 -31.73 -44.16 -23.82
C GLN B 196 -30.29 -43.80 -23.51
N LEU B 197 -29.97 -42.52 -23.38
CA LEU B 197 -28.57 -42.19 -23.11
C LEU B 197 -28.11 -42.72 -21.76
N TYR B 198 -28.96 -42.63 -20.73
CA TYR B 198 -28.57 -43.10 -19.42
C TYR B 198 -28.47 -44.61 -19.38
N GLN B 199 -29.43 -45.29 -19.98
CA GLN B 199 -29.47 -46.73 -19.96
C GLN B 199 -28.26 -47.33 -20.65
N GLU B 200 -27.85 -46.73 -21.76
CA GLU B 200 -26.70 -47.25 -22.46
C GLU B 200 -25.44 -47.08 -21.63
N GLN B 201 -25.31 -45.95 -20.94
CA GLN B 201 -24.13 -45.79 -20.13
C GLN B 201 -24.14 -46.74 -18.94
N LEU B 202 -25.30 -47.06 -18.39
CA LEU B 202 -25.29 -47.99 -17.28
C LEU B 202 -24.75 -49.34 -17.74
N SER B 203 -25.13 -49.78 -18.94
CA SER B 203 -24.59 -51.05 -19.45
C SER B 203 -23.10 -50.92 -19.72
N ALA B 204 -22.67 -49.77 -20.25
CA ALA B 204 -21.26 -49.53 -20.60
C ALA B 204 -20.36 -49.65 -19.38
N GLN B 205 -20.88 -49.26 -18.22
CA GLN B 205 -20.14 -49.29 -16.97
C GLN B 205 -20.23 -50.61 -16.23
N GLY B 206 -20.93 -51.60 -16.78
CA GLY B 206 -21.03 -52.87 -16.09
C GLY B 206 -22.33 -53.14 -15.33
N MET B 207 -23.38 -52.37 -15.56
CA MET B 207 -24.63 -52.62 -14.86
C MET B 207 -25.82 -52.86 -15.79
N PRO B 208 -25.83 -53.94 -16.61
CA PRO B 208 -26.91 -54.30 -17.51
C PRO B 208 -28.14 -54.74 -16.73
N MET B 209 -27.92 -55.00 -15.44
CA MET B 209 -28.89 -55.43 -14.46
C MET B 209 -29.85 -54.31 -14.03
N ILE B 210 -29.48 -53.04 -14.27
CA ILE B 210 -30.36 -51.95 -13.84
C ILE B 210 -31.12 -51.44 -15.03
N LYS B 211 -32.43 -51.44 -14.92
CA LYS B 211 -33.29 -50.97 -15.98
C LYS B 211 -33.94 -49.69 -15.56
N VAL B 212 -33.91 -48.71 -16.43
CA VAL B 212 -34.57 -47.48 -16.11
C VAL B 212 -36.00 -47.73 -16.51
N VAL B 213 -36.87 -47.62 -15.56
CA VAL B 213 -38.27 -47.92 -15.73
C VAL B 213 -39.09 -46.69 -16.06
N ALA B 214 -38.78 -45.59 -15.41
CA ALA B 214 -39.60 -44.41 -15.65
C ALA B 214 -38.78 -43.15 -15.69
N LEU B 215 -39.15 -42.23 -16.57
CA LEU B 215 -38.52 -40.93 -16.67
C LEU B 215 -39.49 -39.90 -16.18
N THR B 216 -39.09 -39.14 -15.20
CA THR B 216 -40.02 -38.17 -14.66
C THR B 216 -39.40 -36.82 -14.46
N ASN B 217 -40.22 -35.85 -14.05
CA ASN B 217 -39.69 -34.54 -13.76
C ASN B 217 -39.55 -34.46 -12.25
N ASP B 218 -39.04 -33.34 -11.75
CA ASP B 218 -38.84 -33.18 -10.34
C ASP B 218 -40.16 -32.73 -9.80
N THR B 219 -40.90 -32.00 -10.60
CA THR B 219 -42.18 -31.50 -10.14
C THR B 219 -43.16 -32.62 -9.92
N VAL B 220 -43.11 -33.60 -10.80
CA VAL B 220 -44.00 -34.74 -10.74
C VAL B 220 -43.60 -35.61 -9.61
N GLY B 221 -42.30 -35.87 -9.47
CA GLY B 221 -41.88 -36.71 -8.39
C GLY B 221 -42.30 -36.10 -7.06
N THR B 222 -42.16 -34.79 -6.94
CA THR B 222 -42.53 -34.11 -5.71
C THR B 222 -43.99 -34.26 -5.40
N TYR B 223 -44.86 -34.07 -6.40
CA TYR B 223 -46.28 -34.21 -6.16
C TYR B 223 -46.61 -35.61 -5.68
N LEU B 224 -46.07 -36.61 -6.35
CA LEU B 224 -46.39 -37.97 -5.98
C LEU B 224 -45.85 -38.33 -4.62
N SER B 225 -44.67 -37.85 -4.28
CA SER B 225 -44.09 -38.12 -2.98
C SER B 225 -44.94 -37.51 -1.91
N HIS B 226 -45.38 -36.28 -2.14
CA HIS B 226 -46.23 -35.59 -1.20
C HIS B 226 -47.51 -36.36 -0.99
N CYS B 227 -48.10 -36.85 -2.09
CA CYS B 227 -49.35 -37.59 -2.01
C CYS B 227 -49.17 -38.87 -1.21
N TYR B 228 -48.04 -39.56 -1.41
CA TYR B 228 -47.73 -40.80 -0.74
C TYR B 228 -47.69 -40.63 0.77
N THR B 229 -46.99 -39.60 1.21
CA THR B 229 -46.83 -39.30 2.62
C THR B 229 -48.07 -38.63 3.16
N SER B 230 -48.15 -38.44 4.48
CA SER B 230 -48.87 -37.98 5.64
C SER B 230 -50.03 -38.93 5.91
N ASP B 231 -51.24 -38.44 5.71
CA ASP B 231 -52.39 -39.26 5.85
C ASP B 231 -53.38 -39.04 4.70
N ASN B 232 -54.16 -37.96 4.76
CA ASN B 232 -55.23 -37.64 3.80
C ASN B 232 -56.34 -38.70 3.84
N THR B 233 -56.35 -39.46 4.93
CA THR B 233 -57.27 -40.54 5.24
C THR B 233 -57.78 -40.39 6.66
N ASP B 234 -58.04 -39.18 7.08
CA ASP B 234 -58.51 -39.01 8.45
C ASP B 234 -59.96 -39.41 8.49
N SER B 235 -60.54 -39.35 9.66
CA SER B 235 -61.95 -39.65 9.81
C SER B 235 -62.78 -38.57 9.18
N MET B 236 -63.94 -38.93 8.68
CA MET B 236 -64.82 -37.96 8.04
C MET B 236 -65.55 -37.16 9.12
N THR B 237 -65.34 -37.55 10.39
CA THR B 237 -65.91 -36.91 11.55
C THR B 237 -64.89 -35.96 12.19
N SER B 238 -63.66 -35.86 11.62
CA SER B 238 -62.66 -34.94 12.19
C SER B 238 -63.01 -33.54 11.72
N GLY B 239 -63.92 -33.50 10.76
CA GLY B 239 -64.51 -32.34 10.14
C GLY B 239 -63.99 -31.94 8.77
N GLU B 240 -62.76 -32.26 8.42
CA GLU B 240 -62.29 -31.87 7.09
C GLU B 240 -61.07 -32.67 6.64
N ILE B 241 -61.12 -33.25 5.44
CA ILE B 241 -59.99 -34.02 4.93
C ILE B 241 -59.38 -33.35 3.70
N SER B 242 -58.08 -33.09 3.77
CA SER B 242 -57.33 -32.42 2.71
C SER B 242 -57.01 -33.31 1.52
N GLU B 243 -56.65 -32.66 0.40
CA GLU B 243 -56.20 -33.30 -0.82
C GLU B 243 -55.02 -32.53 -1.46
N PRO B 244 -53.93 -33.20 -1.90
CA PRO B 244 -52.84 -32.63 -2.70
C PRO B 244 -53.30 -32.12 -4.05
N VAL B 245 -52.92 -30.90 -4.41
CA VAL B 245 -53.30 -30.37 -5.71
C VAL B 245 -52.08 -30.02 -6.56
N ILE B 246 -51.12 -29.31 -5.94
CA ILE B 246 -49.95 -28.77 -6.64
C ILE B 246 -48.63 -29.22 -6.03
N GLY B 247 -47.68 -29.63 -6.87
CA GLY B 247 -46.32 -29.93 -6.41
C GLY B 247 -45.47 -28.71 -6.80
N CYS B 248 -44.37 -28.38 -6.06
CA CYS B 248 -43.49 -27.23 -6.41
C CYS B 248 -42.04 -27.68 -6.31
N ILE B 249 -41.16 -26.98 -7.05
CA ILE B 249 -39.73 -27.02 -6.89
C ILE B 249 -39.26 -25.58 -6.72
N PHE B 250 -38.58 -25.29 -5.63
CA PHE B 250 -37.97 -23.98 -5.48
C PHE B 250 -36.54 -24.21 -5.05
N GLY B 251 -35.68 -24.51 -6.02
CA GLY B 251 -34.29 -24.92 -5.83
C GLY B 251 -33.44 -24.07 -6.71
N THR B 252 -32.56 -24.69 -7.51
CA THR B 252 -31.74 -23.87 -8.36
C THR B 252 -32.65 -23.21 -9.36
N GLY B 253 -33.72 -23.92 -9.78
CA GLY B 253 -34.72 -23.38 -10.69
C GLY B 253 -36.10 -23.40 -10.03
N THR B 254 -37.14 -23.06 -10.79
CA THR B 254 -38.47 -23.10 -10.20
C THR B 254 -39.50 -23.67 -11.13
N ASN B 255 -40.32 -24.54 -10.58
CA ASN B 255 -41.36 -25.23 -11.32
C ASN B 255 -42.44 -25.82 -10.43
N GLY B 256 -43.41 -26.45 -11.03
CA GLY B 256 -44.42 -27.18 -10.31
C GLY B 256 -45.31 -27.90 -11.29
N CYS B 257 -46.23 -28.67 -10.75
CA CYS B 257 -47.13 -29.42 -11.59
C CYS B 257 -48.43 -29.57 -10.89
N TYR B 258 -49.45 -29.93 -11.62
CA TYR B 258 -50.71 -30.09 -10.94
C TYR B 258 -51.59 -31.10 -11.59
N MET B 259 -52.57 -31.58 -10.85
CA MET B 259 -53.46 -32.55 -11.47
C MET B 259 -54.49 -31.80 -12.34
N GLU B 260 -54.68 -32.22 -13.59
CA GLU B 260 -55.58 -31.55 -14.54
C GLU B 260 -56.49 -32.53 -15.26
N GLU B 261 -57.67 -32.07 -15.69
CA GLU B 261 -58.59 -32.96 -16.38
C GLU B 261 -58.12 -33.27 -17.80
N ILE B 262 -58.10 -34.55 -18.12
CA ILE B 262 -57.61 -35.03 -19.41
C ILE B 262 -58.39 -34.50 -20.60
N ASN B 263 -59.65 -34.19 -20.40
CA ASN B 263 -60.51 -33.73 -21.48
C ASN B 263 -60.21 -32.31 -21.89
N LYS B 264 -59.39 -31.62 -21.12
CA LYS B 264 -59.05 -30.26 -21.43
C LYS B 264 -57.72 -30.15 -22.16
N ILE B 265 -56.97 -31.25 -22.28
CA ILE B 265 -55.67 -31.09 -22.89
C ILE B 265 -55.87 -31.26 -24.36
N THR B 266 -56.15 -30.15 -25.04
CA THR B 266 -56.57 -30.24 -26.42
C THR B 266 -55.47 -30.66 -27.37
N LYS B 267 -54.21 -30.44 -27.02
CA LYS B 267 -53.12 -30.87 -27.89
C LYS B 267 -52.82 -32.36 -27.82
N LEU B 268 -53.31 -33.05 -26.81
CA LEU B 268 -53.00 -34.46 -26.70
C LEU B 268 -53.83 -35.10 -27.82
N PRO B 269 -53.39 -36.13 -28.53
CA PRO B 269 -54.21 -36.75 -29.56
C PRO B 269 -55.55 -37.19 -28.97
N GLN B 270 -56.63 -37.01 -29.73
CA GLN B 270 -57.96 -37.39 -29.23
C GLN B 270 -58.03 -38.87 -29.01
N GLU B 271 -57.36 -39.64 -29.85
CA GLU B 271 -57.39 -41.08 -29.71
C GLU B 271 -56.82 -41.51 -28.37
N LEU B 272 -55.79 -40.80 -27.90
CA LEU B 272 -55.19 -41.11 -26.62
C LEU B 272 -56.11 -40.64 -25.51
N ARG B 273 -56.74 -39.48 -25.69
CA ARG B 273 -57.68 -39.01 -24.68
C ARG B 273 -58.81 -40.05 -24.54
N ASP B 274 -59.25 -40.64 -25.64
CA ASP B 274 -60.31 -41.61 -25.58
C ASP B 274 -59.84 -42.91 -24.95
N LYS B 275 -58.63 -43.35 -25.29
CA LYS B 275 -58.15 -44.59 -24.72
C LYS B 275 -58.09 -44.50 -23.22
N LEU B 276 -57.60 -43.38 -22.71
CA LEU B 276 -57.47 -43.19 -21.30
C LEU B 276 -58.78 -42.89 -20.57
N ILE B 277 -59.68 -42.11 -21.16
CA ILE B 277 -60.89 -41.79 -20.42
C ILE B 277 -61.72 -43.05 -20.23
N LYS B 278 -61.65 -43.98 -21.18
CA LYS B 278 -62.37 -45.24 -21.11
C LYS B 278 -61.96 -46.13 -19.95
N GLU B 279 -60.77 -45.91 -19.39
CA GLU B 279 -60.30 -46.70 -18.27
C GLU B 279 -60.47 -45.95 -16.96
N GLY B 280 -61.12 -44.77 -17.01
CA GLY B 280 -61.32 -43.92 -15.84
C GLY B 280 -60.16 -42.98 -15.58
N LYS B 281 -59.27 -42.82 -16.56
CA LYS B 281 -58.12 -41.97 -16.38
C LYS B 281 -58.48 -40.57 -16.77
N THR B 282 -59.21 -39.94 -15.86
CA THR B 282 -59.80 -38.63 -16.01
C THR B 282 -58.84 -37.49 -15.81
N HIS B 283 -57.70 -37.76 -15.20
CA HIS B 283 -56.72 -36.70 -14.92
C HIS B 283 -55.29 -37.11 -15.22
N MET B 284 -54.47 -36.10 -15.49
CA MET B 284 -53.03 -36.22 -15.73
C MET B 284 -52.26 -35.23 -14.89
N ILE B 285 -50.99 -35.53 -14.63
CA ILE B 285 -50.17 -34.56 -13.92
C ILE B 285 -49.45 -33.77 -14.95
N ILE B 286 -49.68 -32.48 -14.94
CA ILE B 286 -49.14 -31.63 -15.96
C ILE B 286 -48.02 -30.77 -15.43
N ASN B 287 -46.90 -30.80 -16.12
CA ASN B 287 -45.76 -29.99 -15.72
C ASN B 287 -45.95 -28.66 -16.34
N VAL B 288 -46.04 -27.65 -15.51
CA VAL B 288 -46.27 -26.35 -16.06
C VAL B 288 -44.96 -25.73 -16.02
N GLU B 289 -44.40 -25.31 -17.12
CA GLU B 289 -43.06 -24.81 -16.99
C GLU B 289 -43.07 -23.40 -16.47
N TRP B 290 -43.25 -23.24 -15.16
CA TRP B 290 -43.41 -21.93 -14.54
C TRP B 290 -42.29 -21.07 -14.92
N GLY B 291 -41.12 -21.64 -15.04
CA GLY B 291 -39.96 -20.88 -15.35
C GLY B 291 -40.12 -20.05 -16.62
N SER B 292 -40.88 -20.55 -17.58
CA SER B 292 -41.11 -19.91 -18.86
C SER B 292 -42.22 -18.90 -18.87
N PHE B 293 -42.93 -18.77 -17.77
CA PHE B 293 -44.03 -17.85 -17.75
C PHE B 293 -43.61 -16.48 -18.13
N ASP B 294 -44.36 -15.92 -19.05
CA ASP B 294 -44.10 -14.61 -19.56
C ASP B 294 -42.67 -14.42 -20.10
N ASN B 295 -42.18 -15.37 -20.90
CA ASN B 295 -40.86 -15.21 -21.54
C ASN B 295 -40.79 -14.00 -22.44
N GLU B 296 -41.92 -13.62 -23.03
CA GLU B 296 -42.00 -12.47 -23.91
C GLU B 296 -42.01 -11.13 -23.15
N LEU B 297 -42.14 -11.21 -21.82
CA LEU B 297 -42.20 -10.10 -20.87
C LEU B 297 -43.28 -9.04 -21.04
N LYS B 298 -44.54 -9.44 -21.06
CA LYS B 298 -45.60 -8.46 -21.15
C LYS B 298 -46.05 -7.97 -19.76
N HIS B 299 -45.86 -8.79 -18.72
CA HIS B 299 -46.32 -8.42 -17.38
C HIS B 299 -45.29 -8.48 -16.22
N LEU B 300 -44.27 -9.32 -16.29
CA LEU B 300 -43.35 -9.41 -15.14
C LEU B 300 -42.66 -8.08 -14.87
N PRO B 301 -42.43 -7.74 -13.59
CA PRO B 301 -41.84 -6.50 -13.10
C PRO B 301 -40.35 -6.48 -13.33
N THR B 302 -39.99 -6.38 -14.59
CA THR B 302 -38.62 -6.41 -15.05
C THR B 302 -37.85 -5.15 -14.77
N THR B 303 -36.64 -5.29 -14.26
CA THR B 303 -35.75 -4.15 -14.09
C THR B 303 -34.47 -4.37 -14.87
N LYS B 304 -33.58 -3.38 -14.87
CA LYS B 304 -32.38 -3.52 -15.71
C LYS B 304 -31.47 -4.65 -15.27
N TYR B 305 -31.54 -5.04 -14.01
CA TYR B 305 -30.70 -6.08 -13.49
C TYR B 305 -31.14 -7.43 -14.01
N ASP B 306 -32.42 -7.56 -14.38
CA ASP B 306 -32.95 -8.82 -14.82
C ASP B 306 -32.63 -8.93 -16.29
N VAL B 307 -32.58 -7.78 -16.95
CA VAL B 307 -32.24 -7.75 -18.37
C VAL B 307 -30.82 -8.22 -18.53
N VAL B 308 -29.92 -7.77 -17.66
CA VAL B 308 -28.54 -8.21 -17.76
C VAL B 308 -28.41 -9.69 -17.52
N ILE B 309 -29.09 -10.23 -16.54
CA ILE B 309 -28.90 -11.65 -16.37
C ILE B 309 -29.41 -12.40 -17.57
N ASP B 310 -30.61 -12.06 -18.03
CA ASP B 310 -31.17 -12.77 -19.15
C ASP B 310 -30.43 -12.63 -20.46
N GLN B 311 -29.90 -11.47 -20.77
CA GLN B 311 -29.23 -11.33 -22.04
C GLN B 311 -27.74 -11.60 -22.01
N LYS B 312 -27.08 -11.41 -20.88
CA LYS B 312 -25.65 -11.59 -20.86
C LYS B 312 -25.09 -12.73 -20.02
N LEU B 313 -25.73 -13.10 -18.90
CA LEU B 313 -25.06 -14.07 -18.04
C LEU B 313 -25.59 -15.50 -18.12
N SER B 314 -26.85 -15.64 -18.42
CA SER B 314 -27.55 -16.93 -18.49
C SER B 314 -27.14 -17.83 -19.62
N THR B 315 -27.30 -19.13 -19.42
CA THR B 315 -26.97 -20.11 -20.43
C THR B 315 -28.01 -20.23 -21.52
N ASN B 316 -29.20 -19.66 -21.32
CA ASN B 316 -30.23 -19.76 -22.35
C ASN B 316 -31.08 -18.49 -22.46
N PRO B 317 -30.53 -17.39 -22.98
CA PRO B 317 -31.16 -16.10 -23.05
C PRO B 317 -32.47 -16.15 -23.79
N GLY B 318 -33.48 -15.47 -23.26
CA GLY B 318 -34.78 -15.40 -23.90
C GLY B 318 -35.74 -16.43 -23.36
N PHE B 319 -35.23 -17.36 -22.59
CA PHE B 319 -36.06 -18.38 -22.00
C PHE B 319 -35.96 -18.41 -20.50
N HIS B 320 -37.00 -18.90 -19.87
CA HIS B 320 -37.05 -19.06 -18.43
C HIS B 320 -36.91 -17.72 -17.73
N LEU B 321 -37.68 -16.76 -18.21
CA LEU B 321 -37.63 -15.44 -17.65
C LEU B 321 -38.22 -15.39 -16.25
N PHE B 322 -39.17 -16.24 -15.94
CA PHE B 322 -39.75 -16.22 -14.61
C PHE B 322 -38.72 -16.71 -13.63
N GLU B 323 -37.99 -17.77 -13.98
CA GLU B 323 -36.98 -18.28 -13.05
C GLU B 323 -35.98 -17.25 -12.71
N LYS B 324 -35.62 -16.43 -13.67
CA LYS B 324 -34.61 -15.41 -13.46
C LYS B 324 -35.02 -14.37 -12.44
N ARG B 325 -36.29 -14.34 -12.05
CA ARG B 325 -36.74 -13.43 -11.05
C ARG B 325 -36.93 -14.16 -9.73
N VAL B 326 -37.23 -15.46 -9.82
CA VAL B 326 -37.60 -16.26 -8.66
C VAL B 326 -36.63 -17.28 -8.02
N SER B 327 -35.94 -18.06 -8.82
CA SER B 327 -35.16 -19.19 -8.31
C SER B 327 -33.85 -18.86 -7.64
N GLY B 328 -33.27 -19.83 -6.91
CA GLY B 328 -32.06 -19.61 -6.15
C GLY B 328 -30.86 -19.15 -6.95
N MET B 329 -30.70 -19.62 -8.18
CA MET B 329 -29.52 -19.14 -8.88
C MET B 329 -29.57 -17.68 -9.16
N PHE B 330 -30.74 -17.13 -9.34
CA PHE B 330 -30.78 -15.76 -9.73
C PHE B 330 -31.04 -14.86 -8.56
N LEU B 331 -31.43 -15.40 -7.42
CA LEU B 331 -31.53 -14.48 -6.31
C LEU B 331 -30.10 -14.02 -6.08
N GLY B 332 -29.17 -14.97 -6.20
CA GLY B 332 -27.75 -14.73 -6.01
C GLY B 332 -27.20 -13.77 -7.04
N GLU B 333 -27.47 -14.04 -8.30
CA GLU B 333 -26.93 -13.20 -9.33
C GLU B 333 -27.51 -11.80 -9.31
N VAL B 334 -28.77 -11.63 -8.97
CA VAL B 334 -29.28 -10.27 -8.94
C VAL B 334 -28.55 -9.44 -7.92
N LEU B 335 -28.28 -9.96 -6.72
CA LEU B 335 -27.57 -9.10 -5.82
C LEU B 335 -26.22 -8.75 -6.37
N ARG B 336 -25.52 -9.71 -6.97
CA ARG B 336 -24.19 -9.38 -7.45
C ARG B 336 -24.25 -8.24 -8.44
N ASN B 337 -25.22 -8.25 -9.36
CA ASN B 337 -25.26 -7.17 -10.34
C ASN B 337 -25.58 -5.84 -9.71
N ILE B 338 -26.37 -5.84 -8.64
CA ILE B 338 -26.67 -4.58 -8.02
C ILE B 338 -25.44 -4.01 -7.37
N LEU B 339 -24.68 -4.84 -6.66
CA LEU B 339 -23.50 -4.35 -5.97
C LEU B 339 -22.49 -3.80 -6.95
N VAL B 340 -22.35 -4.44 -8.10
CA VAL B 340 -21.42 -3.94 -9.09
C VAL B 340 -21.93 -2.62 -9.64
N ASP B 341 -23.23 -2.52 -9.91
CA ASP B 341 -23.76 -1.27 -10.44
C ASP B 341 -23.66 -0.12 -9.42
N LEU B 342 -23.84 -0.40 -8.12
CA LEU B 342 -23.71 0.66 -7.12
C LEU B 342 -22.24 0.98 -6.91
N HIS B 343 -21.32 0.08 -7.30
CA HIS B 343 -19.93 0.47 -7.37
C HIS B 343 -19.76 1.52 -8.45
N SER B 344 -20.30 1.26 -9.64
CA SER B 344 -20.17 2.20 -10.75
C SER B 344 -20.77 3.57 -10.46
N GLN B 345 -21.82 3.61 -9.64
CA GLN B 345 -22.43 4.89 -9.27
C GLN B 345 -21.70 5.59 -8.14
N GLY B 346 -20.70 4.93 -7.54
CA GLY B 346 -19.92 5.46 -6.45
C GLY B 346 -20.66 5.47 -5.13
N LEU B 347 -21.61 4.57 -4.94
CA LEU B 347 -22.36 4.59 -3.71
C LEU B 347 -22.01 3.56 -2.66
N LEU B 348 -21.68 2.34 -3.05
CA LEU B 348 -21.37 1.38 -1.99
C LEU B 348 -19.88 1.13 -1.88
N LEU B 349 -19.30 0.53 -2.89
CA LEU B 349 -17.89 0.19 -2.86
C LEU B 349 -17.07 1.37 -3.32
N GLN B 350 -17.05 2.39 -2.48
CA GLN B 350 -16.47 3.68 -2.76
C GLN B 350 -14.95 3.67 -2.72
N GLN B 351 -14.36 2.65 -2.13
CA GLN B 351 -12.92 2.59 -2.00
C GLN B 351 -12.22 2.10 -3.27
N TYR B 352 -12.94 1.62 -4.28
CA TYR B 352 -12.25 1.11 -5.46
C TYR B 352 -12.24 2.13 -6.60
N ARG B 353 -11.16 2.14 -7.36
CA ARG B 353 -11.03 3.03 -8.49
C ARG B 353 -10.61 2.28 -9.74
N SER B 354 -11.58 1.74 -10.45
CA SER B 354 -12.94 1.42 -10.81
C SER B 354 -13.13 -0.10 -10.80
N LYS B 355 -14.02 -0.59 -11.66
CA LYS B 355 -14.43 -1.99 -11.70
C LYS B 355 -13.29 -2.99 -11.75
N GLU B 356 -12.20 -2.69 -12.45
CA GLU B 356 -11.12 -3.65 -12.55
C GLU B 356 -10.43 -3.94 -11.22
N GLN B 357 -10.60 -3.06 -10.24
CA GLN B 357 -9.98 -3.25 -8.93
C GLN B 357 -10.88 -4.00 -7.96
N LEU B 358 -12.11 -4.31 -8.35
CA LEU B 358 -13.01 -5.01 -7.47
C LEU B 358 -12.53 -6.42 -7.28
N PRO B 359 -12.84 -7.09 -6.18
CA PRO B 359 -12.46 -8.45 -5.94
C PRO B 359 -12.88 -9.29 -7.12
N ARG B 360 -12.03 -10.22 -7.54
CA ARG B 360 -12.42 -10.98 -8.71
C ARG B 360 -13.68 -11.80 -8.53
N HIS B 361 -14.00 -12.19 -7.29
CA HIS B 361 -15.19 -13.00 -7.15
C HIS B 361 -16.44 -12.15 -7.19
N LEU B 362 -16.30 -10.84 -7.08
CA LEU B 362 -17.46 -9.98 -7.14
C LEU B 362 -17.82 -9.72 -8.57
N THR B 363 -16.81 -9.65 -9.45
CA THR B 363 -17.15 -9.33 -10.83
C THR B 363 -17.47 -10.59 -11.64
N THR B 364 -17.04 -11.76 -11.17
CA THR B 364 -17.32 -13.03 -11.83
C THR B 364 -18.80 -13.47 -11.61
N PRO B 365 -19.56 -13.81 -12.66
CA PRO B 365 -20.95 -14.17 -12.57
C PRO B 365 -21.13 -15.46 -11.82
N PHE B 366 -22.26 -15.52 -11.12
CA PHE B 366 -22.74 -16.63 -10.33
C PHE B 366 -21.84 -17.03 -9.17
N GLN B 367 -20.96 -16.14 -8.71
CA GLN B 367 -20.16 -16.51 -7.56
C GLN B 367 -20.82 -16.15 -6.24
N LEU B 368 -21.93 -15.44 -6.31
CA LEU B 368 -22.64 -15.05 -5.11
C LEU B 368 -23.81 -16.00 -4.97
N SER B 369 -23.67 -16.97 -4.09
CA SER B 369 -24.67 -18.01 -3.89
C SER B 369 -25.90 -17.52 -3.16
N SER B 370 -27.07 -18.09 -3.43
CA SER B 370 -28.23 -17.67 -2.65
C SER B 370 -28.11 -18.09 -1.19
N GLU B 371 -27.15 -18.95 -0.90
CA GLU B 371 -26.85 -19.36 0.46
C GLU B 371 -26.35 -18.15 1.26
N VAL B 372 -25.60 -17.25 0.62
CA VAL B 372 -25.10 -16.12 1.37
C VAL B 372 -26.28 -15.22 1.59
N LEU B 373 -27.19 -15.14 0.62
CA LEU B 373 -28.33 -14.26 0.76
C LEU B 373 -29.19 -14.71 1.91
N SER B 374 -29.30 -16.01 2.10
CA SER B 374 -30.09 -16.49 3.22
C SER B 374 -29.57 -15.95 4.52
N HIS B 375 -28.26 -16.00 4.70
CA HIS B 375 -27.75 -15.48 5.95
C HIS B 375 -27.85 -13.95 6.00
N ILE B 376 -27.70 -13.28 4.86
CA ILE B 376 -27.74 -11.83 4.87
C ILE B 376 -29.09 -11.35 5.34
N GLU B 377 -30.17 -11.95 4.82
CA GLU B 377 -31.52 -11.58 5.20
C GLU B 377 -31.94 -11.94 6.60
N ILE B 378 -31.59 -13.13 7.09
CA ILE B 378 -32.04 -13.48 8.43
C ILE B 378 -31.39 -12.63 9.48
N ASP B 379 -30.16 -12.20 9.25
CA ASP B 379 -29.50 -11.44 10.26
C ASP B 379 -30.16 -10.18 10.75
N ASP B 380 -30.32 -10.20 12.06
CA ASP B 380 -30.89 -9.16 12.86
C ASP B 380 -29.75 -8.31 13.37
N SER B 381 -30.03 -7.30 14.16
CA SER B 381 -29.07 -6.32 14.69
C SER B 381 -27.59 -6.73 14.77
N THR B 382 -27.23 -7.75 15.53
CA THR B 382 -25.82 -8.02 15.70
C THR B 382 -25.30 -8.92 14.62
N GLY B 383 -26.22 -9.55 13.92
CA GLY B 383 -25.87 -10.41 12.81
C GLY B 383 -25.45 -9.48 11.68
N LEU B 384 -26.25 -8.44 11.47
CA LEU B 384 -25.98 -7.50 10.43
C LEU B 384 -24.68 -6.79 10.70
N ARG B 385 -24.47 -6.38 11.92
CA ARG B 385 -23.25 -5.71 12.21
C ARG B 385 -22.00 -6.58 12.00
N GLU B 386 -22.00 -7.83 12.50
CA GLU B 386 -20.79 -8.67 12.45
C GLU B 386 -20.74 -9.77 11.39
N THR B 387 -21.86 -10.44 11.15
CA THR B 387 -21.88 -11.60 10.29
C THR B 387 -22.03 -11.21 8.87
N GLU B 388 -22.69 -10.12 8.62
CA GLU B 388 -22.79 -9.69 7.25
C GLU B 388 -21.39 -9.49 6.71
N LEU B 389 -20.48 -8.99 7.55
CA LEU B 389 -19.14 -8.80 7.11
C LEU B 389 -18.50 -10.13 6.83
N SER B 390 -18.68 -11.13 7.71
CA SER B 390 -18.08 -12.43 7.47
C SER B 390 -18.59 -13.06 6.17
N LEU B 391 -19.89 -12.92 5.91
CA LEU B 391 -20.52 -13.49 4.74
C LEU B 391 -20.00 -12.90 3.46
N LEU B 392 -19.76 -11.60 3.45
CA LEU B 392 -19.21 -11.01 2.25
C LEU B 392 -17.69 -11.15 2.23
N GLN B 393 -17.06 -11.34 3.39
CA GLN B 393 -15.62 -11.54 3.44
C GLN B 393 -15.31 -12.83 2.68
N SER B 394 -16.22 -13.82 2.74
CA SER B 394 -16.06 -15.09 2.04
C SER B 394 -16.16 -14.96 0.51
N LEU B 395 -16.57 -13.78 0.03
CA LEU B 395 -16.66 -13.40 -1.38
C LEU B 395 -15.54 -12.37 -1.64
N ARG B 396 -14.62 -12.25 -0.67
CA ARG B 396 -13.50 -11.32 -0.63
C ARG B 396 -13.92 -9.87 -0.77
N LEU B 397 -15.04 -9.49 -0.17
CA LEU B 397 -15.51 -8.14 -0.28
C LEU B 397 -15.75 -7.47 1.06
N PRO B 398 -14.74 -6.87 1.70
CA PRO B 398 -14.89 -6.27 3.01
C PRO B 398 -15.75 -5.03 2.86
N THR B 399 -16.60 -4.76 3.84
CA THR B 399 -17.54 -3.63 3.83
C THR B 399 -17.55 -2.76 5.09
N THR B 400 -18.22 -1.61 5.02
CA THR B 400 -18.36 -0.68 6.15
C THR B 400 -19.71 -0.97 6.86
N PRO B 401 -20.00 -0.42 8.07
CA PRO B 401 -21.25 -0.62 8.81
C PRO B 401 -22.51 -0.10 8.11
N THR B 402 -22.23 0.83 7.21
CA THR B 402 -23.39 1.56 6.78
C THR B 402 -23.72 0.89 5.47
N GLU B 403 -22.67 0.37 4.86
CA GLU B 403 -22.79 -0.38 3.64
C GLU B 403 -23.54 -1.66 3.90
N ARG B 404 -23.26 -2.30 5.05
CA ARG B 404 -23.91 -3.55 5.38
C ARG B 404 -25.40 -3.41 5.54
N VAL B 405 -25.88 -2.33 6.17
CA VAL B 405 -27.33 -2.20 6.24
C VAL B 405 -27.92 -1.94 4.87
N GLN B 406 -27.24 -1.18 4.03
CA GLN B 406 -27.78 -0.94 2.71
C GLN B 406 -27.83 -2.22 1.87
N ILE B 407 -26.84 -3.10 2.05
CA ILE B 407 -26.86 -4.36 1.32
C ILE B 407 -28.00 -5.20 1.82
N GLN B 408 -28.22 -5.25 3.13
CA GLN B 408 -29.33 -6.04 3.61
C GLN B 408 -30.65 -5.56 3.04
N LYS B 409 -30.85 -4.25 2.93
CA LYS B 409 -32.11 -3.81 2.37
C LYS B 409 -32.27 -4.32 0.94
N LEU B 410 -31.19 -4.32 0.17
CA LEU B 410 -31.29 -4.82 -1.19
C LEU B 410 -31.63 -6.29 -1.18
N VAL B 411 -31.06 -7.06 -0.27
CA VAL B 411 -31.34 -8.48 -0.23
C VAL B 411 -32.78 -8.77 0.11
N ARG B 412 -33.33 -8.07 1.08
CA ARG B 412 -34.71 -8.32 1.40
C ARG B 412 -35.59 -7.92 0.22
N ALA B 413 -35.27 -6.83 -0.49
CA ALA B 413 -36.09 -6.48 -1.63
C ALA B 413 -36.04 -7.56 -2.69
N ILE B 414 -34.89 -8.19 -2.89
CA ILE B 414 -34.77 -9.23 -3.91
C ILE B 414 -35.57 -10.45 -3.52
N SER B 415 -35.46 -10.91 -2.28
CA SER B 415 -36.18 -12.12 -1.93
C SER B 415 -37.67 -11.88 -1.87
N ARG B 416 -38.09 -10.66 -1.55
CA ARG B 416 -39.51 -10.39 -1.52
C ARG B 416 -40.04 -10.38 -2.93
N ARG B 417 -39.32 -9.77 -3.87
CA ARG B 417 -39.82 -9.79 -5.23
C ARG B 417 -40.04 -11.22 -5.65
N SER B 418 -39.07 -12.08 -5.35
CA SER B 418 -39.23 -13.47 -5.72
C SER B 418 -40.37 -14.16 -5.02
N ALA B 419 -40.49 -14.00 -3.72
CA ALA B 419 -41.53 -14.69 -3.01
C ALA B 419 -42.91 -14.29 -3.47
N TYR B 420 -43.09 -13.02 -3.85
CA TYR B 420 -44.42 -12.65 -4.30
C TYR B 420 -44.65 -13.15 -5.71
N LEU B 421 -43.65 -13.10 -6.59
CA LEU B 421 -43.90 -13.60 -7.92
C LEU B 421 -44.09 -15.08 -7.88
N ALA B 422 -43.45 -15.75 -6.95
CA ALA B 422 -43.52 -17.17 -6.77
C ALA B 422 -44.93 -17.60 -6.42
N ALA B 423 -45.77 -16.70 -5.94
CA ALA B 423 -47.11 -17.04 -5.59
C ALA B 423 -48.00 -17.02 -6.83
N VAL B 424 -47.56 -16.38 -7.91
CA VAL B 424 -48.39 -16.25 -9.09
C VAL B 424 -48.83 -17.59 -9.62
N PRO B 425 -47.94 -18.55 -9.89
CA PRO B 425 -48.32 -19.86 -10.35
C PRO B 425 -49.10 -20.68 -9.35
N LEU B 426 -49.07 -20.36 -8.06
CA LEU B 426 -49.82 -21.22 -7.19
C LEU B 426 -51.24 -20.71 -7.20
N ALA B 427 -51.38 -19.38 -7.21
CA ALA B 427 -52.70 -18.84 -7.25
C ALA B 427 -53.33 -19.17 -8.57
N ALA B 428 -52.56 -19.05 -9.64
CA ALA B 428 -53.08 -19.29 -10.96
C ALA B 428 -53.53 -20.70 -11.16
N ILE B 429 -52.79 -21.68 -10.63
CA ILE B 429 -53.23 -23.05 -10.79
C ILE B 429 -54.46 -23.34 -9.96
N LEU B 430 -54.49 -22.90 -8.71
CA LEU B 430 -55.66 -23.23 -7.91
C LEU B 430 -56.90 -22.57 -8.47
N ILE B 431 -56.75 -21.37 -8.99
CA ILE B 431 -57.89 -20.69 -9.57
C ILE B 431 -58.33 -21.35 -10.87
N LYS B 432 -57.41 -21.67 -11.78
CA LYS B 432 -57.83 -22.26 -13.04
C LYS B 432 -58.62 -23.53 -12.88
N THR B 433 -58.23 -24.39 -11.94
CA THR B 433 -58.92 -25.66 -11.78
C THR B 433 -60.01 -25.60 -10.71
N ASN B 434 -60.22 -24.42 -10.13
CA ASN B 434 -61.18 -24.21 -9.08
C ASN B 434 -60.97 -25.19 -7.93
N ALA B 435 -59.71 -25.36 -7.54
CA ALA B 435 -59.32 -26.29 -6.49
C ALA B 435 -59.96 -25.93 -5.18
N LEU B 436 -60.22 -24.66 -4.99
CA LEU B 436 -60.79 -24.14 -3.78
C LEU B 436 -62.29 -24.43 -3.65
N ASN B 437 -63.01 -24.61 -4.77
CA ASN B 437 -64.44 -24.79 -4.65
C ASN B 437 -65.00 -26.02 -5.34
N LYS B 438 -64.13 -26.91 -5.84
CA LYS B 438 -64.61 -28.13 -6.51
C LYS B 438 -65.31 -29.06 -5.52
N ARG B 439 -65.06 -28.82 -4.25
CA ARG B 439 -65.61 -29.55 -3.15
C ARG B 439 -66.05 -28.55 -2.10
N TYR B 440 -67.16 -28.81 -1.42
CA TYR B 440 -67.65 -27.93 -0.37
C TYR B 440 -66.60 -27.72 0.72
N HIS B 441 -66.00 -28.83 1.16
CA HIS B 441 -65.01 -28.80 2.21
C HIS B 441 -63.88 -29.73 1.83
N GLY B 442 -62.74 -29.49 2.47
CA GLY B 442 -61.49 -30.23 2.27
C GLY B 442 -60.43 -29.21 1.90
N GLU B 443 -59.30 -29.31 2.57
CA GLU B 443 -58.18 -28.39 2.42
C GLU B 443 -57.36 -28.69 1.18
N VAL B 444 -56.66 -27.67 0.76
CA VAL B 444 -55.80 -27.75 -0.40
C VAL B 444 -54.33 -27.84 -0.03
N GLU B 445 -53.66 -28.90 -0.47
CA GLU B 445 -52.26 -28.95 -0.13
C GLU B 445 -51.34 -28.73 -1.32
N ILE B 446 -50.30 -27.99 -1.04
CA ILE B 446 -49.26 -27.76 -2.00
C ILE B 446 -47.98 -28.37 -1.43
N GLY B 447 -47.42 -29.33 -2.14
CA GLY B 447 -46.22 -30.04 -1.67
C GLY B 447 -44.99 -29.48 -2.38
N CYS B 448 -44.23 -28.59 -1.72
CA CYS B 448 -43.08 -27.93 -2.31
C CYS B 448 -41.73 -28.55 -1.82
N ASP B 449 -40.85 -28.96 -2.76
CA ASP B 449 -39.47 -29.46 -2.54
C ASP B 449 -38.56 -28.31 -2.91
N GLY B 450 -37.28 -28.49 -2.80
CA GLY B 450 -36.32 -27.48 -3.18
C GLY B 450 -35.78 -26.76 -1.97
N SER B 451 -34.50 -26.47 -1.99
CA SER B 451 -33.85 -25.81 -0.90
C SER B 451 -34.23 -24.37 -0.68
N VAL B 452 -34.73 -23.64 -1.68
CA VAL B 452 -35.05 -22.26 -1.36
C VAL B 452 -36.30 -22.27 -0.50
N VAL B 453 -37.30 -23.00 -0.91
CA VAL B 453 -38.50 -23.02 -0.08
C VAL B 453 -38.28 -23.72 1.26
N GLU B 454 -37.44 -24.75 1.31
CA GLU B 454 -37.19 -25.44 2.55
C GLU B 454 -36.33 -24.65 3.54
N TYR B 455 -35.29 -23.95 3.06
CA TYR B 455 -34.39 -23.26 3.97
C TYR B 455 -34.36 -21.73 3.93
N TYR B 456 -34.81 -21.08 2.86
CA TYR B 456 -34.63 -19.65 2.82
C TYR B 456 -35.51 -19.11 3.93
N PRO B 457 -34.98 -18.34 4.87
CA PRO B 457 -35.65 -17.86 6.05
C PRO B 457 -36.59 -16.74 5.74
N GLY B 458 -37.68 -17.08 5.09
CA GLY B 458 -38.60 -16.07 4.65
C GLY B 458 -39.61 -16.57 3.63
N PHE B 459 -39.29 -17.60 2.85
CA PHE B 459 -40.28 -18.05 1.87
C PHE B 459 -41.53 -18.66 2.43
N ARG B 460 -41.46 -19.44 3.47
CA ARG B 460 -42.69 -20.09 3.88
C ARG B 460 -43.74 -19.04 4.21
N SER B 461 -43.35 -17.99 4.92
CA SER B 461 -44.30 -16.97 5.29
C SER B 461 -44.56 -15.98 4.17
N MET B 462 -43.57 -15.67 3.34
CA MET B 462 -43.87 -14.71 2.29
C MET B 462 -44.79 -15.30 1.27
N LEU B 463 -44.71 -16.61 0.97
CA LEU B 463 -45.67 -17.15 0.04
C LEU B 463 -47.05 -17.11 0.65
N ARG B 464 -47.19 -17.45 1.92
CA ARG B 464 -48.54 -17.42 2.44
C ARG B 464 -49.13 -16.03 2.35
N HIS B 465 -48.33 -15.03 2.64
CA HIS B 465 -48.80 -13.67 2.54
C HIS B 465 -49.19 -13.33 1.11
N ALA B 466 -48.30 -13.64 0.17
CA ALA B 466 -48.56 -13.32 -1.21
C ALA B 466 -49.79 -14.04 -1.74
N LEU B 467 -50.05 -15.26 -1.27
CA LEU B 467 -51.22 -15.96 -1.76
C LEU B 467 -52.46 -15.19 -1.32
N ALA B 468 -52.47 -14.71 -0.09
CA ALA B 468 -53.60 -13.93 0.39
C ALA B 468 -53.78 -12.63 -0.41
N LEU B 469 -52.67 -12.04 -0.88
CA LEU B 469 -52.74 -10.81 -1.65
C LEU B 469 -53.27 -11.03 -3.07
N SER B 470 -52.97 -12.18 -3.64
CA SER B 470 -53.32 -12.54 -5.01
C SER B 470 -54.84 -12.71 -5.03
N PRO B 471 -55.50 -12.97 -6.18
CA PRO B 471 -56.93 -13.14 -6.35
C PRO B 471 -57.52 -14.25 -5.49
N LEU B 472 -56.70 -15.12 -4.91
CA LEU B 472 -57.22 -16.15 -4.03
C LEU B 472 -57.88 -15.47 -2.84
N GLY B 473 -57.30 -14.36 -2.40
CA GLY B 473 -57.80 -13.60 -1.28
C GLY B 473 -57.52 -14.33 0.00
N ALA B 474 -57.99 -13.76 1.10
CA ALA B 474 -57.78 -14.43 2.37
C ALA B 474 -58.55 -15.74 2.37
N GLU B 475 -59.71 -15.77 1.73
CA GLU B 475 -60.49 -16.97 1.76
C GLU B 475 -59.78 -18.11 1.08
N GLY B 476 -59.11 -17.86 -0.03
CA GLY B 476 -58.37 -18.92 -0.67
C GLY B 476 -57.17 -19.32 0.18
N GLU B 477 -56.50 -18.36 0.82
CA GLU B 477 -55.32 -18.69 1.63
C GLU B 477 -55.70 -19.63 2.76
N ARG B 478 -56.91 -19.50 3.29
CA ARG B 478 -57.38 -20.31 4.39
C ARG B 478 -57.52 -21.79 4.06
N LYS B 479 -57.56 -22.14 2.78
CA LYS B 479 -57.70 -23.53 2.35
C LYS B 479 -56.37 -24.20 2.04
N VAL B 480 -55.34 -23.37 2.06
CA VAL B 480 -54.15 -23.74 1.31
C VAL B 480 -52.98 -23.87 2.25
N HIS B 481 -52.39 -25.05 2.27
CA HIS B 481 -51.26 -25.28 3.14
C HIS B 481 -50.00 -25.52 2.37
N LEU B 482 -48.94 -24.88 2.79
CA LEU B 482 -47.66 -25.10 2.13
C LEU B 482 -46.88 -26.04 3.01
N LYS B 483 -46.61 -27.22 2.49
CA LYS B 483 -45.92 -28.26 3.20
C LYS B 483 -44.64 -28.60 2.46
N ILE B 484 -43.67 -29.19 3.14
CA ILE B 484 -42.43 -29.49 2.44
C ILE B 484 -42.23 -30.95 2.13
N ALA B 485 -42.04 -31.20 0.86
CA ALA B 485 -41.83 -32.51 0.30
C ALA B 485 -40.36 -32.81 0.38
N LYS B 486 -39.88 -32.99 1.58
CA LYS B 486 -38.45 -33.09 1.86
C LYS B 486 -37.68 -34.17 1.11
N ASP B 487 -38.28 -35.33 0.96
CA ASP B 487 -37.59 -36.44 0.33
C ASP B 487 -38.10 -36.75 -1.05
N GLY B 488 -38.87 -35.84 -1.61
CA GLY B 488 -39.68 -35.30 -2.66
C GLY B 488 -39.31 -36.00 -3.95
N SER B 489 -38.24 -35.55 -4.58
CA SER B 489 -37.86 -36.14 -5.87
C SER B 489 -37.47 -37.62 -5.84
N GLY B 490 -36.82 -38.05 -4.78
CA GLY B 490 -36.35 -39.42 -4.60
C GLY B 490 -37.49 -40.43 -4.53
N VAL B 491 -38.43 -40.15 -3.66
CA VAL B 491 -39.57 -41.00 -3.45
C VAL B 491 -40.42 -40.98 -4.69
N GLY B 492 -40.59 -39.82 -5.27
CA GLY B 492 -41.39 -39.66 -6.45
C GLY B 492 -40.89 -40.53 -7.58
N ALA B 493 -39.59 -40.49 -7.87
CA ALA B 493 -39.09 -41.32 -8.94
C ALA B 493 -39.25 -42.79 -8.60
N ALA B 494 -39.09 -43.17 -7.32
CA ALA B 494 -39.27 -44.57 -6.97
C ALA B 494 -40.71 -45.00 -7.26
N LEU B 495 -41.67 -44.12 -6.97
CA LEU B 495 -43.07 -44.41 -7.24
C LEU B 495 -43.32 -44.46 -8.73
N CYS B 496 -42.66 -43.60 -9.50
CA CYS B 496 -42.88 -43.62 -10.94
C CYS B 496 -42.41 -44.96 -11.51
N ALA B 497 -41.28 -45.48 -11.01
CA ALA B 497 -40.75 -46.76 -11.44
C ALA B 497 -41.67 -47.92 -11.00
N LEU B 498 -42.32 -47.76 -9.85
CA LEU B 498 -43.27 -48.74 -9.33
C LEU B 498 -44.47 -48.80 -10.29
N VAL B 499 -44.91 -47.63 -10.73
CA VAL B 499 -46.01 -47.45 -11.69
C VAL B 499 -45.69 -48.01 -13.09
N ALA B 500 -44.49 -47.69 -13.65
CA ALA B 500 -43.95 -48.14 -14.95
C ALA B 500 -44.84 -47.78 -16.18
N MET C 1 20.16 -22.25 -9.60
CA MET C 1 19.97 -20.81 -9.38
C MET C 1 18.99 -20.48 -8.22
N SER C 2 19.53 -20.09 -7.05
CA SER C 2 18.79 -19.69 -5.85
C SER C 2 18.41 -18.23 -6.02
N PHE C 3 17.58 -17.69 -5.14
CA PHE C 3 17.22 -16.29 -5.30
C PHE C 3 18.45 -15.41 -5.28
N ASP C 4 19.43 -15.76 -4.44
CA ASP C 4 20.65 -14.99 -4.32
C ASP C 4 21.48 -15.03 -5.62
N ASP C 5 21.36 -16.10 -6.43
CA ASP C 5 22.17 -16.17 -7.63
C ASP C 5 21.49 -15.38 -8.71
N LEU C 6 20.16 -15.38 -8.66
CA LEU C 6 19.37 -14.63 -9.61
C LEU C 6 19.56 -13.15 -9.35
N HIS C 7 19.69 -12.78 -8.06
CA HIS C 7 19.92 -11.40 -7.71
C HIS C 7 21.30 -10.97 -8.17
N LYS C 8 22.30 -11.85 -8.04
CA LYS C 8 23.62 -11.48 -8.53
C LYS C 8 23.62 -11.28 -10.03
N ALA C 9 22.87 -12.10 -10.77
CA ALA C 9 22.83 -11.88 -12.20
C ALA C 9 22.30 -10.48 -12.51
N THR C 10 21.29 -10.04 -11.74
CA THR C 10 20.79 -8.70 -11.93
C THR C 10 21.84 -7.66 -11.56
N GLU C 11 22.56 -7.88 -10.46
CA GLU C 11 23.56 -6.91 -10.05
C GLU C 11 24.64 -6.78 -11.10
N ARG C 12 24.99 -7.88 -11.77
CA ARG C 12 25.99 -7.78 -12.80
C ARG C 12 25.49 -6.90 -13.93
N ALA C 13 24.20 -6.98 -14.28
CA ALA C 13 23.67 -6.12 -15.33
C ALA C 13 23.76 -4.65 -14.93
N VAL C 14 23.53 -4.38 -13.64
CA VAL C 14 23.58 -3.02 -13.14
C VAL C 14 24.98 -2.50 -13.23
N ILE C 15 25.92 -3.34 -12.82
CA ILE C 15 27.32 -2.99 -12.83
C ILE C 15 27.78 -2.72 -14.22
N GLN C 16 27.42 -3.55 -15.19
CA GLN C 16 27.90 -3.24 -16.50
C GLN C 16 27.43 -1.88 -16.95
N ALA C 17 26.17 -1.51 -16.71
CA ALA C 17 25.75 -0.19 -17.15
C ALA C 17 26.53 0.92 -16.45
N VAL C 18 26.78 0.76 -15.16
CA VAL C 18 27.52 1.77 -14.43
C VAL C 18 28.95 1.86 -14.90
N ASP C 19 29.60 0.73 -15.14
CA ASP C 19 30.96 0.79 -15.64
C ASP C 19 30.99 1.42 -17.02
N GLN C 20 29.99 1.15 -17.87
CA GLN C 20 30.02 1.77 -19.18
C GLN C 20 29.97 3.27 -19.03
N ILE C 21 29.15 3.74 -18.11
CA ILE C 21 29.06 5.16 -17.91
C ILE C 21 30.37 5.68 -17.38
N CYS C 22 30.95 5.00 -16.40
CA CYS C 22 32.19 5.51 -15.85
C CYS C 22 33.28 5.63 -16.92
N ASP C 23 33.35 4.67 -17.84
CA ASP C 23 34.32 4.72 -18.91
C ASP C 23 34.02 5.81 -19.93
N ASP C 24 32.74 6.14 -20.13
CA ASP C 24 32.40 7.21 -21.09
C ASP C 24 32.84 8.54 -20.50
N PHE C 25 32.73 8.66 -19.19
CA PHE C 25 33.09 9.86 -18.45
C PHE C 25 34.60 10.08 -18.28
N GLU C 26 35.37 9.04 -18.02
CA GLU C 26 36.79 9.29 -17.80
C GLU C 26 37.47 9.95 -18.98
N VAL C 27 38.26 10.98 -18.67
CA VAL C 27 39.04 11.67 -19.67
C VAL C 27 40.42 11.07 -19.72
N THR C 28 40.80 10.62 -20.89
CA THR C 28 42.09 10.00 -21.12
C THR C 28 43.04 11.10 -21.55
N PRO C 29 44.35 11.05 -21.22
CA PRO C 29 45.34 12.03 -21.64
C PRO C 29 45.31 12.31 -23.12
N GLU C 30 44.95 11.34 -23.95
CA GLU C 30 44.91 11.66 -25.38
C GLU C 30 43.92 12.79 -25.68
N LYS C 31 42.80 12.84 -24.96
CA LYS C 31 41.81 13.85 -25.22
C LYS C 31 42.23 15.08 -24.47
N LEU C 32 42.89 14.89 -23.35
CA LEU C 32 43.32 16.04 -22.58
C LEU C 32 44.28 16.87 -23.46
N ASP C 33 45.10 16.19 -24.28
CA ASP C 33 46.01 16.89 -25.18
C ASP C 33 45.28 17.50 -26.37
N GLU C 34 44.27 16.81 -26.93
CA GLU C 34 43.56 17.42 -28.05
C GLU C 34 42.88 18.68 -27.60
N LEU C 35 42.35 18.64 -26.38
CA LEU C 35 41.64 19.75 -25.82
C LEU C 35 42.56 20.88 -25.47
N THR C 36 43.74 20.61 -24.94
CA THR C 36 44.62 21.71 -24.63
C THR C 36 44.98 22.43 -25.90
N ALA C 37 45.32 21.68 -26.93
CA ALA C 37 45.70 22.28 -28.18
C ALA C 37 44.55 23.04 -28.81
N TYR C 38 43.34 22.51 -28.72
CA TYR C 38 42.20 23.18 -29.31
C TYR C 38 41.89 24.43 -28.55
N PHE C 39 42.01 24.38 -27.23
CA PHE C 39 41.73 25.51 -26.38
C PHE C 39 42.65 26.62 -26.79
N ILE C 40 43.93 26.31 -27.01
CA ILE C 40 44.84 27.38 -27.41
C ILE C 40 44.43 27.94 -28.76
N GLU C 41 44.09 27.09 -29.73
CA GLU C 41 43.66 27.62 -31.02
C GLU C 41 42.45 28.52 -30.88
N GLN C 42 41.46 28.12 -30.06
CA GLN C 42 40.32 28.98 -29.92
C GLN C 42 40.70 30.23 -29.15
N MET C 43 41.69 30.16 -28.25
CA MET C 43 42.06 31.39 -27.57
C MET C 43 42.60 32.41 -28.54
N GLU C 44 43.37 31.97 -29.53
CA GLU C 44 43.88 32.96 -30.48
C GLU C 44 42.73 33.55 -31.28
N LYS C 45 41.76 32.72 -31.65
CA LYS C 45 40.62 33.21 -32.42
C LYS C 45 39.80 34.18 -31.58
N GLY C 46 39.72 33.94 -30.28
CA GLY C 46 38.96 34.74 -29.34
C GLY C 46 39.47 36.18 -29.18
N LEU C 47 40.71 36.43 -29.63
CA LEU C 47 41.32 37.75 -29.57
C LEU C 47 41.23 38.48 -30.89
N ALA C 48 40.79 37.77 -31.94
CA ALA C 48 40.77 38.28 -33.30
C ALA C 48 39.52 39.11 -33.56
N PRO C 49 39.54 40.02 -34.53
CA PRO C 49 38.37 40.72 -34.98
C PRO C 49 37.36 39.67 -35.45
N PRO C 50 36.04 39.92 -35.33
CA PRO C 50 34.94 39.08 -35.74
C PRO C 50 34.80 39.05 -37.24
N LYS C 51 34.12 38.04 -37.76
CA LYS C 51 33.85 37.99 -39.19
C LYS C 51 32.44 38.51 -39.42
N GLU C 52 32.13 38.81 -40.66
CA GLU C 52 30.81 39.30 -40.96
C GLU C 52 29.78 38.29 -40.49
N GLY C 53 28.73 38.77 -39.85
CA GLY C 53 27.67 37.90 -39.35
C GLY C 53 27.85 37.52 -37.89
N HIS C 54 29.00 37.89 -37.31
CA HIS C 54 29.28 37.57 -35.91
C HIS C 54 29.00 38.77 -35.01
N THR C 55 28.58 38.51 -33.78
CA THR C 55 28.41 39.54 -32.77
C THR C 55 28.79 38.93 -31.44
N LEU C 56 28.52 39.59 -30.34
CA LEU C 56 28.90 38.97 -29.06
C LEU C 56 27.76 38.17 -28.45
N ALA C 57 26.53 38.61 -28.68
CA ALA C 57 25.36 37.92 -28.13
C ALA C 57 25.32 36.52 -28.73
N SER C 58 25.76 36.43 -29.98
CA SER C 58 25.86 35.21 -30.73
C SER C 58 27.21 35.20 -31.42
N ASP C 59 28.08 34.35 -30.92
CA ASP C 59 29.44 34.21 -31.35
C ASP C 59 29.88 32.77 -31.61
N LYS C 60 29.82 31.96 -30.57
CA LYS C 60 30.31 30.61 -30.53
C LYS C 60 31.83 30.72 -30.55
N GLY C 61 32.51 29.64 -30.27
CA GLY C 61 33.95 29.72 -30.13
C GLY C 61 34.24 30.20 -28.72
N LEU C 62 35.47 30.65 -28.46
CA LEU C 62 35.89 30.98 -27.11
C LEU C 62 36.22 32.44 -26.99
N PRO C 63 35.27 33.33 -26.77
CA PRO C 63 35.47 34.73 -26.82
C PRO C 63 36.27 35.15 -25.64
N MET C 64 37.01 36.23 -25.82
CA MET C 64 37.69 36.84 -24.71
C MET C 64 37.31 38.28 -24.50
N ILE C 65 37.31 38.70 -23.25
CA ILE C 65 37.01 40.08 -22.94
C ILE C 65 38.22 40.83 -22.37
N PRO C 66 38.70 41.89 -23.03
CA PRO C 66 39.86 42.66 -22.66
C PRO C 66 39.60 43.63 -21.53
N ALA C 67 39.37 43.10 -20.34
CA ALA C 67 39.05 43.96 -19.22
C ALA C 67 40.17 44.99 -19.00
N PHE C 68 39.78 46.23 -18.81
CA PHE C 68 40.73 47.31 -18.72
C PHE C 68 41.26 47.59 -17.34
N VAL C 69 41.99 46.63 -16.81
CA VAL C 69 42.53 46.80 -15.47
C VAL C 69 43.93 47.40 -15.49
N THR C 70 44.78 46.89 -16.36
CA THR C 70 46.07 46.78 -17.01
C THR C 70 47.20 46.73 -15.98
N GLY C 71 47.20 45.71 -15.13
CA GLY C 71 48.23 45.59 -14.10
C GLY C 71 47.74 44.77 -12.94
N SER C 72 48.53 44.69 -11.88
CA SER C 72 48.19 43.90 -10.71
C SER C 72 48.72 44.59 -9.45
N PRO C 73 48.10 44.41 -8.28
CA PRO C 73 48.45 44.96 -6.99
C PRO C 73 49.66 44.29 -6.41
N ASN C 74 50.26 44.93 -5.41
CA ASN C 74 51.34 44.27 -4.68
C ASN C 74 51.06 44.19 -3.20
N GLY C 75 49.85 44.49 -2.74
CA GLY C 75 49.55 44.33 -1.34
C GLY C 75 49.67 45.60 -0.54
N THR C 76 50.18 46.68 -1.15
CA THR C 76 50.34 47.93 -0.42
C THR C 76 49.12 48.82 -0.57
N GLU C 77 48.18 48.44 -1.41
CA GLU C 77 47.00 49.25 -1.62
C GLU C 77 46.23 49.32 -0.30
N ARG C 78 45.74 50.51 0.01
CA ARG C 78 45.00 50.77 1.25
C ARG C 78 43.75 51.61 1.02
N GLY C 79 42.74 51.41 1.88
CA GLY C 79 41.51 52.22 1.83
C GLY C 79 40.27 51.37 2.05
N VAL C 80 39.13 52.01 2.34
CA VAL C 80 37.92 51.22 2.58
C VAL C 80 36.93 51.42 1.46
N LEU C 81 36.61 50.32 0.78
CA LEU C 81 35.70 50.37 -0.36
C LEU C 81 34.59 49.33 -0.24
N LEU C 82 33.46 49.61 -0.87
CA LEU C 82 32.36 48.67 -0.88
C LEU C 82 32.49 47.78 -2.08
N ALA C 83 31.92 46.60 -2.01
CA ALA C 83 31.90 45.72 -3.15
C ALA C 83 30.59 44.96 -3.24
N ALA C 84 30.06 44.83 -4.43
CA ALA C 84 28.87 44.04 -4.65
C ALA C 84 29.26 42.88 -5.53
N ASP C 85 28.70 41.71 -5.30
CA ASP C 85 28.98 40.52 -6.09
C ASP C 85 27.77 39.69 -6.47
N LEU C 86 27.33 39.80 -7.72
CA LEU C 86 26.14 39.09 -8.16
C LEU C 86 26.34 37.96 -9.12
N GLY C 87 25.59 36.89 -8.91
CA GLY C 87 25.50 35.91 -10.00
C GLY C 87 25.63 34.44 -9.74
N GLY C 88 25.72 34.02 -8.49
CA GLY C 88 25.84 32.60 -8.25
C GLY C 88 24.47 32.16 -7.83
N THR C 89 24.39 31.48 -6.71
CA THR C 89 23.09 31.14 -6.19
C THR C 89 22.66 32.33 -5.38
N ASN C 90 23.65 33.17 -5.08
CA ASN C 90 23.53 34.30 -4.23
C ASN C 90 24.19 35.59 -4.73
N PHE C 91 24.06 36.57 -3.86
CA PHE C 91 24.56 37.91 -3.97
C PHE C 91 25.22 38.34 -2.66
N ARG C 92 26.38 38.98 -2.76
CA ARG C 92 27.10 39.45 -1.57
C ARG C 92 27.46 40.92 -1.60
N ILE C 93 27.40 41.56 -0.45
CA ILE C 93 27.91 42.92 -0.32
C ILE C 93 28.94 42.95 0.77
N CYS C 94 30.08 43.51 0.43
CA CYS C 94 31.17 43.61 1.33
C CYS C 94 31.62 45.02 1.57
N SER C 95 32.27 45.20 2.69
CA SER C 95 32.96 46.45 2.96
C SER C 95 34.35 46.00 3.30
N VAL C 96 35.28 46.30 2.42
CA VAL C 96 36.62 45.79 2.54
C VAL C 96 37.59 46.86 2.89
N ASN C 97 38.22 46.66 4.02
CA ASN C 97 39.22 47.56 4.50
C ASN C 97 40.58 47.03 4.09
N LEU C 98 41.16 47.63 3.06
CA LEU C 98 42.44 47.17 2.54
C LEU C 98 43.46 47.80 3.47
N HIS C 99 44.40 47.01 4.00
CA HIS C 99 45.33 47.60 4.96
C HIS C 99 46.73 47.93 4.48
N GLY C 100 47.11 47.46 3.31
CA GLY C 100 48.43 47.74 2.79
C GLY C 100 49.55 46.76 3.19
N ASP C 101 49.22 45.59 3.73
CA ASP C 101 50.17 44.58 4.16
C ASP C 101 49.79 43.22 3.65
N HIS C 102 49.15 43.16 2.49
CA HIS C 102 48.63 41.92 1.92
C HIS C 102 47.42 41.35 2.67
N THR C 103 46.78 42.12 3.55
CA THR C 103 45.57 41.64 4.21
C THR C 103 44.50 42.71 4.16
N PHE C 104 43.31 42.32 4.53
CA PHE C 104 42.18 43.19 4.56
C PHE C 104 41.22 42.71 5.62
N SER C 105 40.36 43.60 6.07
CA SER C 105 39.31 43.20 7.00
C SER C 105 37.98 43.34 6.28
N MET C 106 37.28 42.23 6.12
CA MET C 106 36.03 42.27 5.37
C MET C 106 34.77 42.06 6.19
N GLU C 107 33.85 42.99 6.01
CA GLU C 107 32.53 42.87 6.61
C GLU C 107 31.65 42.32 5.50
N GLN C 108 30.67 41.50 5.82
CA GLN C 108 29.82 40.98 4.76
C GLN C 108 28.37 40.75 5.12
N MET C 109 27.50 40.99 4.16
CA MET C 109 26.12 40.58 4.24
C MET C 109 25.84 39.79 2.98
N LYS C 110 25.13 38.68 3.09
CA LYS C 110 24.83 37.94 1.87
C LYS C 110 23.43 37.43 1.87
N SER C 111 22.89 37.23 0.69
CA SER C 111 21.56 36.65 0.55
C SER C 111 21.43 35.84 -0.73
N LYS C 112 20.49 34.92 -0.72
CA LYS C 112 20.18 34.11 -1.88
C LYS C 112 19.46 34.93 -2.92
N ILE C 113 19.70 34.66 -4.20
CA ILE C 113 18.94 35.35 -5.22
C ILE C 113 17.56 34.70 -5.15
N PRO C 114 16.48 35.45 -4.93
CA PRO C 114 15.15 34.92 -4.80
C PRO C 114 14.76 34.32 -6.12
N ASP C 115 13.95 33.28 -6.07
CA ASP C 115 13.54 32.53 -7.26
C ASP C 115 12.64 33.35 -8.16
N ASP C 116 12.11 34.44 -7.62
CA ASP C 116 11.28 35.34 -8.38
C ASP C 116 12.07 35.89 -9.56
N LEU C 117 13.39 35.92 -9.45
CA LEU C 117 14.25 36.44 -10.48
C LEU C 117 14.82 35.39 -11.42
N LEU C 118 14.65 34.12 -11.11
CA LEU C 118 15.29 33.04 -11.89
C LEU C 118 14.38 32.16 -12.73
N ASP C 119 13.16 31.91 -12.28
CA ASP C 119 12.30 30.94 -12.97
C ASP C 119 11.34 31.51 -14.01
N ASP C 120 11.45 32.79 -14.32
CA ASP C 120 10.48 33.41 -15.23
C ASP C 120 11.08 34.41 -16.23
N GLU C 121 10.81 34.18 -17.50
CA GLU C 121 11.26 35.01 -18.62
C GLU C 121 10.67 36.41 -18.56
N ASN C 122 9.60 36.58 -17.79
CA ASN C 122 8.90 37.84 -17.69
C ASN C 122 9.42 38.71 -16.55
N VAL C 123 10.54 38.30 -15.96
CA VAL C 123 11.23 39.09 -14.94
C VAL C 123 11.92 40.22 -15.66
N THR C 124 11.85 41.42 -15.12
CA THR C 124 12.49 42.56 -15.78
C THR C 124 13.76 43.05 -15.09
N SER C 125 14.45 43.98 -15.75
CA SER C 125 15.65 44.60 -15.25
C SER C 125 15.42 45.31 -13.95
N ASP C 126 14.21 45.81 -13.74
CA ASP C 126 13.88 46.50 -12.52
C ASP C 126 13.72 45.55 -11.35
N ASP C 127 13.47 44.28 -11.60
CA ASP C 127 13.30 43.40 -10.47
C ASP C 127 14.66 42.97 -10.02
N LEU C 128 15.56 42.73 -10.97
CA LEU C 128 16.90 42.30 -10.56
C LEU C 128 17.68 43.43 -9.96
N PHE C 129 17.67 44.57 -10.59
CA PHE C 129 18.45 45.64 -10.06
C PHE C 129 17.76 46.25 -8.85
N GLY C 130 16.42 46.17 -8.76
CA GLY C 130 15.73 46.68 -7.59
C GLY C 130 16.15 45.85 -6.39
N PHE C 131 16.28 44.53 -6.60
CA PHE C 131 16.76 43.61 -5.58
C PHE C 131 18.13 44.00 -5.09
N LEU C 132 19.05 44.24 -6.01
CA LEU C 132 20.39 44.56 -5.57
C LEU C 132 20.39 45.85 -4.77
N ALA C 133 19.62 46.85 -5.20
CA ALA C 133 19.61 48.09 -4.45
C ALA C 133 19.01 47.90 -3.06
N ARG C 134 17.98 47.07 -2.92
CA ARG C 134 17.40 46.86 -1.59
C ARG C 134 18.36 46.15 -0.66
N ARG C 135 19.13 45.21 -1.20
CA ARG C 135 20.09 44.54 -0.35
C ARG C 135 21.19 45.50 0.02
N THR C 136 21.51 46.46 -0.86
CA THR C 136 22.52 47.45 -0.57
C THR C 136 22.04 48.31 0.59
N LEU C 137 20.76 48.68 0.63
CA LEU C 137 20.29 49.45 1.78
C LEU C 137 20.47 48.65 3.05
N ALA C 138 20.15 47.35 3.00
CA ALA C 138 20.28 46.54 4.19
C ALA C 138 21.73 46.50 4.65
N PHE C 139 22.66 46.41 3.72
CA PHE C 139 24.06 46.38 4.08
C PHE C 139 24.45 47.65 4.78
N MET C 140 24.09 48.78 4.19
CA MET C 140 24.50 50.04 4.78
C MET C 140 23.93 50.21 6.18
N LYS C 141 22.70 49.77 6.40
CA LYS C 141 22.08 49.88 7.73
C LYS C 141 22.82 49.09 8.81
N LYS C 142 23.57 48.07 8.43
CA LYS C 142 24.25 47.25 9.40
C LYS C 142 25.70 47.67 9.61
N TYR C 143 26.38 48.06 8.54
CA TYR C 143 27.80 48.37 8.69
C TYR C 143 28.14 49.86 8.63
N HIS C 144 27.36 50.65 7.90
CA HIS C 144 27.63 52.07 7.77
C HIS C 144 26.32 52.85 7.87
N PRO C 145 25.53 52.69 8.96
CA PRO C 145 24.23 53.29 9.13
C PRO C 145 24.29 54.79 9.17
N ASP C 146 25.45 55.31 9.51
CA ASP C 146 25.65 56.73 9.61
C ASP C 146 25.76 57.35 8.26
N GLU C 147 26.32 56.63 7.30
CA GLU C 147 26.51 57.22 6.00
C GLU C 147 25.15 57.27 5.36
N LEU C 148 24.36 56.24 5.64
CA LEU C 148 23.04 56.17 5.06
C LEU C 148 22.16 57.25 5.67
N ALA C 149 22.26 57.43 7.00
CA ALA C 149 21.50 58.45 7.70
C ALA C 149 21.87 59.86 7.25
N LYS C 150 23.16 60.07 6.96
CA LYS C 150 23.65 61.37 6.55
C LYS C 150 23.55 61.63 5.05
N GLY C 151 23.40 60.58 4.23
CA GLY C 151 23.26 60.78 2.80
C GLY C 151 21.94 61.52 2.63
N LYS C 152 21.76 62.35 1.60
CA LYS C 152 22.65 62.67 0.48
C LYS C 152 23.91 63.46 0.79
N ASP C 153 24.01 64.06 1.97
CA ASP C 153 25.15 64.92 2.21
C ASP C 153 26.44 64.16 2.43
N ALA C 154 26.35 63.03 3.13
CA ALA C 154 27.55 62.21 3.30
C ALA C 154 27.91 61.64 1.94
N LYS C 155 29.20 61.67 1.60
CA LYS C 155 29.62 61.14 0.32
C LYS C 155 31.14 61.14 0.18
N PRO C 156 31.65 60.44 -0.83
CA PRO C 156 31.08 59.39 -1.66
C PRO C 156 31.31 58.06 -0.99
N MET C 157 30.53 57.07 -1.34
CA MET C 157 30.97 55.71 -1.08
C MET C 157 31.45 55.17 -2.42
N LYS C 158 32.60 54.51 -2.44
CA LYS C 158 33.05 53.92 -3.70
C LYS C 158 32.77 52.45 -3.74
N LEU C 159 31.96 52.02 -4.70
CA LEU C 159 31.64 50.61 -4.80
C LEU C 159 32.16 49.93 -6.07
N GLY C 160 32.73 48.76 -5.89
CA GLY C 160 33.12 47.95 -7.03
C GLY C 160 31.99 46.98 -7.25
N PHE C 161 31.69 46.65 -8.49
CA PHE C 161 30.61 45.72 -8.76
C PHE C 161 31.05 44.55 -9.59
N THR C 162 31.08 43.38 -8.99
CA THR C 162 31.41 42.17 -9.67
C THR C 162 30.11 41.64 -10.20
N PHE C 163 30.09 41.38 -11.48
CA PHE C 163 28.91 40.89 -12.13
C PHE C 163 29.33 39.70 -12.94
N SER C 164 28.95 38.50 -12.53
CA SER C 164 29.49 37.31 -13.16
C SER C 164 28.82 36.88 -14.45
N TYR C 165 28.84 37.75 -15.45
CA TYR C 165 28.23 37.48 -16.74
C TYR C 165 29.18 38.03 -17.77
N PRO C 166 29.23 37.56 -19.01
CA PRO C 166 30.10 38.15 -19.97
C PRO C 166 29.66 39.59 -20.13
N VAL C 167 30.60 40.51 -20.06
CA VAL C 167 30.32 41.92 -20.23
C VAL C 167 31.19 42.54 -21.28
N ASP C 168 30.58 43.26 -22.17
CA ASP C 168 31.27 43.92 -23.23
C ASP C 168 31.80 45.21 -22.65
N GLN C 169 32.93 45.08 -21.95
CA GLN C 169 33.51 46.16 -21.20
C GLN C 169 34.20 47.11 -22.15
N THR C 170 34.01 48.42 -21.95
CA THR C 170 34.70 49.39 -22.79
C THR C 170 35.68 50.17 -21.96
N SER C 171 35.42 50.20 -20.66
CA SER C 171 36.21 50.90 -19.67
C SER C 171 36.07 50.18 -18.38
N LEU C 172 37.03 50.29 -17.47
CA LEU C 172 36.82 49.60 -16.21
C LEU C 172 35.53 50.08 -15.56
N ASN C 173 35.13 51.33 -15.78
CA ASN C 173 33.89 51.84 -15.23
C ASN C 173 32.62 51.18 -15.76
N SER C 174 32.56 50.73 -17.00
CA SER C 174 31.29 50.20 -17.50
C SER C 174 31.38 49.31 -18.75
N GLY C 175 30.24 48.66 -19.03
CA GLY C 175 30.07 47.83 -20.21
C GLY C 175 28.67 47.26 -20.23
N THR C 176 28.36 46.51 -21.27
CA THR C 176 27.01 45.98 -21.37
C THR C 176 26.94 44.48 -21.24
N LEU C 177 25.77 44.00 -20.90
CA LEU C 177 25.61 42.57 -20.81
C LEU C 177 25.57 41.94 -22.19
N ILE C 178 26.33 40.88 -22.38
CA ILE C 178 26.34 40.21 -23.67
C ILE C 178 25.19 39.23 -23.80
N ARG C 179 24.99 38.44 -22.76
CA ARG C 179 23.95 37.45 -22.71
C ARG C 179 23.71 37.09 -21.28
N TRP C 180 22.57 36.56 -20.96
CA TRP C 180 22.47 35.98 -19.64
C TRP C 180 22.86 34.56 -19.73
N THR C 181 23.49 34.10 -18.70
CA THR C 181 23.84 32.73 -18.54
C THR C 181 23.61 32.26 -17.13
N LYS C 182 23.87 31.00 -16.91
CA LYS C 182 23.80 30.40 -15.61
C LYS C 182 22.52 30.59 -14.81
N GLY C 183 21.36 30.42 -15.41
CA GLY C 183 20.15 30.54 -14.62
C GLY C 183 19.34 31.83 -14.78
N PHE C 184 19.92 32.90 -15.30
CA PHE C 184 19.08 34.08 -15.51
C PHE C 184 18.49 34.11 -16.91
N ARG C 185 17.25 34.56 -17.00
CA ARG C 185 16.55 34.69 -18.28
C ARG C 185 16.05 36.11 -18.52
N ILE C 186 16.62 37.09 -17.84
CA ILE C 186 16.07 38.43 -17.92
C ILE C 186 16.51 39.14 -19.19
N ALA C 187 15.76 38.89 -20.23
CA ALA C 187 16.09 39.33 -21.56
C ALA C 187 16.20 40.83 -21.75
N ASP C 188 15.47 41.64 -20.99
CA ASP C 188 15.53 43.06 -21.32
C ASP C 188 16.76 43.79 -20.77
N THR C 189 17.71 43.07 -20.17
CA THR C 189 18.95 43.71 -19.75
C THR C 189 20.06 43.34 -20.71
N VAL C 190 19.78 42.53 -21.70
CA VAL C 190 20.85 42.14 -22.59
C VAL C 190 21.09 43.32 -23.51
N GLY C 191 22.33 43.76 -23.61
CA GLY C 191 22.65 44.91 -24.42
C GLY C 191 22.64 46.21 -23.62
N LYS C 192 22.17 46.16 -22.37
CA LYS C 192 22.16 47.38 -21.56
C LYS C 192 23.36 47.50 -20.68
N ASP C 193 23.64 48.73 -20.29
CA ASP C 193 24.74 49.01 -19.40
C ASP C 193 24.43 48.55 -17.99
N VAL C 194 25.25 47.63 -17.54
CA VAL C 194 25.09 46.97 -16.26
C VAL C 194 25.22 47.93 -15.11
N VAL C 195 26.16 48.84 -15.19
CA VAL C 195 26.33 49.78 -14.11
C VAL C 195 25.20 50.73 -14.15
N GLN C 196 24.84 51.20 -15.32
CA GLN C 196 23.75 52.16 -15.34
C GLN C 196 22.52 51.59 -14.65
N LEU C 197 22.16 50.34 -14.90
CA LEU C 197 20.96 49.84 -14.26
C LEU C 197 21.10 49.78 -12.74
N TYR C 198 22.26 49.37 -12.25
CA TYR C 198 22.44 49.29 -10.80
C TYR C 198 22.50 50.65 -10.16
N GLN C 199 23.20 51.57 -10.79
CA GLN C 199 23.37 52.90 -10.24
C GLN C 199 22.05 53.62 -10.13
N GLU C 200 21.19 53.46 -11.13
CA GLU C 200 19.90 54.12 -11.08
C GLU C 200 19.05 53.55 -9.96
N GLN C 201 19.11 52.24 -9.75
CA GLN C 201 18.31 51.69 -8.67
C GLN C 201 18.85 52.12 -7.32
N LEU C 202 20.17 52.29 -7.19
CA LEU C 202 20.65 52.73 -5.90
C LEU C 202 20.08 54.10 -5.57
N SER C 203 20.02 55.00 -6.56
CA SER C 203 19.44 56.31 -6.30
C SER C 203 17.95 56.20 -6.01
N ALA C 204 17.25 55.31 -6.73
CA ALA C 204 15.81 55.11 -6.56
C ALA C 204 15.45 54.69 -5.15
N GLN C 205 16.34 53.93 -4.51
CA GLN C 205 16.14 53.43 -3.17
C GLN C 205 16.62 54.38 -2.08
N GLY C 206 17.14 55.54 -2.43
CA GLY C 206 17.60 56.47 -1.41
C GLY C 206 19.10 56.52 -1.17
N MET C 207 19.92 55.97 -2.07
CA MET C 207 21.36 56.03 -1.86
C MET C 207 22.12 56.70 -3.00
N PRO C 208 21.90 58.00 -3.30
CA PRO C 208 22.58 58.76 -4.34
C PRO C 208 24.05 58.96 -3.99
N MET C 209 24.36 58.69 -2.72
CA MET C 209 25.66 58.78 -2.09
C MET C 209 26.62 57.67 -2.54
N ILE C 210 26.09 56.55 -3.07
CA ILE C 210 26.96 55.45 -3.46
C ILE C 210 27.16 55.49 -4.95
N LYS C 211 28.41 55.55 -5.35
CA LYS C 211 28.75 55.58 -6.76
C LYS C 211 29.41 54.29 -7.13
N VAL C 212 28.97 53.71 -8.22
CA VAL C 212 29.60 52.51 -8.67
C VAL C 212 30.78 53.00 -9.47
N VAL C 213 31.94 52.60 -9.04
CA VAL C 213 33.19 53.04 -9.62
C VAL C 213 33.70 52.10 -10.67
N ALA C 214 33.58 50.81 -10.42
CA ALA C 214 34.14 49.87 -11.38
C ALA C 214 33.27 48.66 -11.58
N LEU C 215 33.21 48.19 -12.80
CA LEU C 215 32.47 46.97 -13.14
C LEU C 215 33.47 45.90 -13.49
N THR C 216 33.41 44.80 -12.80
CA THR C 216 34.39 43.78 -13.07
C THR C 216 33.79 42.40 -13.17
N ASN C 217 34.60 41.43 -13.50
CA ASN C 217 34.13 40.06 -13.55
C ASN C 217 34.57 39.40 -12.25
N ASP C 218 34.20 38.15 -12.07
CA ASP C 218 34.55 37.45 -10.85
C ASP C 218 35.93 36.93 -11.07
N THR C 219 36.25 36.61 -12.32
CA THR C 219 37.56 36.07 -12.60
C THR C 219 38.63 37.09 -12.37
N VAL C 220 38.33 38.33 -12.71
CA VAL C 220 39.26 39.43 -12.59
C VAL C 220 39.41 39.76 -11.15
N GLY C 221 38.28 39.86 -10.44
CA GLY C 221 38.39 40.20 -9.06
C GLY C 221 39.22 39.16 -8.32
N THR C 222 39.04 37.88 -8.65
CA THR C 222 39.79 36.83 -8.02
C THR C 222 41.26 36.96 -8.26
N TYR C 223 41.67 37.22 -9.51
CA TYR C 223 43.07 37.37 -9.81
C TYR C 223 43.67 38.49 -9.00
N LEU C 224 43.01 39.63 -8.98
CA LEU C 224 43.56 40.77 -8.29
C LEU C 224 43.61 40.55 -6.79
N SER C 225 42.62 39.89 -6.23
CA SER C 225 42.60 39.60 -4.81
C SER C 225 43.75 38.70 -4.46
N HIS C 226 43.96 37.68 -5.29
CA HIS C 226 45.04 36.75 -5.09
C HIS C 226 46.37 37.48 -5.12
N CYS C 227 46.53 38.39 -6.08
CA CYS C 227 47.76 39.15 -6.21
C CYS C 227 48.01 40.01 -4.98
N TYR C 228 46.95 40.63 -4.47
CA TYR C 228 47.04 41.50 -3.31
C TYR C 228 47.57 40.76 -2.10
N THR C 229 46.99 39.59 -1.84
CA THR C 229 47.36 38.77 -0.70
C THR C 229 48.66 38.03 -0.96
N SER C 230 49.22 37.37 0.03
CA SER C 230 50.30 36.56 0.57
C SER C 230 51.53 37.41 0.70
N ASP C 231 52.52 37.14 -0.11
CA ASP C 231 53.72 37.93 -0.13
C ASP C 231 54.18 38.23 -1.57
N ASN C 232 54.82 37.27 -2.23
CA ASN C 232 55.41 37.42 -3.57
C ASN C 232 56.53 38.46 -3.55
N THR C 233 57.02 38.76 -2.35
CA THR C 233 58.07 39.70 -2.03
C THR C 233 59.07 39.05 -1.10
N ASP C 234 59.38 37.80 -1.30
CA ASP C 234 60.31 37.17 -0.39
C ASP C 234 61.69 37.62 -0.77
N SER C 235 62.68 37.18 -0.03
CA SER C 235 64.06 37.49 -0.33
C SER C 235 64.50 36.79 -1.59
N MET C 236 65.40 37.40 -2.33
CA MET C 236 65.88 36.81 -3.55
C MET C 236 66.91 35.72 -3.23
N THR C 237 67.22 35.59 -1.93
CA THR C 237 68.14 34.60 -1.43
C THR C 237 67.37 33.40 -0.85
N SER C 238 66.02 33.43 -0.90
CA SER C 238 65.24 32.30 -0.38
C SER C 238 65.26 31.21 -1.44
N GLY C 239 65.71 31.62 -2.61
CA GLY C 239 65.93 30.82 -3.80
C GLY C 239 64.91 30.93 -4.91
N GLU C 240 63.65 31.27 -4.61
CA GLU C 240 62.68 31.37 -5.69
C GLU C 240 61.46 32.20 -5.29
N ILE C 241 61.09 33.19 -6.11
CA ILE C 241 59.92 34.00 -5.81
C ILE C 241 58.83 33.80 -6.85
N SER C 242 57.65 33.44 -6.41
CA SER C 242 56.48 33.18 -7.26
C SER C 242 55.81 34.42 -7.81
N GLU C 243 55.01 34.22 -8.85
CA GLU C 243 54.17 35.24 -9.46
C GLU C 243 52.77 34.69 -9.84
N PRO C 244 51.66 35.39 -9.54
CA PRO C 244 50.30 35.09 -10.02
C PRO C 244 50.18 35.15 -11.52
N VAL C 245 49.58 34.14 -12.13
CA VAL C 245 49.38 34.17 -13.58
C VAL C 245 47.91 34.08 -13.95
N ILE C 246 47.21 33.12 -13.34
CA ILE C 246 45.81 32.80 -13.68
C ILE C 246 44.87 32.89 -12.49
N GLY C 247 43.71 33.52 -12.68
CA GLY C 247 42.67 33.52 -11.65
C GLY C 247 41.63 32.47 -12.11
N CYS C 248 40.87 31.81 -11.19
CA CYS C 248 39.83 30.82 -11.56
C CYS C 248 38.57 31.08 -10.77
N ILE C 249 37.42 30.66 -11.31
CA ILE C 249 36.17 30.51 -10.62
C ILE C 249 35.68 29.10 -10.83
N PHE C 250 35.45 28.37 -9.77
CA PHE C 250 34.83 27.06 -9.90
C PHE C 250 33.71 27.01 -8.90
N GLY C 251 32.57 27.58 -9.28
CA GLY C 251 31.40 27.78 -8.43
C GLY C 251 30.20 27.26 -9.16
N THR C 252 29.14 28.08 -9.26
CA THR C 252 27.99 27.58 -9.97
C THR C 252 28.40 27.43 -11.41
N GLY C 253 29.27 28.32 -11.90
CA GLY C 253 29.81 28.24 -13.26
C GLY C 253 31.32 28.11 -13.23
N THR C 254 31.97 28.15 -14.40
CA THR C 254 33.42 28.07 -14.39
C THR C 254 34.06 29.02 -15.37
N ASN C 255 35.10 29.68 -14.89
CA ASN C 255 35.83 30.68 -15.65
C ASN C 255 37.20 30.96 -15.09
N GLY C 256 37.93 31.84 -15.74
CA GLY C 256 39.20 32.32 -15.24
C GLY C 256 39.70 33.42 -16.14
N CYS C 257 40.81 33.99 -15.75
CA CYS C 257 41.38 35.07 -16.52
C CYS C 257 42.85 35.05 -16.36
N TYR C 258 43.54 35.72 -17.24
CA TYR C 258 44.98 35.70 -17.09
C TYR C 258 45.61 36.95 -17.59
N MET C 259 46.84 37.19 -17.18
CA MET C 259 47.52 38.38 -17.68
C MET C 259 48.06 38.09 -19.08
N GLU C 260 47.79 38.97 -20.05
CA GLU C 260 48.20 38.80 -21.45
C GLU C 260 48.84 40.03 -22.04
N GLU C 261 49.73 39.85 -23.02
CA GLU C 261 50.39 41.01 -23.63
C GLU C 261 49.43 41.79 -24.52
N ILE C 262 49.40 43.10 -24.31
CA ILE C 262 48.50 43.99 -25.02
C ILE C 262 48.71 44.01 -26.51
N ASN C 263 49.92 43.75 -26.96
CA ASN C 263 50.27 43.80 -28.36
C ASN C 263 49.71 42.61 -29.13
N LYS C 264 49.19 41.63 -28.43
CA LYS C 264 48.65 40.46 -29.08
C LYS C 264 47.14 40.55 -29.21
N ILE C 265 46.49 41.55 -28.62
CA ILE C 265 45.05 41.53 -28.69
C ILE C 265 44.68 42.26 -29.95
N THR C 266 44.59 41.52 -31.03
CA THR C 266 44.45 42.17 -32.33
C THR C 266 43.11 42.82 -32.54
N LYS C 267 42.07 42.39 -31.85
CA LYS C 267 40.77 43.03 -32.00
C LYS C 267 40.64 44.36 -31.27
N LEU C 268 41.54 44.65 -30.34
CA LEU C 268 41.42 45.89 -29.60
C LEU C 268 41.80 46.96 -30.62
N PRO C 269 41.21 48.16 -30.66
CA PRO C 269 41.62 49.18 -31.60
C PRO C 269 43.12 49.46 -31.46
N GLN C 270 43.81 49.66 -32.58
CA GLN C 270 45.24 49.92 -32.53
C GLN C 270 45.52 51.21 -31.82
N GLU C 271 44.65 52.18 -31.97
CA GLU C 271 44.85 53.47 -31.32
C GLU C 271 44.87 53.31 -29.81
N LEU C 272 44.05 52.40 -29.29
CA LEU C 272 44.01 52.15 -27.87
C LEU C 272 45.24 51.36 -27.46
N ARG C 273 45.66 50.41 -28.29
CA ARG C 273 46.87 49.67 -27.97
C ARG C 273 48.05 50.65 -27.90
N ASP C 274 48.08 51.64 -28.78
CA ASP C 274 49.17 52.61 -28.77
C ASP C 274 49.08 53.52 -27.56
N LYS C 275 47.88 53.98 -27.23
CA LYS C 275 47.75 54.86 -26.09
C LYS C 275 48.27 54.21 -24.83
N LEU C 276 47.92 52.95 -24.64
CA LEU C 276 48.32 52.22 -23.47
C LEU C 276 49.79 51.77 -23.47
N ILE C 277 50.32 51.33 -24.62
CA ILE C 277 51.69 50.85 -24.58
C ILE C 277 52.63 52.00 -24.26
N LYS C 278 52.27 53.22 -24.68
CA LYS C 278 53.07 54.41 -24.43
C LYS C 278 53.21 54.75 -22.95
N GLU C 279 52.31 54.25 -22.11
CA GLU C 279 52.38 54.53 -20.68
C GLU C 279 52.98 53.34 -19.93
N GLY C 280 53.45 52.33 -20.67
CA GLY C 280 54.02 51.12 -20.09
C GLY C 280 52.96 50.06 -19.78
N LYS C 281 51.76 50.21 -20.31
CA LYS C 281 50.70 49.28 -20.04
C LYS C 281 50.77 48.16 -21.04
N THR C 282 51.73 47.30 -20.78
CA THR C 282 52.11 46.20 -21.64
C THR C 282 51.21 44.99 -21.53
N HIS C 283 50.42 44.92 -20.47
CA HIS C 283 49.54 43.78 -20.27
C HIS C 283 48.13 44.15 -19.82
N MET C 284 47.19 43.26 -20.10
CA MET C 284 45.79 43.36 -19.71
C MET C 284 45.32 42.07 -19.08
N ILE C 285 44.27 42.14 -18.26
CA ILE C 285 43.72 40.92 -17.71
C ILE C 285 42.59 40.52 -18.60
N ILE C 286 42.70 39.35 -19.17
CA ILE C 286 41.73 38.91 -20.13
C ILE C 286 40.85 37.84 -19.58
N ASN C 287 39.55 38.04 -19.72
CA ASN C 287 38.59 37.07 -19.26
C ASN C 287 38.41 36.08 -20.35
N VAL C 288 38.73 34.85 -20.07
CA VAL C 288 38.63 33.87 -21.10
C VAL C 288 37.38 33.19 -20.80
N GLU C 289 36.41 33.17 -21.67
CA GLU C 289 35.18 32.56 -21.24
C GLU C 289 35.28 31.06 -21.34
N TRP C 290 35.93 30.43 -20.36
CA TRP C 290 36.22 29.01 -20.40
C TRP C 290 34.96 28.26 -20.60
N GLY C 291 33.89 28.76 -20.04
CA GLY C 291 32.62 28.09 -20.14
C GLY C 291 32.22 27.81 -21.58
N SER C 292 32.60 28.70 -22.51
CA SER C 292 32.26 28.61 -23.92
C SER C 292 33.20 27.76 -24.73
N PHE C 293 34.26 27.28 -24.12
CA PHE C 293 35.21 26.51 -24.87
C PHE C 293 34.56 25.37 -25.56
N ASP C 294 34.85 25.24 -26.83
CA ASP C 294 34.31 24.21 -27.65
C ASP C 294 32.78 24.13 -27.63
N ASN C 295 32.09 25.28 -27.76
CA ASN C 295 30.62 25.28 -27.84
C ASN C 295 30.11 24.49 -29.03
N GLU C 296 30.89 24.45 -30.11
CA GLU C 296 30.53 23.73 -31.31
C GLU C 296 30.72 22.21 -31.18
N LEU C 297 31.36 21.77 -30.09
CA LEU C 297 31.69 20.40 -29.73
C LEU C 297 32.52 19.57 -30.69
N LYS C 298 33.70 20.05 -31.04
CA LYS C 298 34.57 19.25 -31.88
C LYS C 298 35.47 18.31 -31.08
N HIS C 299 35.76 18.65 -29.81
CA HIS C 299 36.67 17.84 -29.01
C HIS C 299 36.17 17.38 -27.62
N LEU C 300 35.28 18.11 -26.96
CA LEU C 300 34.89 17.68 -25.62
C LEU C 300 34.24 16.30 -25.61
N PRO C 301 34.48 15.47 -24.57
CA PRO C 301 34.02 14.11 -24.41
C PRO C 301 32.57 14.06 -24.03
N THR C 302 31.75 14.42 -24.99
CA THR C 302 30.31 14.53 -24.84
C THR C 302 29.60 13.20 -24.79
N THR C 303 28.69 13.05 -23.82
CA THR C 303 27.85 11.87 -23.79
C THR C 303 26.39 12.27 -23.86
N LYS C 304 25.49 11.30 -23.89
CA LYS C 304 24.08 11.64 -24.09
C LYS C 304 23.50 12.45 -22.94
N TYR C 305 24.08 12.34 -21.77
CA TYR C 305 23.60 13.04 -20.60
C TYR C 305 23.91 14.52 -20.71
N ASP C 306 24.97 14.87 -21.46
CA ASP C 306 25.38 16.25 -21.56
C ASP C 306 24.54 16.88 -22.63
N VAL C 307 24.14 16.07 -23.60
CA VAL C 307 23.29 16.54 -24.67
C VAL C 307 21.94 16.93 -24.09
N VAL C 308 21.42 16.12 -23.18
CA VAL C 308 20.16 16.46 -22.57
C VAL C 308 20.25 17.73 -21.76
N ILE C 309 21.30 17.91 -20.98
CA ILE C 309 21.29 19.14 -20.23
C ILE C 309 21.37 20.33 -21.16
N ASP C 310 22.27 20.27 -22.14
CA ASP C 310 22.42 21.40 -23.03
C ASP C 310 21.22 21.71 -23.90
N GLN C 311 20.53 20.71 -24.39
CA GLN C 311 19.41 21.01 -25.26
C GLN C 311 18.06 21.14 -24.57
N LYS C 312 17.88 20.49 -23.42
CA LYS C 312 16.57 20.54 -22.79
C LYS C 312 16.49 21.23 -21.44
N LEU C 313 17.54 21.20 -20.61
CA LEU C 313 17.33 21.72 -19.25
C LEU C 313 17.89 23.11 -18.98
N SER C 314 18.96 23.44 -19.66
CA SER C 314 19.69 24.70 -19.51
C SER C 314 18.94 25.94 -19.97
N THR C 315 19.28 27.07 -19.36
CA THR C 315 18.67 28.34 -19.72
C THR C 315 19.22 28.94 -21.00
N ASN C 316 20.34 28.42 -21.50
CA ASN C 316 20.90 28.98 -22.72
C ASN C 316 21.54 27.92 -23.62
N PRO C 317 20.74 27.06 -24.26
CA PRO C 317 21.19 25.94 -25.05
C PRO C 317 22.12 26.37 -26.16
N GLY C 318 23.20 25.62 -26.36
CA GLY C 318 24.14 25.89 -27.43
C GLY C 318 25.31 26.70 -26.95
N PHE C 319 25.22 27.24 -25.75
CA PHE C 319 26.29 28.02 -25.20
C PHE C 319 26.77 27.46 -23.89
N HIS C 320 28.01 27.75 -23.57
CA HIS C 320 28.62 27.37 -22.32
C HIS C 320 28.66 25.85 -22.17
N LEU C 321 29.10 25.20 -23.23
CA LEU C 321 29.17 23.76 -23.25
C LEU C 321 30.22 23.24 -22.31
N PHE C 322 31.30 23.98 -22.10
CA PHE C 322 32.34 23.50 -21.21
C PHE C 322 31.80 23.50 -19.80
N GLU C 323 31.08 24.55 -19.42
CA GLU C 323 30.56 24.59 -18.04
C GLU C 323 29.68 23.43 -17.76
N LYS C 324 28.92 23.02 -18.75
CA LYS C 324 27.99 21.92 -18.56
C LYS C 324 28.66 20.61 -18.26
N ARG C 325 29.97 20.54 -18.43
CA ARG C 325 30.69 19.34 -18.10
C ARG C 325 31.44 19.54 -16.79
N VAL C 326 31.79 20.79 -16.48
CA VAL C 326 32.64 21.11 -15.34
C VAL C 326 32.08 21.73 -14.06
N SER C 327 31.19 22.71 -14.16
CA SER C 327 30.77 23.51 -13.01
C SER C 327 29.80 22.84 -12.06
N GLY C 328 29.63 23.42 -10.87
CA GLY C 328 28.78 22.84 -9.84
C GLY C 328 27.33 22.63 -10.23
N MET C 329 26.75 23.52 -11.02
CA MET C 329 25.36 23.25 -11.34
C MET C 329 25.17 22.01 -12.14
N PHE C 330 26.13 21.67 -12.96
CA PHE C 330 25.91 20.56 -13.82
C PHE C 330 26.52 19.30 -13.27
N LEU C 331 27.37 19.40 -12.26
CA LEU C 331 27.81 18.13 -11.70
C LEU C 331 26.53 17.51 -11.14
N GLY C 332 25.72 18.37 -10.52
CA GLY C 332 24.46 17.97 -9.91
C GLY C 332 23.49 17.43 -10.92
N GLU C 333 23.27 18.19 -11.98
CA GLU C 333 22.31 17.76 -12.97
C GLU C 333 22.73 16.49 -13.70
N VAL C 334 24.02 16.29 -13.96
CA VAL C 334 24.38 15.08 -14.65
C VAL C 334 24.02 13.87 -13.82
N LEU C 335 24.28 13.88 -12.52
CA LEU C 335 23.91 12.69 -11.80
C LEU C 335 22.42 12.47 -11.88
N ARG C 336 21.63 13.53 -11.76
CA ARG C 336 20.19 13.31 -11.77
C ARG C 336 19.77 12.63 -13.06
N ASN C 337 20.31 13.07 -14.20
CA ASN C 337 19.88 12.45 -15.45
C ASN C 337 20.32 11.01 -15.54
N ILE C 338 21.44 10.66 -14.95
CA ILE C 338 21.85 9.29 -15.02
C ILE C 338 20.93 8.42 -14.20
N LEU C 339 20.57 8.87 -13.00
CA LEU C 339 19.71 8.06 -12.16
C LEU C 339 18.36 7.85 -12.81
N VAL C 340 17.84 8.88 -13.47
CA VAL C 340 16.56 8.71 -14.13
C VAL C 340 16.72 7.74 -15.30
N ASP C 341 17.79 7.84 -16.06
CA ASP C 341 17.97 6.94 -17.18
C ASP C 341 18.18 5.47 -16.72
N LEU C 342 18.86 5.25 -15.58
CA LEU C 342 19.04 3.90 -15.09
C LEU C 342 17.73 3.40 -14.47
N HIS C 343 16.83 4.31 -14.11
CA HIS C 343 15.48 3.88 -13.78
C HIS C 343 14.83 3.31 -15.02
N SER C 344 14.90 4.03 -16.14
CA SER C 344 14.26 3.58 -17.37
C SER C 344 14.82 2.25 -17.87
N GLN C 345 16.10 1.98 -17.60
CA GLN C 345 16.70 0.71 -18.02
C GLN C 345 16.38 -0.42 -17.04
N GLY C 346 15.76 -0.11 -15.91
CA GLY C 346 15.41 -1.08 -14.88
C GLY C 346 16.60 -1.53 -14.06
N LEU C 347 17.62 -0.69 -13.92
CA LEU C 347 18.78 -1.13 -13.20
C LEU C 347 18.94 -0.60 -11.78
N LEU C 348 18.58 0.65 -11.52
CA LEU C 348 18.79 1.11 -10.14
C LEU C 348 17.49 1.18 -9.39
N LEU C 349 16.62 2.08 -9.79
CA LEU C 349 15.36 2.27 -9.09
C LEU C 349 14.32 1.31 -9.60
N GLN C 350 14.55 0.05 -9.27
CA GLN C 350 13.80 -1.09 -9.77
C GLN C 350 12.41 -1.21 -9.16
N GLN C 351 12.19 -0.53 -8.05
CA GLN C 351 10.91 -0.62 -7.36
C GLN C 351 9.82 0.25 -7.97
N TYR C 352 10.14 1.12 -8.93
CA TYR C 352 9.10 1.99 -9.45
C TYR C 352 8.57 1.49 -10.79
N ARG C 353 7.28 1.67 -11.02
CA ARG C 353 6.65 1.27 -12.26
C ARG C 353 5.85 2.41 -12.87
N SER C 354 6.51 3.25 -13.63
CA SER C 354 7.66 3.79 -14.34
C SER C 354 7.96 5.20 -13.83
N LYS C 355 8.48 6.05 -14.71
CA LYS C 355 8.97 7.38 -14.39
C LYS C 355 7.99 8.23 -13.61
N GLU C 356 6.70 8.15 -13.89
CA GLU C 356 5.73 8.99 -13.20
C GLU C 356 5.64 8.69 -11.70
N GLN C 357 6.10 7.53 -11.26
CA GLN C 357 6.05 7.16 -9.86
C GLN C 357 7.30 7.54 -9.10
N LEU C 358 8.31 8.08 -9.80
CA LEU C 358 9.54 8.46 -9.14
C LEU C 358 9.28 9.65 -8.25
N PRO C 359 10.05 9.87 -7.20
CA PRO C 359 9.91 11.01 -6.33
C PRO C 359 9.91 12.26 -7.17
N ARG C 360 9.04 13.21 -6.85
CA ARG C 360 9.01 14.39 -7.71
C ARG C 360 10.31 15.16 -7.71
N HIS C 361 11.12 15.09 -6.66
CA HIS C 361 12.33 15.87 -6.68
C HIS C 361 13.40 15.20 -7.51
N LEU C 362 13.19 13.93 -7.87
CA LEU C 362 14.17 13.25 -8.69
C LEU C 362 13.92 13.58 -10.13
N THR C 363 12.66 13.76 -10.52
CA THR C 363 12.42 14.03 -11.92
C THR C 363 12.50 15.52 -12.25
N THR C 364 12.39 16.38 -11.25
CA THR C 364 12.50 17.83 -11.43
C THR C 364 13.98 18.25 -11.65
N PRO C 365 14.31 19.03 -12.70
CA PRO C 365 15.65 19.43 -13.02
C PRO C 365 16.22 20.34 -11.97
N PHE C 366 17.52 20.21 -11.79
CA PHE C 366 18.35 20.98 -10.89
C PHE C 366 18.00 20.84 -9.43
N GLN C 367 17.30 19.78 -9.04
CA GLN C 367 17.03 19.63 -7.61
C GLN C 367 18.12 18.85 -6.90
N LEU C 368 19.05 18.30 -7.66
CA LEU C 368 20.13 17.55 -7.06
C LEU C 368 21.35 18.44 -7.03
N SER C 369 21.63 19.00 -5.87
CA SER C 369 22.72 19.96 -5.69
C SER C 369 24.09 19.33 -5.74
N SER C 370 25.10 20.03 -6.20
CA SER C 370 26.44 19.44 -6.15
C SER C 370 26.92 19.25 -4.71
N GLU C 371 26.22 19.88 -3.77
CA GLU C 371 26.49 19.71 -2.36
C GLU C 371 26.24 18.26 -1.95
N VAL C 372 25.23 17.61 -2.55
CA VAL C 372 24.97 16.25 -2.15
C VAL C 372 26.06 15.42 -2.75
N LEU C 373 26.52 15.79 -3.95
CA LEU C 373 27.55 15.01 -4.59
C LEU C 373 28.82 15.05 -3.78
N SER C 374 29.11 16.19 -3.18
CA SER C 374 30.29 16.26 -2.37
C SER C 374 30.27 15.24 -1.27
N HIS C 375 29.14 15.11 -0.60
CA HIS C 375 29.10 14.12 0.46
C HIS C 375 29.10 12.70 -0.12
N ILE C 376 28.45 12.50 -1.27
CA ILE C 376 28.38 11.16 -1.82
C ILE C 376 29.76 10.64 -2.14
N GLU C 377 30.60 11.47 -2.76
CA GLU C 377 31.95 11.10 -3.10
C GLU C 377 32.92 10.92 -1.95
N ILE C 378 32.88 11.80 -0.95
CA ILE C 378 33.84 11.67 0.14
C ILE C 378 33.57 10.42 0.95
N ASP C 379 32.32 10.03 1.07
CA ASP C 379 32.03 8.88 1.89
C ASP C 379 32.72 7.59 1.57
N ASP C 380 33.37 7.13 2.62
CA ASP C 380 34.12 5.90 2.68
C ASP C 380 33.19 4.85 3.24
N SER C 381 33.67 3.63 3.40
CA SER C 381 32.90 2.46 3.85
C SER C 381 31.61 2.70 4.64
N THR C 382 31.66 3.32 5.81
CA THR C 382 30.44 3.39 6.60
C THR C 382 29.62 4.59 6.21
N GLY C 383 30.26 5.51 5.52
CA GLY C 383 29.58 6.70 5.04
C GLY C 383 28.69 6.24 3.90
N LEU C 384 29.26 5.42 3.02
CA LEU C 384 28.52 4.92 1.89
C LEU C 384 27.37 4.08 2.35
N ARG C 385 27.62 3.22 3.31
CA ARG C 385 26.54 2.40 3.77
C ARG C 385 25.40 3.19 4.41
N GLU C 386 25.69 4.16 5.29
CA GLU C 386 24.62 4.85 6.02
C GLU C 386 24.27 6.27 5.57
N THR C 387 25.26 7.06 5.20
CA THR C 387 25.04 8.46 4.91
C THR C 387 24.60 8.65 3.50
N GLU C 388 25.03 7.79 2.63
CA GLU C 388 24.56 7.91 1.27
C GLU C 388 23.05 7.83 1.28
N LEU C 389 22.50 6.98 2.15
CA LEU C 389 21.07 6.87 2.22
C LEU C 389 20.49 8.16 2.74
N SER C 390 21.07 8.76 3.78
CA SER C 390 20.54 10.02 4.30
C SER C 390 20.56 11.12 3.25
N LEU C 391 21.64 11.19 2.48
CA LEU C 391 21.83 12.20 1.46
C LEU C 391 20.80 12.10 0.36
N LEU C 392 20.47 10.90 -0.04
CA LEU C 392 19.45 10.76 -1.06
C LEU C 392 18.06 10.78 -0.44
N GLN C 393 17.94 10.47 0.84
CA GLN C 393 16.65 10.53 1.52
C GLN C 393 16.19 12.00 1.50
N SER C 394 17.13 12.94 1.56
CA SER C 394 16.83 14.37 1.52
C SER C 394 16.32 14.84 0.14
N LEU C 395 16.41 13.96 -0.87
CA LEU C 395 15.92 14.15 -2.24
C LEU C 395 14.71 13.22 -2.42
N ARG C 396 14.22 12.67 -1.29
CA ARG C 396 13.14 11.72 -1.17
C ARG C 396 13.34 10.47 -2.01
N LEU C 397 14.58 9.97 -2.07
CA LEU C 397 14.86 8.80 -2.86
C LEU C 397 15.52 7.69 -2.08
N PRO C 398 14.80 6.83 -1.36
CA PRO C 398 15.38 5.78 -0.55
C PRO C 398 16.01 4.76 -1.48
N THR C 399 17.14 4.20 -1.08
CA THR C 399 17.91 3.23 -1.88
C THR C 399 18.33 1.96 -1.14
N THR C 400 18.82 0.97 -1.90
CA THR C 400 19.31 -0.31 -1.35
C THR C 400 20.85 -0.21 -1.16
N PRO C 401 21.53 -1.15 -0.46
CA PRO C 401 22.99 -1.15 -0.25
C PRO C 401 23.83 -1.28 -1.52
N THR C 402 23.15 -1.81 -2.52
CA THR C 402 23.99 -2.23 -3.61
C THR C 402 23.86 -1.10 -4.59
N GLU C 403 22.69 -0.45 -4.50
CA GLU C 403 22.40 0.70 -5.29
C GLU C 403 23.31 1.84 -4.86
N ARG C 404 23.54 1.97 -3.56
CA ARG C 404 24.36 3.05 -3.04
C ARG C 404 25.78 2.96 -3.55
N VAL C 405 26.36 1.77 -3.61
CA VAL C 405 27.73 1.73 -4.15
C VAL C 405 27.72 2.05 -5.64
N GLN C 406 26.70 1.62 -6.37
CA GLN C 406 26.68 1.94 -7.78
C GLN C 406 26.51 3.44 -8.01
N ILE C 407 25.74 4.11 -7.17
CA ILE C 407 25.59 5.55 -7.30
C ILE C 407 26.90 6.23 -7.00
N GLN C 408 27.61 5.79 -5.97
CA GLN C 408 28.88 6.43 -5.70
C GLN C 408 29.84 6.29 -6.86
N LYS C 409 29.87 5.14 -7.52
CA LYS C 409 30.78 5.04 -8.65
C LYS C 409 30.42 6.06 -9.71
N LEU C 410 29.13 6.27 -9.95
CA LEU C 410 28.74 7.26 -10.94
C LEU C 410 29.19 8.65 -10.51
N VAL C 411 29.07 8.96 -9.23
CA VAL C 411 29.47 10.28 -8.78
C VAL C 411 30.94 10.52 -8.94
N ARG C 412 31.76 9.55 -8.59
CA ARG C 412 33.18 9.76 -8.77
C ARG C 412 33.50 9.90 -10.25
N ALA C 413 32.84 9.14 -11.12
CA ALA C 413 33.13 9.32 -12.54
C ALA C 413 32.77 10.72 -13.01
N ILE C 414 31.69 11.28 -12.48
CA ILE C 414 31.28 12.61 -12.91
C ILE C 414 32.26 13.65 -12.44
N SER C 415 32.67 13.60 -11.17
CA SER C 415 33.55 14.63 -10.70
C SER C 415 34.93 14.51 -11.31
N ARG C 416 35.35 13.28 -11.65
CA ARG C 416 36.65 13.13 -12.29
C ARG C 416 36.59 13.70 -13.68
N ARG C 417 35.52 13.45 -14.43
CA ARG C 417 35.46 14.01 -15.75
C ARG C 417 35.62 15.50 -15.65
N SER C 418 34.91 16.12 -14.70
CA SER C 418 35.04 17.55 -14.54
C SER C 418 36.40 18.00 -14.14
N ALA C 419 37.00 17.37 -13.15
CA ALA C 419 38.29 17.82 -12.69
C ALA C 419 39.34 17.71 -13.77
N TYR C 420 39.26 16.71 -14.63
CA TYR C 420 40.28 16.64 -15.67
C TYR C 420 40.00 17.65 -16.75
N LEU C 421 38.75 17.86 -17.13
CA LEU C 421 38.49 18.86 -18.15
C LEU C 421 38.81 20.21 -17.64
N ALA C 422 38.63 20.42 -16.36
CA ALA C 422 38.89 21.68 -15.69
C ALA C 422 40.36 22.05 -15.77
N ALA C 423 41.24 21.09 -16.03
CA ALA C 423 42.63 21.38 -16.13
C ALA C 423 42.97 21.89 -17.52
N VAL C 424 42.10 21.67 -18.50
CA VAL C 424 42.40 22.07 -19.86
C VAL C 424 42.71 23.54 -19.97
N PRO C 425 41.87 24.47 -19.50
CA PRO C 425 42.16 25.87 -19.53
C PRO C 425 43.33 26.30 -18.69
N LEU C 426 43.77 25.52 -17.71
CA LEU C 426 44.87 26.04 -16.95
C LEU C 426 46.12 25.67 -17.68
N ALA C 427 46.13 24.47 -18.25
CA ALA C 427 47.29 24.08 -19.00
C ALA C 427 47.39 24.93 -20.23
N ALA C 428 46.25 25.18 -20.88
CA ALA C 428 46.25 25.93 -22.10
C ALA C 428 46.71 27.35 -21.90
N ILE C 429 46.31 27.99 -20.81
CA ILE C 429 46.77 29.34 -20.59
C ILE C 429 48.24 29.39 -20.27
N LEU C 430 48.72 28.51 -19.39
CA LEU C 430 50.11 28.60 -19.03
C LEU C 430 50.99 28.30 -20.23
N ILE C 431 50.56 27.38 -21.07
CA ILE C 431 51.33 27.05 -22.25
C ILE C 431 51.29 28.18 -23.26
N LYS C 432 50.13 28.76 -23.56
CA LYS C 432 50.07 29.81 -24.55
C LYS C 432 50.97 30.99 -24.24
N THR C 433 51.05 31.39 -22.97
CA THR C 433 51.85 32.56 -22.63
C THR C 433 53.25 32.16 -22.17
N ASN C 434 53.57 30.88 -22.22
CA ASN C 434 54.84 30.35 -21.76
C ASN C 434 55.16 30.81 -20.35
N ALA C 435 54.17 30.73 -19.48
CA ALA C 435 54.29 31.15 -18.09
C ALA C 435 55.35 30.38 -17.36
N LEU C 436 55.55 29.15 -17.79
CA LEU C 436 56.51 28.26 -17.19
C LEU C 436 57.95 28.58 -17.54
N ASN C 437 58.19 29.23 -18.70
CA ASN C 437 59.59 29.45 -19.07
C ASN C 437 59.92 30.90 -19.41
N LYS C 438 59.02 31.85 -19.15
CA LYS C 438 59.30 33.26 -19.45
C LYS C 438 60.41 33.79 -18.53
N ARG C 439 60.64 33.06 -17.46
CA ARG C 439 61.63 33.37 -16.46
C ARG C 439 62.35 32.07 -16.12
N TYR C 440 63.65 32.15 -15.88
CA TYR C 440 64.42 30.97 -15.51
C TYR C 440 63.87 30.28 -14.27
N HIS C 441 63.57 31.09 -13.27
CA HIS C 441 63.07 30.61 -12.01
C HIS C 441 61.95 31.51 -11.54
N GLY C 442 61.12 30.97 -10.65
CA GLY C 442 59.97 31.63 -10.06
C GLY C 442 58.76 30.75 -10.34
N GLU C 443 57.99 30.50 -9.30
CA GLU C 443 56.82 29.64 -9.35
C GLU C 443 55.63 30.32 -9.97
N VAL C 444 54.73 29.49 -10.44
CA VAL C 444 53.50 29.93 -11.05
C VAL C 444 52.31 29.77 -10.15
N GLU C 445 51.60 30.85 -9.85
CA GLU C 445 50.44 30.68 -9.01
C GLU C 445 49.14 30.85 -9.75
N ILE C 446 48.21 29.99 -9.38
CA ILE C 446 46.87 30.06 -9.87
C ILE C 446 45.97 30.31 -8.68
N GLY C 447 45.25 31.43 -8.70
CA GLY C 447 44.39 31.81 -7.59
C GLY C 447 42.94 31.47 -7.91
N CYS C 448 42.42 30.35 -7.40
CA CYS C 448 41.07 29.88 -7.71
C CYS C 448 40.09 30.16 -6.54
N ASP C 449 38.95 30.83 -6.83
CA ASP C 449 37.81 31.10 -5.92
C ASP C 449 36.73 30.12 -6.33
N GLY C 450 35.60 30.14 -5.67
CA GLY C 450 34.48 29.29 -6.00
C GLY C 450 34.40 28.12 -5.06
N SER C 451 33.20 27.77 -4.68
CA SER C 451 32.96 26.70 -3.76
C SER C 451 33.26 25.31 -4.27
N VAL C 452 33.28 25.06 -5.58
CA VAL C 452 33.59 23.69 -5.95
C VAL C 452 35.06 23.46 -5.70
N VAL C 453 35.89 24.37 -6.15
CA VAL C 453 37.32 24.16 -5.91
C VAL C 453 37.69 24.28 -4.44
N GLU C 454 37.02 25.15 -3.68
CA GLU C 454 37.32 25.29 -2.28
C GLU C 454 36.83 24.13 -1.42
N TYR C 455 35.64 23.59 -1.68
CA TYR C 455 35.09 22.53 -0.83
C TYR C 455 34.93 21.14 -1.43
N TYR C 456 34.88 20.99 -2.75
CA TYR C 456 34.58 19.67 -3.27
C TYR C 456 35.77 18.81 -2.86
N PRO C 457 35.59 17.71 -2.15
CA PRO C 457 36.62 16.86 -1.60
C PRO C 457 37.26 16.02 -2.64
N GLY C 458 38.04 16.66 -3.49
CA GLY C 458 38.64 15.96 -4.60
C GLY C 458 39.23 16.89 -5.65
N PHE C 459 38.71 18.11 -5.80
CA PHE C 459 39.28 18.96 -6.83
C PHE C 459 40.70 19.41 -6.62
N ARG C 460 41.09 19.73 -5.41
CA ARG C 460 42.44 20.27 -5.29
C ARG C 460 43.45 19.25 -5.82
N SER C 461 43.27 17.99 -5.47
CA SER C 461 44.19 16.98 -5.91
C SER C 461 43.93 16.51 -7.32
N MET C 462 42.68 16.46 -7.76
CA MET C 462 42.47 15.99 -9.12
C MET C 462 42.98 17.00 -10.12
N LEU C 463 42.89 18.31 -9.84
CA LEU C 463 43.47 19.23 -10.79
C LEU C 463 44.96 19.07 -10.82
N ARG C 464 45.61 18.91 -9.67
CA ARG C 464 47.06 18.79 -9.76
C ARG C 464 47.45 17.59 -10.60
N HIS C 465 46.74 16.49 -10.43
CA HIS C 465 47.01 15.31 -11.20
C HIS C 465 46.79 15.57 -12.68
N ALA C 466 45.64 16.15 -13.02
CA ALA C 466 45.32 16.40 -14.40
C ALA C 466 46.32 17.34 -15.04
N LEU C 467 46.84 18.32 -14.29
CA LEU C 467 47.79 19.23 -14.89
C LEU C 467 49.03 18.45 -15.28
N ALA C 468 49.48 17.54 -14.42
CA ALA C 468 50.63 16.73 -14.75
C ALA C 468 50.38 15.84 -15.99
N LEU C 469 49.14 15.39 -16.18
CA LEU C 469 48.80 14.55 -17.33
C LEU C 469 48.75 15.33 -18.64
N SER C 470 48.35 16.60 -18.57
CA SER C 470 48.19 17.47 -19.72
C SER C 470 49.59 17.75 -20.25
N PRO C 471 49.78 18.47 -21.39
CA PRO C 471 51.05 18.80 -22.01
C PRO C 471 52.02 19.54 -21.10
N LEU C 472 51.55 20.06 -19.96
CA LEU C 472 52.46 20.72 -19.05
C LEU C 472 53.46 19.68 -18.56
N GLY C 473 53.00 18.45 -18.37
CA GLY C 473 53.83 17.37 -17.92
C GLY C 473 54.11 17.53 -16.44
N ALA C 474 54.92 16.63 -15.91
CA ALA C 474 55.28 16.75 -14.51
C ALA C 474 56.09 18.01 -14.31
N GLU C 475 56.91 18.36 -15.28
CA GLU C 475 57.76 19.52 -15.10
C GLU C 475 56.93 20.77 -14.97
N GLY C 476 55.87 20.91 -15.76
CA GLY C 476 55.02 22.08 -15.60
C GLY C 476 54.29 22.04 -14.28
N GLU C 477 53.83 20.86 -13.84
CA GLU C 477 53.08 20.77 -12.58
C GLU C 477 53.95 21.23 -11.42
N ARG C 478 55.26 21.00 -11.49
CA ARG C 478 56.17 21.38 -10.43
C ARG C 478 56.30 22.88 -10.22
N LYS C 479 55.88 23.69 -11.18
CA LYS C 479 55.95 25.14 -11.06
C LYS C 479 54.66 25.78 -10.56
N VAL C 480 53.65 24.92 -10.45
CA VAL C 480 52.31 25.46 -10.49
C VAL C 480 51.59 25.15 -9.20
N HIS C 481 51.17 26.17 -8.51
CA HIS C 481 50.48 25.97 -7.26
C HIS C 481 49.04 26.40 -7.33
N LEU C 482 48.17 25.56 -6.81
CA LEU C 482 46.77 25.93 -6.78
C LEU C 482 46.46 26.41 -5.39
N LYS C 483 46.12 27.66 -5.29
CA LYS C 483 45.83 28.30 -4.02
C LYS C 483 44.41 28.79 -4.03
N ILE C 484 43.81 29.01 -2.86
CA ILE C 484 42.43 29.46 -2.86
C ILE C 484 42.25 30.92 -2.49
N ALA C 485 41.62 31.61 -3.40
CA ALA C 485 41.32 33.01 -3.29
C ALA C 485 40.02 33.15 -2.55
N LYS C 486 40.05 32.83 -1.28
CA LYS C 486 38.84 32.71 -0.47
C LYS C 486 37.94 33.92 -0.39
N ASP C 487 38.53 35.10 -0.31
CA ASP C 487 37.75 36.32 -0.15
C ASP C 487 37.72 37.17 -1.40
N GLY C 488 38.14 36.59 -2.51
CA GLY C 488 38.43 36.55 -3.92
C GLY C 488 37.66 37.66 -4.58
N SER C 489 36.40 37.40 -4.88
CA SER C 489 35.59 38.40 -5.60
C SER C 489 35.38 39.73 -4.86
N GLY C 490 35.22 39.68 -3.55
CA GLY C 490 34.97 40.85 -2.70
C GLY C 490 36.12 41.83 -2.71
N VAL C 491 37.31 41.30 -2.44
CA VAL C 491 38.51 42.11 -2.38
C VAL C 491 38.82 42.62 -3.76
N GLY C 492 38.64 41.77 -4.75
CA GLY C 492 38.91 42.14 -6.11
C GLY C 492 38.10 43.33 -6.55
N ALA C 493 36.79 43.31 -6.31
CA ALA C 493 35.99 44.44 -6.69
C ALA C 493 36.39 45.69 -5.92
N ALA C 494 36.76 45.54 -4.64
CA ALA C 494 37.18 46.71 -3.88
C ALA C 494 38.42 47.32 -4.52
N LEU C 495 39.35 46.47 -4.98
CA LEU C 495 40.55 46.95 -5.64
C LEU C 495 40.21 47.57 -6.97
N CYS C 496 39.24 47.03 -7.69
CA CYS C 496 38.89 47.61 -8.97
C CYS C 496 38.36 49.02 -8.77
N ALA C 497 37.56 49.22 -7.73
CA ALA C 497 37.01 50.54 -7.39
C ALA C 497 38.11 51.50 -6.94
N LEU C 498 39.14 50.97 -6.28
CA LEU C 498 40.30 51.75 -5.84
C LEU C 498 41.03 52.26 -7.07
N VAL C 499 41.18 51.37 -8.07
CA VAL C 499 41.82 51.65 -9.36
C VAL C 499 41.03 52.68 -10.21
N ALA C 500 39.68 52.50 -10.34
CA ALA C 500 38.72 53.38 -11.06
C ALA C 500 39.05 53.57 -12.56
N MET D 1 56.85 12.31 30.89
CA MET D 1 55.80 12.92 30.04
C MET D 1 56.32 13.39 28.66
N SER D 2 56.02 12.60 27.60
CA SER D 2 56.38 12.87 26.20
C SER D 2 55.31 13.79 25.65
N PHE D 3 55.50 14.34 24.45
CA PHE D 3 54.47 15.22 23.91
C PHE D 3 53.14 14.51 23.81
N ASP D 4 53.17 13.23 23.48
CA ASP D 4 51.95 12.44 23.34
C ASP D 4 51.25 12.27 24.70
N ASP D 5 51.97 12.30 25.81
CA ASP D 5 51.33 12.08 27.10
C ASP D 5 50.72 13.39 27.54
N LEU D 6 51.39 14.47 27.18
CA LEU D 6 50.92 15.80 27.51
C LEU D 6 49.66 16.09 26.70
N HIS D 7 49.62 15.58 25.46
CA HIS D 7 48.46 15.76 24.62
C HIS D 7 47.31 14.96 25.18
N LYS D 8 47.56 13.74 25.68
CA LYS D 8 46.47 12.97 26.27
C LYS D 8 45.92 13.67 27.50
N ALA D 9 46.78 14.29 28.31
CA ALA D 9 46.25 14.99 29.46
C ALA D 9 45.28 16.08 29.02
N THR D 10 45.60 16.76 27.92
CA THR D 10 44.68 17.77 27.39
C THR D 10 43.41 17.12 26.90
N GLU D 11 43.51 15.99 26.20
CA GLU D 11 42.33 15.33 25.67
C GLU D 11 41.42 14.91 26.80
N ARG D 12 41.98 14.49 27.93
CA ARG D 12 41.13 14.11 29.04
C ARG D 12 40.34 15.32 29.54
N ALA D 13 40.97 16.51 29.57
CA ALA D 13 40.24 17.70 29.99
C ALA D 13 39.08 18.00 29.04
N VAL D 14 39.31 17.77 27.75
CA VAL D 14 38.28 18.03 26.75
C VAL D 14 37.13 17.08 26.95
N ILE D 15 37.48 15.82 27.17
CA ILE D 15 36.49 14.79 27.37
C ILE D 15 35.68 15.07 28.59
N GLN D 16 36.29 15.46 29.69
CA GLN D 16 35.46 15.72 30.84
C GLN D 16 34.44 16.79 30.55
N ALA D 17 34.82 17.88 29.87
CA ALA D 17 33.82 18.90 29.61
C ALA D 17 32.70 18.37 28.72
N VAL D 18 33.04 17.57 27.72
CA VAL D 18 32.03 17.04 26.84
C VAL D 18 31.13 16.07 27.55
N ASP D 19 31.67 15.21 28.40
CA ASP D 19 30.83 14.29 29.14
C ASP D 19 29.93 15.06 30.09
N GLN D 20 30.43 16.15 30.70
CA GLN D 20 29.56 16.89 31.60
C GLN D 20 28.39 17.44 30.83
N ILE D 21 28.63 17.92 29.62
CA ILE D 21 27.55 18.43 28.83
C ILE D 21 26.61 17.31 28.47
N CYS D 22 27.14 16.17 28.04
CA CYS D 22 26.25 15.10 27.65
C CYS D 22 25.33 14.68 28.79
N ASP D 23 25.85 14.64 30.02
CA ASP D 23 25.05 14.29 31.17
C ASP D 23 24.03 15.36 31.54
N ASP D 24 24.34 16.64 31.27
CA ASP D 24 23.38 17.69 31.56
C ASP D 24 22.21 17.58 30.60
N PHE D 25 22.50 17.18 29.38
CA PHE D 25 21.51 17.02 28.32
C PHE D 25 20.64 15.78 28.44
N GLU D 26 21.17 14.65 28.83
CA GLU D 26 20.34 13.46 28.88
C GLU D 26 19.14 13.62 29.80
N VAL D 27 17.98 13.21 29.29
CA VAL D 27 16.75 13.23 30.07
C VAL D 27 16.57 11.87 30.69
N THR D 28 16.44 11.88 32.00
CA THR D 28 16.26 10.66 32.76
C THR D 28 14.76 10.45 32.92
N PRO D 29 14.24 9.20 32.97
CA PRO D 29 12.84 8.90 33.17
C PRO D 29 12.23 9.64 34.34
N GLU D 30 12.99 9.93 35.38
CA GLU D 30 12.37 10.66 36.49
C GLU D 30 11.85 12.02 36.03
N LYS D 31 12.56 12.69 35.12
CA LYS D 31 12.13 14.00 34.67
C LYS D 31 11.11 13.79 33.61
N LEU D 32 11.22 12.70 32.87
CA LEU D 32 10.26 12.47 31.83
C LEU D 32 8.87 12.33 32.48
N ASP D 33 8.81 11.73 33.67
CA ASP D 33 7.55 11.59 34.39
C ASP D 33 7.10 12.92 35.00
N GLU D 34 8.02 13.73 35.53
CA GLU D 34 7.59 15.01 36.09
C GLU D 34 6.98 15.86 35.00
N LEU D 35 7.60 15.79 33.82
CA LEU D 35 7.17 16.56 32.69
C LEU D 35 5.87 16.07 32.13
N THR D 36 5.65 14.77 32.08
CA THR D 36 4.38 14.31 31.55
C THR D 36 3.28 14.79 32.44
N ALA D 37 3.47 14.65 33.76
CA ALA D 37 2.45 15.07 34.69
C ALA D 37 2.22 16.57 34.63
N TYR D 38 3.29 17.35 34.48
CA TYR D 38 3.15 18.79 34.45
C TYR D 38 2.46 19.21 33.19
N PHE D 39 2.78 18.54 32.08
CA PHE D 39 2.21 18.85 30.79
C PHE D 39 0.72 18.65 30.92
N ILE D 40 0.28 17.56 31.54
CA ILE D 40 -1.16 17.36 31.66
C ILE D 40 -1.76 18.47 32.51
N GLU D 41 -1.14 18.83 33.63
CA GLU D 41 -1.70 19.90 34.45
C GLU D 41 -1.82 21.20 33.64
N GLN D 42 -0.79 21.54 32.86
CA GLN D 42 -0.89 22.75 32.09
C GLN D 42 -1.91 22.59 30.99
N MET D 43 -2.12 21.37 30.47
CA MET D 43 -3.14 21.24 29.45
C MET D 43 -4.51 21.56 30.01
N GLU D 44 -4.79 21.16 31.24
CA GLU D 44 -6.09 21.48 31.78
C GLU D 44 -6.22 22.99 31.96
N LYS D 45 -5.15 23.65 32.40
CA LYS D 45 -5.19 25.08 32.58
C LYS D 45 -5.38 25.79 31.24
N GLY D 46 -4.80 25.24 30.19
CA GLY D 46 -4.84 25.78 28.84
C GLY D 46 -6.25 25.82 28.23
N LEU D 47 -7.19 25.06 28.82
CA LEU D 47 -8.57 25.03 28.35
C LEU D 47 -9.47 25.91 29.19
N ALA D 48 -8.95 26.43 30.29
CA ALA D 48 -9.70 27.20 31.27
C ALA D 48 -9.84 28.65 30.84
N PRO D 49 -10.86 29.38 31.32
CA PRO D 49 -10.98 30.80 31.14
C PRO D 49 -9.73 31.44 31.74
N PRO D 50 -9.26 32.58 31.21
CA PRO D 50 -8.11 33.36 31.65
C PRO D 50 -8.41 34.08 32.95
N LYS D 51 -7.36 34.48 33.67
CA LYS D 51 -7.57 35.27 34.86
C LYS D 51 -7.36 36.73 34.51
N GLU D 52 -7.77 37.61 35.40
CA GLU D 52 -7.61 39.02 35.12
C GLU D 52 -6.14 39.32 34.90
N GLY D 53 -5.85 40.11 33.88
CA GLY D 53 -4.47 40.47 33.56
C GLY D 53 -3.87 39.56 32.47
N HIS D 54 -4.59 38.51 32.08
CA HIS D 54 -4.11 37.60 31.06
C HIS D 54 -4.73 37.91 29.71
N THR D 55 -3.98 37.66 28.64
CA THR D 55 -4.50 37.76 27.28
C THR D 55 -3.83 36.68 26.47
N LEU D 56 -3.95 36.70 25.15
CA LEU D 56 -3.30 35.64 24.39
C LEU D 56 -1.92 36.04 23.92
N ALA D 57 -1.74 37.33 23.63
CA ALA D 57 -0.43 37.81 23.16
C ALA D 57 0.58 37.57 24.26
N SER D 58 0.12 37.68 25.50
CA SER D 58 0.89 37.46 26.69
C SER D 58 0.05 36.61 27.63
N ASP D 59 0.46 35.36 27.76
CA ASP D 59 -0.22 34.35 28.52
C ASP D 59 0.69 33.55 29.45
N LYS D 60 1.67 32.89 28.87
CA LYS D 60 2.55 31.96 29.53
C LYS D 60 1.71 30.74 29.85
N GLY D 61 2.34 29.67 30.23
CA GLY D 61 1.59 28.44 30.43
C GLY D 61 1.42 27.78 29.07
N LEU D 62 0.51 26.82 28.95
CA LEU D 62 0.38 26.04 27.73
C LEU D 62 -0.97 26.26 27.09
N PRO D 63 -1.17 27.29 26.30
CA PRO D 63 -2.46 27.66 25.80
C PRO D 63 -2.90 26.67 24.79
N MET D 64 -4.21 26.53 24.66
CA MET D 64 -4.75 25.72 23.61
C MET D 64 -5.71 26.49 22.73
N ILE D 65 -5.73 26.14 21.46
CA ILE D 65 -6.65 26.77 20.54
C ILE D 65 -7.72 25.81 20.02
N PRO D 66 -9.01 26.07 20.26
CA PRO D 66 -10.13 25.24 19.90
C PRO D 66 -10.50 25.35 18.44
N ALA D 67 -9.65 24.87 17.57
CA ALA D 67 -9.91 24.98 16.14
C ALA D 67 -11.25 24.35 15.81
N PHE D 68 -12.04 25.06 15.02
CA PHE D 68 -13.39 24.63 14.71
C PHE D 68 -13.52 23.72 13.52
N VAL D 69 -12.94 22.55 13.63
CA VAL D 69 -13.01 21.61 12.52
C VAL D 69 -14.21 20.68 12.63
N THR D 70 -14.43 20.12 13.81
CA THR D 70 -15.14 19.27 14.74
C THR D 70 -15.40 17.89 14.14
N GLY D 71 -14.33 17.17 13.82
CA GLY D 71 -14.48 15.85 13.21
C GLY D 71 -13.25 15.48 12.42
N SER D 72 -13.30 14.35 11.72
CA SER D 72 -12.17 13.88 10.95
C SER D 72 -12.68 13.18 9.68
N PRO D 73 -11.91 13.14 8.58
CA PRO D 73 -12.21 12.53 7.31
C PRO D 73 -12.10 11.03 7.36
N ASN D 74 -12.67 10.35 6.39
CA ASN D 74 -12.47 8.92 6.28
C ASN D 74 -11.88 8.51 4.94
N GLY D 75 -11.41 9.45 4.13
CA GLY D 75 -10.77 9.06 2.89
C GLY D 75 -11.67 9.12 1.68
N THR D 76 -12.97 9.32 1.90
CA THR D 76 -13.90 9.37 0.77
C THR D 76 -14.07 10.78 0.22
N GLU D 77 -13.50 11.76 0.90
CA GLU D 77 -13.65 13.13 0.46
C GLU D 77 -12.99 13.26 -0.91
N ARG D 78 -13.65 13.99 -1.81
CA ARG D 78 -13.18 14.19 -3.18
C ARG D 78 -13.32 15.64 -3.64
N GLY D 79 -12.43 16.07 -4.54
CA GLY D 79 -12.50 17.40 -5.14
C GLY D 79 -11.13 18.04 -5.27
N VAL D 80 -11.01 19.10 -6.07
CA VAL D 80 -9.71 19.73 -6.24
C VAL D 80 -9.67 21.08 -5.58
N LEU D 81 -8.78 21.22 -4.61
CA LEU D 81 -8.66 22.45 -3.85
C LEU D 81 -7.22 22.95 -3.79
N LEU D 82 -7.05 24.25 -3.63
CA LEU D 82 -5.73 24.82 -3.49
C LEU D 82 -5.39 24.88 -2.03
N ALA D 83 -4.09 24.90 -1.74
CA ALA D 83 -3.65 25.06 -0.38
C ALA D 83 -2.39 25.89 -0.31
N ALA D 84 -2.33 26.78 0.66
CA ALA D 84 -1.15 27.57 0.90
C ALA D 84 -0.60 27.17 2.24
N ASP D 85 0.70 27.11 2.39
CA ASP D 85 1.34 26.76 3.66
C ASP D 85 2.53 27.62 4.04
N LEU D 86 2.33 28.53 4.98
CA LEU D 86 3.39 29.45 5.38
C LEU D 86 3.99 29.25 6.74
N GLY D 87 5.30 29.40 6.84
CA GLY D 87 5.87 29.55 8.17
C GLY D 87 7.10 28.78 8.59
N GLY D 88 7.72 28.05 7.70
CA GLY D 88 8.91 27.32 8.10
C GLY D 88 10.05 28.14 7.60
N THR D 89 10.95 27.50 6.88
CA THR D 89 12.00 28.25 6.26
C THR D 89 11.45 28.70 4.94
N ASN D 90 10.34 28.07 4.57
CA ASN D 90 9.68 28.25 3.33
C ASN D 90 8.16 28.38 3.37
N PHE D 91 7.64 28.50 2.17
CA PHE D 91 6.25 28.61 1.83
C PHE D 91 5.89 27.69 0.67
N ARG D 92 4.78 26.99 0.76
CA ARG D 92 4.34 26.09 -0.30
C ARG D 92 2.93 26.35 -0.80
N ILE D 93 2.73 26.16 -2.09
CA ILE D 93 1.38 26.18 -2.66
C ILE D 93 1.13 24.89 -3.37
N CYS D 94 0.02 24.29 -3.03
CA CYS D 94 -0.37 23.04 -3.60
C CYS D 94 -1.70 23.10 -4.28
N SER D 95 -1.89 22.17 -5.19
CA SER D 95 -3.20 21.94 -5.77
C SER D 95 -3.41 20.47 -5.55
N VAL D 96 -4.36 20.18 -4.68
CA VAL D 96 -4.57 18.81 -4.25
C VAL D 96 -5.84 18.26 -4.77
N ASN D 97 -5.69 17.19 -5.52
CA ASN D 97 -6.82 16.49 -6.07
C ASN D 97 -7.16 15.33 -5.16
N LEU D 98 -8.20 15.49 -4.36
CA LEU D 98 -8.59 14.47 -3.42
C LEU D 98 -9.38 13.47 -4.24
N HIS D 99 -9.05 12.18 -4.16
CA HIS D 99 -9.75 11.23 -5.02
C HIS D 99 -10.85 10.38 -4.40
N GLY D 100 -10.95 10.36 -3.09
CA GLY D 100 -11.97 9.58 -2.42
C GLY D 100 -11.60 8.11 -2.09
N ASP D 101 -10.33 7.75 -2.16
CA ASP D 101 -9.86 6.40 -1.88
C ASP D 101 -8.66 6.42 -0.95
N HIS D 102 -8.60 7.40 -0.06
CA HIS D 102 -7.47 7.61 0.83
C HIS D 102 -6.20 8.11 0.11
N THR D 103 -6.29 8.56 -1.14
CA THR D 103 -5.12 9.13 -1.80
C THR D 103 -5.49 10.43 -2.46
N PHE D 104 -4.49 11.13 -2.91
CA PHE D 104 -4.64 12.38 -3.59
C PHE D 104 -3.49 12.57 -4.54
N SER D 105 -3.68 13.44 -5.52
CA SER D 105 -2.59 13.80 -6.41
C SER D 105 -2.24 15.24 -6.16
N MET D 106 -1.01 15.48 -5.74
CA MET D 106 -0.62 16.83 -5.40
C MET D 106 0.38 17.49 -6.33
N GLU D 107 0.03 18.67 -6.79
CA GLU D 107 0.94 19.49 -7.57
C GLU D 107 1.54 20.47 -6.59
N GLN D 108 2.80 20.85 -6.77
CA GLN D 108 3.36 21.80 -5.83
C GLN D 108 4.37 22.78 -6.40
N MET D 109 4.35 23.98 -5.86
CA MET D 109 5.39 24.96 -6.10
C MET D 109 5.87 25.41 -4.73
N LYS D 110 7.15 25.55 -4.53
CA LYS D 110 7.60 26.02 -3.23
C LYS D 110 8.72 27.00 -3.35
N SER D 111 8.84 27.86 -2.37
CA SER D 111 9.95 28.81 -2.33
C SER D 111 10.35 29.14 -0.91
N LYS D 112 11.58 29.58 -0.76
CA LYS D 112 12.11 30.02 0.54
C LYS D 112 11.51 31.34 0.93
N ILE D 113 11.28 31.56 2.22
CA ILE D 113 10.83 32.87 2.64
C ILE D 113 12.06 33.75 2.50
N PRO D 114 12.04 34.84 1.74
CA PRO D 114 13.17 35.70 1.52
C PRO D 114 13.51 36.34 2.83
N ASP D 115 14.79 36.61 3.03
CA ASP D 115 15.31 37.16 4.29
C ASP D 115 14.85 38.59 4.52
N ASP D 116 14.34 39.21 3.47
CA ASP D 116 13.80 40.54 3.54
C ASP D 116 12.66 40.57 4.53
N LEU D 117 12.00 39.43 4.75
CA LEU D 117 10.87 39.33 5.64
C LEU D 117 11.22 38.85 7.05
N LEU D 118 12.45 38.40 7.27
CA LEU D 118 12.81 37.78 8.54
C LEU D 118 13.79 38.56 9.43
N ASP D 119 14.70 39.31 8.84
CA ASP D 119 15.75 39.94 9.65
C ASP D 119 15.49 41.38 10.09
N ASP D 120 14.29 41.88 9.86
CA ASP D 120 14.02 43.29 10.15
C ASP D 120 12.63 43.58 10.75
N GLU D 121 12.63 44.24 11.89
CA GLU D 121 11.42 44.62 12.63
C GLU D 121 10.57 45.62 11.86
N ASN D 122 11.16 46.25 10.87
CA ASN D 122 10.49 47.26 10.07
C ASN D 122 9.81 46.68 8.84
N VAL D 123 9.74 45.35 8.76
CA VAL D 123 9.02 44.66 7.70
C VAL D 123 7.55 44.79 8.03
N THR D 124 6.73 45.07 7.03
CA THR D 124 5.30 45.23 7.28
C THR D 124 4.44 44.07 6.79
N SER D 125 3.15 44.11 7.15
CA SER D 125 2.18 43.13 6.73
C SER D 125 2.05 43.05 5.24
N ASP D 126 2.28 44.16 4.57
CA ASP D 126 2.19 44.20 3.12
C ASP D 126 3.36 43.51 2.46
N ASP D 127 4.48 43.35 3.15
CA ASP D 127 5.58 42.70 2.49
C ASP D 127 5.38 41.22 2.60
N LEU D 128 4.88 40.76 3.75
CA LEU D 128 4.68 39.33 3.90
C LEU D 128 3.52 38.84 3.08
N PHE D 129 2.41 39.54 3.16
CA PHE D 129 1.27 39.06 2.44
C PHE D 129 1.43 39.37 0.96
N GLY D 130 2.18 40.43 0.59
CA GLY D 130 2.40 40.71 -0.81
C GLY D 130 3.20 39.56 -1.41
N PHE D 131 4.17 39.05 -0.65
CA PHE D 131 4.96 37.89 -1.04
C PHE D 131 4.08 36.70 -1.30
N LEU D 132 3.19 36.39 -0.37
CA LEU D 132 2.39 35.21 -0.56
C LEU D 132 1.52 35.35 -1.81
N ALA D 133 0.96 36.54 -2.04
CA ALA D 133 0.13 36.72 -3.21
C ALA D 133 0.95 36.58 -4.50
N ARG D 134 2.18 37.07 -4.52
CA ARG D 134 2.98 36.94 -5.74
C ARG D 134 3.33 35.49 -6.02
N ARG D 135 3.60 34.73 -4.98
CA ARG D 135 3.91 33.33 -5.20
C ARG D 135 2.66 32.60 -5.66
N THR D 136 1.48 33.06 -5.21
CA THR D 136 0.23 32.46 -5.64
C THR D 136 0.05 32.70 -7.13
N LEU D 137 0.39 33.90 -7.63
CA LEU D 137 0.29 34.10 -9.08
C LEU D 137 1.19 33.14 -9.81
N ALA D 138 2.40 32.94 -9.29
CA ALA D 138 3.32 32.05 -9.96
C ALA D 138 2.77 30.64 -10.01
N PHE D 139 2.13 30.21 -8.92
CA PHE D 139 1.57 28.88 -8.88
C PHE D 139 0.50 28.73 -9.93
N MET D 140 -0.42 29.70 -9.98
CA MET D 140 -1.52 29.59 -10.93
C MET D 140 -1.01 29.56 -12.36
N LYS D 141 0.03 30.33 -12.67
CA LYS D 141 0.59 30.34 -14.02
C LYS D 141 1.15 28.99 -14.47
N LYS D 142 1.54 28.15 -13.52
CA LYS D 142 2.13 26.87 -13.86
C LYS D 142 1.11 25.74 -13.87
N TYR D 143 0.18 25.75 -12.93
CA TYR D 143 -0.75 24.62 -12.85
C TYR D 143 -2.16 24.91 -13.33
N HIS D 144 -2.62 26.15 -13.22
CA HIS D 144 -3.97 26.51 -13.64
C HIS D 144 -3.93 27.85 -14.37
N PRO D 145 -3.13 28.00 -15.44
CA PRO D 145 -2.93 29.24 -16.16
C PRO D 145 -4.21 29.73 -16.81
N ASP D 146 -5.13 28.80 -17.05
CA ASP D 146 -6.36 29.12 -17.68
C ASP D 146 -7.29 29.82 -16.73
N GLU D 147 -7.22 29.47 -15.45
CA GLU D 147 -8.14 30.07 -14.52
C GLU D 147 -7.67 31.48 -14.30
N LEU D 148 -6.35 31.65 -14.31
CA LEU D 148 -5.80 32.96 -14.09
C LEU D 148 -6.09 33.85 -15.30
N ALA D 149 -5.95 33.28 -16.50
CA ALA D 149 -6.24 34.01 -17.72
C ALA D 149 -7.71 34.40 -17.83
N LYS D 150 -8.59 33.52 -17.35
CA LYS D 150 -10.02 33.76 -17.42
C LYS D 150 -10.58 34.56 -16.24
N GLY D 151 -9.85 34.64 -15.13
CA GLY D 151 -10.31 35.40 -14.00
C GLY D 151 -10.32 36.85 -14.47
N LYS D 152 -11.19 37.73 -13.97
CA LYS D 152 -12.17 37.56 -12.90
C LYS D 152 -13.38 36.67 -13.20
N ASP D 153 -13.62 36.33 -14.46
CA ASP D 153 -14.85 35.60 -14.75
C ASP D 153 -14.78 34.15 -14.32
N ALA D 154 -13.62 33.52 -14.47
CA ALA D 154 -13.49 32.15 -13.99
C ALA D 154 -13.56 32.19 -12.47
N LYS D 155 -14.30 31.26 -11.87
CA LYS D 155 -14.41 31.24 -10.42
C LYS D 155 -15.20 30.04 -9.93
N PRO D 156 -15.13 29.76 -8.64
CA PRO D 156 -14.19 30.18 -7.61
C PRO D 156 -13.03 29.22 -7.59
N MET D 157 -11.91 29.65 -7.04
CA MET D 157 -10.93 28.68 -6.60
C MET D 157 -11.07 28.63 -5.10
N LYS D 158 -11.10 27.43 -4.51
CA LYS D 158 -11.17 27.35 -3.06
C LYS D 158 -9.82 27.06 -2.48
N LEU D 159 -9.31 27.96 -1.65
CA LEU D 159 -8.00 27.74 -1.05
C LEU D 159 -8.04 27.59 0.47
N GLY D 160 -7.29 26.59 0.95
CA GLY D 160 -7.11 26.44 2.38
C GLY D 160 -5.81 27.12 2.70
N PHE D 161 -5.70 27.74 3.85
CA PHE D 161 -4.47 28.41 4.21
C PHE D 161 -3.94 27.95 5.54
N THR D 162 -2.82 27.25 5.51
CA THR D 162 -2.16 26.80 6.69
C THR D 162 -1.21 27.90 7.07
N PHE D 163 -1.32 28.35 8.28
CA PHE D 163 -0.49 29.42 8.77
C PHE D 163 0.07 28.96 10.09
N SER D 164 1.35 28.66 10.13
CA SER D 164 1.92 28.03 11.33
C SER D 164 2.26 28.96 12.46
N TYR D 165 1.28 29.67 12.97
CA TYR D 165 1.47 30.60 14.07
C TYR D 165 0.27 30.44 14.97
N PRO D 166 0.32 30.73 16.26
CA PRO D 166 -0.85 30.62 17.07
C PRO D 166 -1.87 31.58 16.50
N VAL D 167 -3.08 31.11 16.28
CA VAL D 167 -4.15 31.93 15.77
C VAL D 167 -5.38 31.86 16.63
N ASP D 168 -5.90 33.01 16.97
CA ASP D 168 -7.07 33.09 17.79
C ASP D 168 -8.24 32.90 16.86
N GLN D 169 -8.51 31.63 16.59
CA GLN D 169 -9.51 31.24 15.62
C GLN D 169 -10.88 31.40 16.21
N THR D 170 -11.82 31.97 15.46
CA THR D 170 -13.18 32.09 15.96
C THR D 170 -14.11 31.21 15.12
N SER D 171 -13.66 30.92 13.92
CA SER D 171 -14.37 30.11 12.95
C SER D 171 -13.37 29.43 12.08
N LEU D 172 -13.69 28.31 11.48
CA LEU D 172 -12.70 27.71 10.61
C LEU D 172 -12.29 28.70 9.53
N ASN D 173 -13.19 29.58 9.11
CA ASN D 173 -12.84 30.58 8.11
C ASN D 173 -11.81 31.62 8.54
N SER D 174 -11.74 32.01 9.81
CA SER D 174 -10.79 33.07 10.15
C SER D 174 -10.42 33.18 11.64
N GLY D 175 -9.40 34.00 11.88
CA GLY D 175 -8.92 34.32 13.22
C GLY D 175 -7.76 35.28 13.13
N THR D 176 -7.26 35.70 14.28
CA THR D 176 -6.18 36.66 14.26
C THR D 176 -4.88 36.11 14.77
N LEU D 177 -3.81 36.77 14.39
CA LEU D 177 -2.50 36.34 14.87
C LEU D 177 -2.33 36.70 16.33
N ILE D 178 -1.87 35.75 17.13
CA ILE D 178 -1.66 36.03 18.53
C ILE D 178 -0.31 36.67 18.78
N ARG D 179 0.70 36.13 18.16
CA ARG D 179 2.07 36.62 18.28
C ARG D 179 2.85 36.09 17.12
N TRP D 180 3.94 36.71 16.77
CA TRP D 180 4.81 36.04 15.84
C TRP D 180 5.77 35.22 16.62
N THR D 181 6.11 34.11 16.05
CA THR D 181 7.11 33.25 16.58
C THR D 181 7.98 32.70 15.49
N LYS D 182 8.95 31.92 15.88
CA LYS D 182 9.83 31.23 14.96
C LYS D 182 10.52 32.03 13.89
N GLY D 183 11.07 33.18 14.20
CA GLY D 183 11.77 33.92 13.16
C GLY D 183 11.06 35.13 12.58
N PHE D 184 9.75 35.27 12.72
CA PHE D 184 9.13 36.49 12.20
C PHE D 184 9.03 37.55 13.26
N ARG D 185 9.25 38.81 12.86
CA ARG D 185 9.17 39.95 13.76
C ARG D 185 8.16 40.99 13.25
N ILE D 186 7.25 40.59 12.38
CA ILE D 186 6.39 41.59 11.76
C ILE D 186 5.25 42.00 12.68
N ALA D 187 5.56 42.95 13.51
CA ALA D 187 4.69 43.40 14.58
C ALA D 187 3.35 43.93 14.13
N ASP D 188 3.23 44.54 12.95
CA ASP D 188 1.94 45.14 12.66
C ASP D 188 0.86 44.16 12.17
N THR D 189 1.14 42.85 12.18
CA THR D 189 0.12 41.89 11.85
C THR D 189 -0.37 41.21 13.10
N VAL D 190 0.18 41.56 14.26
CA VAL D 190 -0.27 40.88 15.45
C VAL D 190 -1.60 41.50 15.83
N GLY D 191 -2.60 40.67 16.03
CA GLY D 191 -3.92 41.15 16.33
C GLY D 191 -4.78 41.31 15.07
N LYS D 192 -4.20 41.17 13.89
CA LYS D 192 -4.99 41.31 12.68
C LYS D 192 -5.45 39.99 12.14
N ASP D 193 -6.51 40.06 11.35
CA ASP D 193 -7.05 38.88 10.72
C ASP D 193 -6.15 38.39 9.61
N VAL D 194 -5.68 37.17 9.79
CA VAL D 194 -4.72 36.55 8.92
C VAL D 194 -5.28 36.33 7.53
N VAL D 195 -6.53 35.90 7.45
CA VAL D 195 -7.10 35.67 6.15
C VAL D 195 -7.36 36.98 5.53
N GLN D 196 -7.86 37.94 6.26
CA GLN D 196 -8.12 39.20 5.60
C GLN D 196 -6.87 39.74 4.94
N LEU D 197 -5.71 39.68 5.61
CA LEU D 197 -4.54 40.24 4.96
C LEU D 197 -4.16 39.48 3.69
N TYR D 198 -4.26 38.15 3.71
CA TYR D 198 -3.91 37.38 2.53
C TYR D 198 -4.91 37.58 1.41
N GLN D 199 -6.18 37.59 1.74
CA GLN D 199 -7.23 37.71 0.75
C GLN D 199 -7.14 39.04 0.03
N GLU D 200 -6.84 40.11 0.76
CA GLU D 200 -6.73 41.41 0.13
C GLU D 200 -5.55 41.46 -0.82
N GLN D 201 -4.43 40.84 -0.43
CA GLN D 201 -3.31 40.86 -1.35
C GLN D 201 -3.58 40.00 -2.58
N LEU D 202 -4.34 38.92 -2.45
CA LEU D 202 -4.61 38.16 -3.65
C LEU D 202 -5.39 39.00 -4.64
N SER D 203 -6.35 39.79 -4.16
CA SER D 203 -7.08 40.66 -5.08
C SER D 203 -6.17 41.74 -5.65
N ALA D 204 -5.27 42.28 -4.82
CA ALA D 204 -4.36 43.34 -5.24
C ALA D 204 -3.46 42.90 -6.38
N GLN D 205 -3.11 41.63 -6.40
CA GLN D 205 -2.25 41.06 -7.42
C GLN D 205 -2.98 40.57 -8.65
N GLY D 206 -4.31 40.71 -8.71
CA GLY D 206 -5.03 40.26 -9.87
C GLY D 206 -5.75 38.92 -9.74
N MET D 207 -5.95 38.40 -8.53
CA MET D 207 -6.65 37.13 -8.39
C MET D 207 -7.88 37.21 -7.47
N PRO D 208 -8.93 37.99 -7.82
CA PRO D 208 -10.16 38.14 -7.06
C PRO D 208 -10.96 36.83 -7.10
N MET D 209 -10.57 35.97 -8.02
CA MET D 209 -11.12 34.66 -8.29
C MET D 209 -10.79 33.62 -7.21
N ILE D 210 -9.74 33.87 -6.40
CA ILE D 210 -9.36 32.90 -5.39
C ILE D 210 -9.88 33.36 -4.05
N LYS D 211 -10.64 32.50 -3.42
CA LYS D 211 -11.20 32.80 -2.12
C LYS D 211 -10.57 31.92 -1.09
N VAL D 212 -10.15 32.52 -0.01
CA VAL D 212 -9.58 31.73 1.05
C VAL D 212 -10.76 31.26 1.83
N VAL D 213 -10.90 29.96 1.90
CA VAL D 213 -12.03 29.32 2.52
C VAL D 213 -11.78 28.97 3.96
N ALA D 214 -10.60 28.50 4.26
CA ALA D 214 -10.34 28.08 5.63
C ALA D 214 -8.95 28.43 6.09
N LEU D 215 -8.85 28.82 7.35
CA LEU D 215 -7.57 29.12 7.97
C LEU D 215 -7.26 28.03 8.97
N THR D 216 -6.15 27.39 8.82
CA THR D 216 -5.85 26.30 9.71
C THR D 216 -4.43 26.33 10.22
N ASN D 217 -4.12 25.42 11.13
CA ASN D 217 -2.76 25.33 11.62
C ASN D 217 -2.10 24.20 10.88
N ASP D 218 -0.82 23.96 11.15
CA ASP D 218 -0.11 22.92 10.47
C ASP D 218 -0.41 21.66 11.21
N THR D 219 -0.63 21.80 12.51
CA THR D 219 -0.91 20.62 13.30
C THR D 219 -2.23 20.00 12.94
N VAL D 220 -3.19 20.86 12.64
CA VAL D 220 -4.52 20.43 12.31
C VAL D 220 -4.51 19.84 10.93
N GLY D 221 -3.85 20.52 10.00
CA GLY D 221 -3.81 20.00 8.67
C GLY D 221 -3.18 18.62 8.67
N THR D 222 -2.11 18.44 9.45
CA THR D 222 -1.44 17.17 9.51
C THR D 222 -2.35 16.08 10.04
N TYR D 223 -3.08 16.35 11.11
CA TYR D 223 -3.99 15.35 11.65
C TYR D 223 -5.00 14.93 10.62
N LEU D 224 -5.62 15.90 9.96
CA LEU D 224 -6.66 15.59 9.01
C LEU D 224 -6.11 14.84 7.81
N SER D 225 -4.92 15.20 7.36
CA SER D 225 -4.31 14.53 6.23
C SER D 225 -4.03 13.10 6.58
N HIS D 226 -3.51 12.88 7.77
CA HIS D 226 -3.23 11.55 8.25
C HIS D 226 -4.48 10.73 8.30
N CYS D 227 -5.57 11.32 8.80
CA CYS D 227 -6.84 10.62 8.89
C CYS D 227 -7.37 10.23 7.52
N TYR D 228 -7.23 11.14 6.55
CA TYR D 228 -7.68 10.91 5.19
C TYR D 228 -7.02 9.71 4.57
N THR D 229 -5.70 9.65 4.69
CA THR D 229 -4.91 8.57 4.13
C THR D 229 -5.01 7.33 4.99
N SER D 230 -4.47 6.21 4.53
CA SER D 230 -4.20 4.79 4.66
C SER D 230 -5.48 4.02 4.49
N ASP D 231 -5.95 3.41 5.55
CA ASP D 231 -7.21 2.72 5.53
C ASP D 231 -8.05 3.04 6.76
N ASN D 232 -7.75 2.42 7.91
CA ASN D 232 -8.51 2.53 9.16
C ASN D 232 -9.93 1.97 8.99
N THR D 233 -10.10 1.19 7.93
CA THR D 233 -11.32 0.52 7.51
C THR D 233 -11.04 -0.93 7.19
N ASP D 234 -10.21 -1.57 7.98
CA ASP D 234 -9.90 -2.95 7.67
C ASP D 234 -11.07 -3.78 8.15
N SER D 235 -10.99 -5.08 7.93
CA SER D 235 -12.02 -5.98 8.39
C SER D 235 -11.98 -6.09 9.89
N MET D 236 -13.12 -6.32 10.50
CA MET D 236 -13.19 -6.43 11.94
C MET D 236 -12.71 -7.83 12.35
N THR D 237 -12.42 -8.67 11.35
CA THR D 237 -11.92 -10.02 11.55
C THR D 237 -10.40 -10.05 11.36
N SER D 238 -9.77 -8.88 11.06
CA SER D 238 -8.31 -8.87 10.89
C SER D 238 -7.69 -8.87 12.29
N GLY D 239 -8.56 -8.61 13.24
CA GLY D 239 -8.31 -8.61 14.67
C GLY D 239 -8.17 -7.25 15.35
N GLU D 240 -7.76 -6.21 14.63
CA GLU D 240 -7.65 -4.92 15.30
C GLU D 240 -7.62 -3.75 14.31
N ILE D 241 -8.47 -2.74 14.53
CA ILE D 241 -8.50 -1.58 13.65
C ILE D 241 -8.07 -0.32 14.38
N SER D 242 -7.05 0.35 13.85
CA SER D 242 -6.48 1.56 14.43
C SER D 242 -7.33 2.81 14.21
N GLU D 243 -7.03 3.84 15.02
CA GLU D 243 -7.63 5.17 14.93
C GLU D 243 -6.57 6.28 15.16
N PRO D 244 -6.53 7.35 14.33
CA PRO D 244 -5.72 8.55 14.53
C PRO D 244 -6.12 9.30 15.79
N VAL D 245 -5.14 9.68 16.61
CA VAL D 245 -5.44 10.44 17.81
C VAL D 245 -4.73 11.79 17.82
N ILE D 246 -3.43 11.76 17.51
CA ILE D 246 -2.56 12.95 17.62
C ILE D 246 -1.86 13.29 16.31
N GLY D 247 -1.85 14.56 15.94
CA GLY D 247 -1.07 15.03 14.78
C GLY D 247 0.19 15.68 15.36
N CYS D 248 1.36 15.70 14.65
CA CYS D 248 2.59 16.35 15.15
C CYS D 248 3.20 17.18 14.03
N ILE D 249 3.99 18.19 14.40
CA ILE D 249 4.91 18.90 13.56
C ILE D 249 6.26 18.87 14.21
N PHE D 250 7.27 18.36 13.54
CA PHE D 250 8.62 18.45 14.04
C PHE D 250 9.48 18.96 12.92
N GLY D 251 9.46 20.27 12.74
CA GLY D 251 10.10 20.97 11.62
C GLY D 251 10.93 22.09 12.19
N THR D 252 10.76 23.31 11.69
CA THR D 252 11.55 24.38 12.24
C THR D 252 11.11 24.58 13.66
N GLY D 253 9.81 24.37 13.93
CA GLY D 253 9.26 24.46 15.27
C GLY D 253 8.62 23.12 15.68
N THR D 254 7.96 23.09 16.84
CA THR D 254 7.32 21.83 17.21
C THR D 254 5.96 22.05 17.82
N ASN D 255 5.01 21.24 17.38
CA ASN D 255 3.63 21.30 17.81
C ASN D 255 2.86 20.03 17.54
N GLY D 256 1.61 20.02 17.90
CA GLY D 256 0.71 18.94 17.59
C GLY D 256 -0.68 19.29 18.02
N CYS D 257 -1.61 18.42 17.71
CA CYS D 257 -2.99 18.66 18.07
C CYS D 257 -3.65 17.35 18.31
N TYR D 258 -4.78 17.38 18.96
CA TYR D 258 -5.45 16.12 19.18
C TYR D 258 -6.92 16.26 19.25
N MET D 259 -7.62 15.15 19.08
CA MET D 259 -9.07 15.23 19.19
C MET D 259 -9.47 15.24 20.67
N GLU D 260 -10.32 16.19 21.08
CA GLU D 260 -10.73 16.35 22.48
C GLU D 260 -12.22 16.51 22.64
N GLU D 261 -12.77 16.11 23.78
CA GLU D 261 -14.21 16.24 23.99
C GLU D 261 -14.61 17.69 24.21
N ILE D 262 -15.63 18.11 23.47
CA ILE D 262 -16.11 19.48 23.50
C ILE D 262 -16.62 19.93 24.86
N ASN D 263 -17.12 19.00 25.64
CA ASN D 263 -17.69 19.30 26.93
C ASN D 263 -16.65 19.64 27.98
N LYS D 264 -15.38 19.43 27.64
CA LYS D 264 -14.31 19.71 28.57
C LYS D 264 -13.67 21.06 28.28
N ILE D 265 -14.03 21.73 27.19
CA ILE D 265 -13.32 22.96 26.90
C ILE D 265 -14.07 24.04 27.62
N THR D 266 -13.70 24.29 28.85
CA THR D 266 -14.49 25.16 29.68
C THR D 266 -14.43 26.63 29.27
N LYS D 267 -13.38 27.04 28.59
CA LYS D 267 -13.30 28.43 28.14
C LYS D 267 -14.15 28.72 26.92
N LEU D 268 -14.60 27.71 26.20
CA LEU D 268 -15.38 27.97 25.00
C LEU D 268 -16.72 28.46 25.53
N PRO D 269 -17.42 29.41 24.93
CA PRO D 269 -18.72 29.83 25.43
C PRO D 269 -19.65 28.63 25.55
N GLN D 270 -20.46 28.58 26.62
CA GLN D 270 -21.37 27.46 26.81
C GLN D 270 -22.40 27.42 25.71
N GLU D 271 -22.81 28.56 25.22
CA GLU D 271 -23.80 28.61 24.17
C GLU D 271 -23.28 27.92 22.92
N LEU D 272 -21.99 28.05 22.64
CA LEU D 272 -21.39 27.42 21.48
C LEU D 272 -21.25 25.93 21.76
N ARG D 273 -20.88 25.57 22.99
CA ARG D 273 -20.79 24.15 23.32
C ARG D 273 -22.16 23.50 23.12
N ASP D 274 -23.23 24.20 23.48
CA ASP D 274 -24.56 23.65 23.34
C ASP D 274 -24.96 23.57 21.88
N LYS D 275 -24.66 24.60 21.10
CA LYS D 275 -25.04 24.58 19.70
C LYS D 275 -24.42 23.39 19.01
N LEU D 276 -23.15 23.13 19.28
CA LEU D 276 -22.44 22.05 18.66
C LEU D 276 -22.79 20.67 19.21
N ILE D 277 -23.00 20.52 20.51
CA ILE D 277 -23.26 19.19 21.02
C ILE D 277 -24.60 18.69 20.47
N LYS D 278 -25.54 19.62 20.26
CA LYS D 278 -26.86 19.29 19.73
C LYS D 278 -26.83 18.69 18.33
N GLU D 279 -25.75 18.92 17.58
CA GLU D 279 -25.64 18.38 16.23
C GLU D 279 -24.76 17.13 16.22
N GLY D 280 -24.35 16.66 17.41
CA GLY D 280 -23.47 15.51 17.53
C GLY D 280 -21.99 15.86 17.45
N LYS D 281 -21.67 17.14 17.56
CA LYS D 281 -20.29 17.57 17.46
C LYS D 281 -19.66 17.52 18.82
N THR D 282 -19.35 16.28 19.19
CA THR D 282 -18.85 15.91 20.49
C THR D 282 -17.37 16.17 20.68
N HIS D 283 -16.65 16.38 19.60
CA HIS D 283 -15.22 16.59 19.69
C HIS D 283 -14.71 17.72 18.79
N MET D 284 -13.58 18.30 19.19
CA MET D 284 -12.87 19.35 18.47
C MET D 284 -11.40 19.00 18.34
N ILE D 285 -10.73 19.56 17.34
CA ILE D 285 -9.30 19.35 17.22
C ILE D 285 -8.64 20.51 17.91
N ILE D 286 -7.87 20.22 18.92
CA ILE D 286 -7.29 21.26 19.72
C ILE D 286 -5.81 21.38 19.47
N ASN D 287 -5.37 22.59 19.19
CA ASN D 287 -3.97 22.84 18.96
C ASN D 287 -3.35 23.06 20.28
N VAL D 288 -2.42 22.24 20.63
CA VAL D 288 -1.82 22.38 21.92
C VAL D 288 -0.55 23.04 21.64
N GLU D 289 -0.29 24.21 22.17
CA GLU D 289 0.93 24.83 21.75
C GLU D 289 2.11 24.23 22.49
N TRP D 290 2.55 23.05 22.05
CA TRP D 290 3.60 22.30 22.75
C TRP D 290 4.78 23.16 22.95
N GLY D 291 5.04 24.02 21.98
CA GLY D 291 6.20 24.85 22.05
C GLY D 291 6.25 25.68 23.33
N SER D 292 5.09 26.06 23.86
CA SER D 292 4.96 26.89 25.04
C SER D 292 4.99 26.13 26.34
N PHE D 293 5.02 24.80 26.26
CA PHE D 293 5.00 24.04 27.48
C PHE D 293 6.09 24.44 28.39
N ASP D 294 5.71 24.68 29.63
CA ASP D 294 6.63 25.07 30.65
C ASP D 294 7.45 26.32 30.30
N ASN D 295 6.82 27.36 29.76
CA ASN D 295 7.52 28.62 29.47
C ASN D 295 8.12 29.25 30.73
N GLU D 296 7.48 29.02 31.87
CA GLU D 296 7.94 29.55 33.15
C GLU D 296 9.15 28.77 33.72
N LEU D 297 9.47 27.63 33.09
CA LEU D 297 10.55 26.70 33.43
C LEU D 297 10.57 26.10 34.82
N LYS D 298 9.50 25.42 35.21
CA LYS D 298 9.51 24.75 36.50
C LYS D 298 10.05 23.33 36.40
N HIS D 299 9.95 22.68 35.23
CA HIS D 299 10.39 21.30 35.08
C HIS D 299 11.38 20.98 33.94
N LEU D 300 11.39 21.73 32.84
CA LEU D 300 12.28 21.35 31.74
C LEU D 300 13.76 21.37 32.17
N PRO D 301 14.58 20.44 31.65
CA PRO D 301 15.99 20.26 31.97
C PRO D 301 16.84 21.30 31.32
N THR D 302 16.70 22.51 31.80
CA THR D 302 17.36 23.68 31.28
C THR D 302 18.83 23.76 31.62
N THR D 303 19.65 24.07 30.62
CA THR D 303 21.06 24.31 30.87
C THR D 303 21.44 25.72 30.42
N LYS D 304 22.68 26.13 30.63
CA LYS D 304 23.04 27.50 30.31
C LYS D 304 22.94 27.82 28.83
N TYR D 305 23.06 26.82 27.99
CA TYR D 305 23.03 27.00 26.57
C TYR D 305 21.61 27.32 26.11
N ASP D 306 20.61 26.89 26.88
CA ASP D 306 19.24 27.09 26.49
C ASP D 306 18.85 28.46 26.96
N VAL D 307 19.47 28.90 28.05
CA VAL D 307 19.21 30.22 28.59
C VAL D 307 19.71 31.25 27.59
N VAL D 308 20.87 31.01 27.00
CA VAL D 308 21.38 31.94 26.02
C VAL D 308 20.48 32.01 24.81
N ILE D 309 20.03 30.88 24.31
CA ILE D 309 19.20 31.03 23.13
C ILE D 309 17.94 31.78 23.47
N ASP D 310 17.28 31.42 24.56
CA ASP D 310 16.05 32.07 24.90
C ASP D 310 16.15 33.54 25.24
N GLN D 311 17.20 33.96 25.93
CA GLN D 311 17.27 35.35 26.29
C GLN D 311 18.01 36.23 25.30
N LYS D 312 18.94 35.69 24.53
CA LYS D 312 19.71 36.53 23.64
C LYS D 312 19.52 36.31 22.14
N LEU D 313 19.25 35.08 21.68
CA LEU D 313 19.29 34.89 20.23
C LEU D 313 17.92 34.83 19.55
N SER D 314 16.93 34.33 20.26
CA SER D 314 15.57 34.14 19.78
C SER D 314 14.80 35.40 19.48
N THR D 315 13.85 35.29 18.55
CA THR D 315 13.01 36.41 18.19
C THR D 315 11.90 36.70 19.20
N ASN D 316 11.64 35.78 20.12
CA ASN D 316 10.59 36.01 21.09
C ASN D 316 10.92 35.46 22.47
N PRO D 317 11.86 36.07 23.21
CA PRO D 317 12.35 35.60 24.48
C PRO D 317 11.26 35.44 25.49
N GLY D 318 11.30 34.35 26.24
CA GLY D 318 10.33 34.10 27.28
C GLY D 318 9.20 33.22 26.82
N PHE D 319 9.11 33.01 25.52
CA PHE D 319 8.08 32.17 24.96
C PHE D 319 8.64 31.03 24.17
N HIS D 320 7.88 29.98 24.07
CA HIS D 320 8.22 28.82 23.28
C HIS D 320 9.49 28.17 23.80
N LEU D 321 9.53 27.99 25.11
CA LEU D 321 10.69 27.41 25.74
C LEU D 321 10.85 25.95 25.40
N PHE D 322 9.75 25.23 25.15
CA PHE D 322 9.87 23.82 24.83
C PHE D 322 10.50 23.70 23.46
N GLU D 323 10.08 24.53 22.52
CA GLU D 323 10.66 24.42 21.17
C GLU D 323 12.13 24.62 21.19
N LYS D 324 12.60 25.49 22.05
CA LYS D 324 14.02 25.80 22.12
C LYS D 324 14.85 24.62 22.58
N ARG D 325 14.21 23.57 23.06
CA ARG D 325 14.94 22.39 23.46
C ARG D 325 14.74 21.30 22.41
N VAL D 326 13.61 21.36 21.69
CA VAL D 326 13.23 20.30 20.78
C VAL D 326 13.32 20.47 19.25
N SER D 327 12.92 21.62 18.72
CA SER D 327 12.76 21.80 17.27
C SER D 327 14.05 21.97 16.49
N GLY D 328 13.96 21.85 15.16
CA GLY D 328 15.12 21.92 14.29
C GLY D 328 15.91 23.20 14.37
N MET D 329 15.26 24.34 14.56
CA MET D 329 16.08 25.53 14.61
C MET D 329 17.01 25.55 15.79
N PHE D 330 16.60 24.95 16.89
CA PHE D 330 17.41 25.08 18.04
C PHE D 330 18.29 23.88 18.24
N LEU D 331 18.05 22.79 17.51
CA LEU D 331 19.03 21.74 17.67
C LEU D 331 20.32 22.34 17.13
N GLY D 332 20.17 23.09 16.03
CA GLY D 332 21.29 23.74 15.34
C GLY D 332 21.96 24.76 16.24
N GLU D 333 21.16 25.66 16.79
CA GLU D 333 21.73 26.70 17.60
C GLU D 333 22.38 26.19 18.86
N VAL D 334 21.85 25.15 19.49
CA VAL D 334 22.49 24.68 20.69
C VAL D 334 23.88 24.19 20.39
N LEU D 335 24.08 23.44 19.30
CA LEU D 335 25.45 23.01 19.08
C LEU D 335 26.34 24.22 18.88
N ARG D 336 25.89 25.21 18.14
CA ARG D 336 26.78 26.33 17.89
C ARG D 336 27.21 26.97 19.21
N ASN D 337 26.29 27.15 20.15
CA ASN D 337 26.69 27.78 21.40
C ASN D 337 27.65 26.92 22.20
N ILE D 338 27.53 25.61 22.09
CA ILE D 338 28.45 24.78 22.83
C ILE D 338 29.83 24.91 22.25
N LEU D 339 29.95 24.88 20.93
CA LEU D 339 31.27 24.96 20.32
C LEU D 339 31.94 26.27 20.65
N VAL D 340 31.18 27.36 20.68
CA VAL D 340 31.78 28.63 21.02
C VAL D 340 32.20 28.62 22.48
N ASP D 341 31.38 28.07 23.36
CA ASP D 341 31.76 28.03 24.77
C ASP D 341 32.99 27.14 25.02
N LEU D 342 33.13 26.02 24.29
CA LEU D 342 34.29 25.17 24.47
C LEU D 342 35.51 25.82 23.82
N HIS D 343 35.29 26.78 22.90
CA HIS D 343 36.41 27.59 22.47
C HIS D 343 36.89 28.44 23.63
N SER D 344 35.96 29.11 24.32
CA SER D 344 36.32 29.97 25.43
C SER D 344 37.02 29.22 26.56
N GLN D 345 36.69 27.95 26.76
CA GLN D 345 37.34 27.14 27.78
C GLN D 345 38.68 26.58 27.33
N GLY D 346 39.02 26.76 26.06
CA GLY D 346 40.27 26.27 25.49
C GLY D 346 40.27 24.78 25.25
N LEU D 347 39.11 24.18 25.02
CA LEU D 347 39.08 22.75 24.85
C LEU D 347 38.92 22.23 23.42
N LEU D 348 38.13 22.89 22.59
CA LEU D 348 38.01 22.33 21.24
C LEU D 348 38.80 23.14 20.24
N LEU D 349 38.37 24.35 20.00
CA LEU D 349 39.02 25.19 19.01
C LEU D 349 40.20 25.91 19.61
N GLN D 350 41.22 25.12 19.91
CA GLN D 350 42.41 25.53 20.63
C GLN D 350 43.34 26.39 19.81
N GLN D 351 43.18 26.37 18.50
CA GLN D 351 44.08 27.12 17.63
C GLN D 351 43.73 28.61 17.53
N TYR D 352 42.60 29.04 18.08
CA TYR D 352 42.26 30.46 17.92
C TYR D 352 42.59 31.26 19.18
N ARG D 353 43.01 32.50 18.99
CA ARG D 353 43.33 33.38 20.09
C ARG D 353 42.63 34.71 19.95
N SER D 354 41.41 34.80 20.43
CA SER D 354 40.21 34.32 21.09
C SER D 354 39.03 34.39 20.14
N LYS D 355 37.83 34.61 20.68
CA LYS D 355 36.57 34.58 19.95
C LYS D 355 36.55 35.39 18.67
N GLU D 356 37.19 36.55 18.65
CA GLU D 356 37.15 37.39 17.45
C GLU D 356 37.83 36.75 16.24
N GLN D 357 38.69 35.75 16.46
CA GLN D 357 39.38 35.09 15.37
C GLN D 357 38.63 33.87 14.85
N LEU D 358 37.50 33.52 15.48
CA LEU D 358 36.76 32.35 15.05
C LEU D 358 36.13 32.66 13.71
N PRO D 359 35.84 31.66 12.88
CA PRO D 359 35.19 31.85 11.60
C PRO D 359 33.94 32.66 11.81
N ARG D 360 33.65 33.60 10.93
CA ARG D 360 32.48 34.41 11.18
C ARG D 360 31.18 33.62 11.18
N HIS D 361 31.13 32.48 10.49
CA HIS D 361 29.87 31.77 10.46
C HIS D 361 29.70 30.96 11.74
N LEU D 362 30.74 30.82 12.53
CA LEU D 362 30.61 30.08 13.77
C LEU D 362 30.08 31.00 14.83
N THR D 363 30.45 32.28 14.79
CA THR D 363 29.99 33.15 15.84
C THR D 363 28.64 33.77 15.53
N THR D 364 28.23 33.77 14.26
CA THR D 364 26.93 34.30 13.85
C THR D 364 25.78 33.30 14.21
N PRO D 365 24.70 33.75 14.90
CA PRO D 365 23.63 32.91 15.33
C PRO D 365 22.86 32.34 14.16
N PHE D 366 22.37 31.14 14.38
CA PHE D 366 21.56 30.35 13.47
C PHE D 366 22.22 29.99 12.16
N GLN D 367 23.56 30.03 12.09
CA GLN D 367 24.18 29.62 10.84
C GLN D 367 24.48 28.13 10.81
N LEU D 368 24.28 27.46 11.93
CA LEU D 368 24.53 26.03 11.99
C LEU D 368 23.18 25.34 11.88
N SER D 369 22.87 24.83 10.70
CA SER D 369 21.59 24.21 10.41
C SER D 369 21.43 22.85 11.04
N SER D 370 20.22 22.45 11.40
CA SER D 370 20.07 21.09 11.93
C SER D 370 20.36 20.05 10.87
N GLU D 371 20.43 20.48 9.61
CA GLU D 371 20.79 19.60 8.51
C GLU D 371 22.23 19.11 8.70
N VAL D 372 23.12 19.96 9.24
CA VAL D 372 24.48 19.51 9.41
C VAL D 372 24.46 18.54 10.54
N LEU D 373 23.62 18.79 11.55
CA LEU D 373 23.59 17.90 12.70
C LEU D 373 23.14 16.53 12.28
N SER D 374 22.21 16.46 11.35
CA SER D 374 21.77 15.17 10.87
C SER D 374 22.92 14.35 10.35
N HIS D 375 23.76 14.97 9.54
CA HIS D 375 24.87 14.21 9.02
C HIS D 375 25.90 13.93 10.11
N ILE D 376 26.08 14.86 11.06
CA ILE D 376 27.10 14.64 12.08
C ILE D 376 26.75 13.44 12.91
N GLU D 377 25.49 13.29 13.30
CA GLU D 377 25.04 12.16 14.09
C GLU D 377 25.01 10.83 13.39
N ILE D 378 24.56 10.78 12.14
CA ILE D 378 24.49 9.48 11.47
C ILE D 378 25.86 8.92 11.22
N ASP D 379 26.84 9.77 10.98
CA ASP D 379 28.13 9.24 10.67
C ASP D 379 28.78 8.32 11.65
N ASP D 380 29.11 7.18 11.09
CA ASP D 380 29.78 6.07 11.73
C ASP D 380 31.26 6.24 11.46
N SER D 381 32.08 5.32 11.94
CA SER D 381 33.55 5.33 11.85
C SER D 381 34.20 6.18 10.76
N THR D 382 33.95 5.90 9.48
CA THR D 382 34.70 6.62 8.46
C THR D 382 34.01 7.90 8.09
N GLY D 383 32.76 8.00 8.48
CA GLY D 383 31.98 9.19 8.23
C GLY D 383 32.51 10.23 9.21
N LEU D 384 32.67 9.81 10.45
CA LEU D 384 33.16 10.71 11.47
C LEU D 384 34.55 11.16 11.15
N ARG D 385 35.40 10.24 10.73
CA ARG D 385 36.72 10.66 10.41
C ARG D 385 36.80 11.65 9.25
N GLU D 386 36.08 11.39 8.13
CA GLU D 386 36.22 12.25 6.94
C GLU D 386 35.11 13.25 6.65
N THR D 387 33.86 12.87 6.90
CA THR D 387 32.73 13.70 6.51
C THR D 387 32.42 14.69 7.55
N GLU D 388 32.70 14.38 8.79
CA GLU D 388 32.48 15.37 9.81
C GLU D 388 33.30 16.60 9.46
N LEU D 389 34.50 16.39 8.93
CA LEU D 389 35.31 17.51 8.56
C LEU D 389 34.67 18.26 7.43
N SER D 390 34.16 17.57 6.41
CA SER D 390 33.52 18.27 5.29
C SER D 390 32.31 19.09 5.76
N LEU D 391 31.52 18.52 6.67
CA LEU D 391 30.33 19.16 7.18
C LEU D 391 30.63 20.43 7.93
N LEU D 392 31.69 20.43 8.72
CA LEU D 392 32.04 21.63 9.41
C LEU D 392 32.88 22.55 8.52
N GLN D 393 33.53 22.01 7.50
CA GLN D 393 34.28 22.84 6.57
C GLN D 393 33.30 23.78 5.87
N SER D 394 32.06 23.31 5.64
CA SER D 394 31.01 24.12 5.01
C SER D 394 30.52 25.28 5.91
N LEU D 395 30.94 25.29 7.18
CA LEU D 395 30.66 26.32 8.17
C LEU D 395 32.00 27.05 8.42
N ARG D 396 32.98 26.80 7.55
CA ARG D 396 34.35 27.32 7.58
C ARG D 396 35.06 27.01 8.88
N LEU D 397 34.85 25.83 9.45
CA LEU D 397 35.47 25.48 10.69
C LEU D 397 36.27 24.20 10.64
N PRO D 398 37.53 24.19 10.20
CA PRO D 398 38.32 22.98 10.07
C PRO D 398 38.61 22.45 11.46
N THR D 399 38.61 21.14 11.62
CA THR D 399 38.83 20.47 12.90
C THR D 399 39.87 19.35 12.90
N THR D 400 40.25 18.89 14.10
CA THR D 400 41.21 17.77 14.27
C THR D 400 40.42 16.45 14.43
N PRO D 401 41.04 15.25 14.39
CA PRO D 401 40.39 13.95 14.54
C PRO D 401 39.73 13.71 15.91
N THR D 402 40.26 14.50 16.85
CA THR D 402 39.90 14.08 18.19
C THR D 402 38.78 15.01 18.53
N GLU D 403 38.84 16.18 17.90
CA GLU D 403 37.82 17.19 18.05
C GLU D 403 36.55 16.67 17.41
N ARG D 404 36.66 15.99 16.27
CA ARG D 404 35.49 15.50 15.57
C ARG D 404 34.73 14.48 16.39
N VAL D 405 35.41 13.58 17.09
CA VAL D 405 34.62 12.66 17.90
C VAL D 405 33.98 13.38 19.07
N GLN D 406 34.65 14.37 19.64
CA GLN D 406 34.04 15.08 20.74
C GLN D 406 32.81 15.87 20.28
N ILE D 407 32.85 16.42 19.06
CA ILE D 407 31.70 17.13 18.54
C ILE D 407 30.58 16.17 18.33
N GLN D 408 30.86 15.00 17.77
CA GLN D 408 29.77 14.06 17.57
C GLN D 408 29.10 13.69 18.88
N LYS D 409 29.87 13.50 19.95
CA LYS D 409 29.21 13.16 21.20
C LYS D 409 28.26 14.27 21.62
N LEU D 410 28.66 15.54 21.42
CA LEU D 410 27.78 16.62 21.78
C LEU D 410 26.53 16.59 20.93
N VAL D 411 26.65 16.28 19.65
CA VAL D 411 25.48 16.25 18.80
C VAL D 411 24.51 15.18 19.18
N ARG D 412 24.99 14.00 19.49
CA ARG D 412 24.08 12.97 19.90
C ARG D 412 23.41 13.35 21.22
N ALA D 413 24.14 13.97 22.14
CA ALA D 413 23.49 14.38 23.38
C ALA D 413 22.38 15.39 23.12
N ILE D 414 22.58 16.29 22.15
CA ILE D 414 21.58 17.30 21.87
C ILE D 414 20.35 16.67 21.26
N SER D 415 20.52 15.79 20.28
CA SER D 415 19.34 15.24 19.65
C SER D 415 18.62 14.29 20.57
N ARG D 416 19.32 13.63 21.49
CA ARG D 416 18.66 12.76 22.41
C ARG D 416 17.84 13.58 23.38
N ARG D 417 18.39 14.68 23.88
CA ARG D 417 17.61 15.49 24.80
C ARG D 417 16.32 15.86 24.11
N SER D 418 16.40 16.29 22.85
CA SER D 418 15.20 16.65 22.15
C SER D 418 14.25 15.52 21.94
N ALA D 419 14.73 14.38 21.47
CA ALA D 419 13.84 13.28 21.20
C ALA D 419 13.12 12.80 22.43
N TYR D 420 13.77 12.85 23.60
CA TYR D 420 13.06 12.40 24.78
C TYR D 420 12.08 13.45 25.23
N LEU D 421 12.43 14.73 25.17
CA LEU D 421 11.48 15.73 25.59
C LEU D 421 10.31 15.75 24.66
N ALA D 422 10.56 15.46 23.40
CA ALA D 422 9.57 15.43 22.36
C ALA D 422 8.51 14.39 22.62
N ALA D 423 8.81 13.40 23.47
CA ALA D 423 7.84 12.38 23.77
C ALA D 423 6.89 12.85 24.86
N VAL D 424 7.25 13.91 25.59
CA VAL D 424 6.42 14.34 26.69
C VAL D 424 5.03 14.68 26.25
N PRO D 425 4.79 15.53 25.24
CA PRO D 425 3.48 15.83 24.76
C PRO D 425 2.76 14.66 24.12
N LEU D 426 3.45 13.61 23.71
CA LEU D 426 2.67 12.58 23.07
C LEU D 426 2.16 11.70 24.18
N ALA D 427 3.00 11.48 25.18
CA ALA D 427 2.55 10.67 26.29
C ALA D 427 1.48 11.41 27.03
N ALA D 428 1.68 12.70 27.21
CA ALA D 428 0.74 13.49 27.97
C ALA D 428 -0.61 13.54 27.31
N ILE D 429 -0.67 13.67 25.99
CA ILE D 429 -1.96 13.70 25.35
C ILE D 429 -2.64 12.36 25.39
N LEU D 430 -1.93 11.28 25.11
CA LEU D 430 -2.60 9.99 25.10
C LEU D 430 -3.10 9.64 26.49
N ILE D 431 -2.34 10.00 27.51
CA ILE D 431 -2.75 9.73 28.86
C ILE D 431 -3.92 10.59 29.26
N LYS D 432 -3.90 11.89 28.99
CA LYS D 432 -5.01 12.74 29.41
C LYS D 432 -6.35 12.29 28.87
N THR D 433 -6.40 11.86 27.61
CA THR D 433 -7.67 11.48 27.01
C THR D 433 -7.92 9.99 27.12
N ASN D 434 -7.02 9.27 27.76
CA ASN D 434 -7.10 7.82 27.90
C ASN D 434 -7.27 7.14 26.55
N ALA D 435 -6.48 7.58 25.57
CA ALA D 435 -6.53 7.08 24.22
C ALA D 435 -6.23 5.60 24.17
N LEU D 436 -5.42 5.15 25.11
CA LEU D 436 -5.00 3.78 25.17
C LEU D 436 -6.08 2.85 25.70
N ASN D 437 -7.03 3.35 26.51
CA ASN D 437 -8.00 2.42 27.08
C ASN D 437 -9.45 2.81 26.84
N LYS D 438 -9.73 3.82 26.01
CA LYS D 438 -11.12 4.22 25.74
C LYS D 438 -11.86 3.13 24.99
N ARG D 439 -11.10 2.22 24.41
CA ARG D 439 -11.58 1.11 23.66
C ARG D 439 -10.77 -0.12 24.06
N TYR D 440 -11.42 -1.27 24.14
CA TYR D 440 -10.72 -2.51 24.50
C TYR D 440 -9.57 -2.80 23.56
N HIS D 441 -9.83 -2.67 22.27
CA HIS D 441 -8.84 -2.94 21.25
C HIS D 441 -8.92 -1.86 20.19
N GLY D 442 -7.83 -1.74 19.44
CA GLY D 442 -7.65 -0.77 18.37
C GLY D 442 -6.40 0.03 18.70
N GLU D 443 -5.54 0.16 17.71
CA GLU D 443 -4.27 0.83 17.82
C GLU D 443 -4.39 2.33 17.79
N VAL D 444 -3.38 2.97 18.33
CA VAL D 444 -3.30 4.41 18.38
C VAL D 444 -2.34 4.97 17.37
N GLU D 445 -2.82 5.84 16.49
CA GLU D 445 -1.87 6.40 15.54
C GLU D 445 -1.57 7.86 15.79
N ILE D 446 -0.30 8.16 15.62
CA ILE D 446 0.17 9.50 15.69
C ILE D 446 0.72 9.87 14.32
N GLY D 447 0.14 10.88 13.70
CA GLY D 447 0.56 11.29 12.34
C GLY D 447 1.46 12.50 12.43
N CYS D 448 2.79 12.31 12.32
CA CYS D 448 3.76 13.39 12.46
C CYS D 448 4.33 13.84 11.08
N ASP D 449 4.26 15.15 10.78
CA ASP D 449 4.83 15.84 9.60
C ASP D 449 6.07 16.54 10.10
N GLY D 450 6.78 17.21 9.24
CA GLY D 450 7.95 17.96 9.62
C GLY D 450 9.21 17.22 9.26
N SER D 451 10.19 17.95 8.79
CA SER D 451 11.43 17.37 8.37
C SER D 451 12.31 16.81 9.48
N VAL D 452 12.17 17.23 10.73
CA VAL D 452 13.05 16.62 11.71
C VAL D 452 12.58 15.21 11.94
N VAL D 453 11.29 15.04 12.16
CA VAL D 453 10.83 13.67 12.38
C VAL D 453 10.93 12.81 11.12
N GLU D 454 10.74 13.39 9.95
CA GLU D 454 10.83 12.60 8.72
C GLU D 454 12.26 12.23 8.34
N TYR D 455 13.23 13.14 8.50
CA TYR D 455 14.59 12.85 8.07
C TYR D 455 15.67 12.72 9.14
N TYR D 456 15.49 13.24 10.35
CA TYR D 456 16.59 13.21 11.28
C TYR D 456 16.82 11.74 11.58
N PRO D 457 18.02 11.19 11.37
CA PRO D 457 18.34 9.80 11.49
C PRO D 457 18.46 9.38 12.91
N GLY D 458 17.32 9.30 13.57
CA GLY D 458 17.31 9.00 14.99
C GLY D 458 15.98 9.29 15.65
N PHE D 459 15.19 10.22 15.15
CA PHE D 459 13.92 10.48 15.84
C PHE D 459 12.90 9.39 15.81
N ARG D 460 12.75 8.68 14.72
CA ARG D 460 11.68 7.70 14.71
C ARG D 460 11.88 6.70 15.83
N SER D 461 13.11 6.24 16.01
CA SER D 461 13.38 5.27 17.05
C SER D 461 13.53 5.90 18.42
N MET D 462 14.08 7.10 18.53
CA MET D 462 14.21 7.66 19.85
C MET D 462 12.86 8.01 20.43
N LEU D 463 11.90 8.45 19.62
CA LEU D 463 10.60 8.71 20.21
C LEU D 463 9.99 7.41 20.65
N ARG D 464 10.10 6.35 19.88
CA ARG D 464 9.46 5.13 20.36
C ARG D 464 10.05 4.69 21.69
N HIS D 465 11.35 4.82 21.82
CA HIS D 465 11.99 4.45 23.06
C HIS D 465 11.51 5.35 24.19
N ALA D 466 11.51 6.66 23.98
CA ALA D 466 11.10 7.59 25.00
C ALA D 466 9.65 7.37 25.40
N LEU D 467 8.78 6.99 24.47
CA LEU D 467 7.41 6.77 24.84
C LEU D 467 7.33 5.62 25.80
N ALA D 468 8.09 4.55 25.55
CA ALA D 468 8.11 3.41 26.45
C ALA D 468 8.64 3.80 27.84
N LEU D 469 9.58 4.75 27.89
CA LEU D 469 10.14 5.20 29.17
C LEU D 469 9.18 6.05 29.99
N SER D 470 8.34 6.82 29.30
CA SER D 470 7.40 7.76 29.90
C SER D 470 6.34 6.92 30.59
N PRO D 471 5.35 7.49 31.32
CA PRO D 471 4.30 6.80 32.04
C PRO D 471 3.44 5.89 31.17
N LEU D 472 3.54 6.02 29.84
CA LEU D 472 2.78 5.12 28.97
C LEU D 472 3.26 3.71 29.23
N GLY D 473 4.56 3.56 29.46
CA GLY D 473 5.16 2.28 29.73
C GLY D 473 5.28 1.51 28.44
N ALA D 474 5.77 0.27 28.55
CA ALA D 474 5.85 -0.55 27.36
C ALA D 474 4.46 -0.84 26.85
N GLU D 475 3.50 -0.99 27.75
CA GLU D 475 2.17 -1.35 27.32
C GLU D 475 1.57 -0.24 26.48
N GLY D 476 1.78 1.01 26.85
CA GLY D 476 1.27 2.08 26.02
C GLY D 476 2.02 2.14 24.70
N GLU D 477 3.33 1.91 24.70
CA GLU D 477 4.10 1.98 23.45
C GLU D 477 3.59 0.95 22.45
N ARG D 478 3.12 -0.18 22.94
CA ARG D 478 2.63 -1.25 22.07
C ARG D 478 1.38 -0.88 21.28
N LYS D 479 0.67 0.16 21.68
CA LYS D 479 -0.54 0.59 20.99
C LYS D 479 -0.31 1.69 19.97
N VAL D 480 0.93 2.17 19.99
CA VAL D 480 1.14 3.52 19.48
C VAL D 480 2.09 3.47 18.30
N HIS D 481 1.63 3.92 17.17
CA HIS D 481 2.46 3.91 15.99
C HIS D 481 2.80 5.30 15.52
N LEU D 482 4.06 5.50 15.21
CA LEU D 482 4.46 6.79 14.69
C LEU D 482 4.58 6.67 13.20
N LYS D 483 3.72 7.38 12.49
CA LYS D 483 3.66 7.33 11.05
C LYS D 483 3.96 8.70 10.51
N ILE D 484 4.38 8.80 9.25
CA ILE D 484 4.69 10.12 8.72
C ILE D 484 3.68 10.66 7.75
N ALA D 485 3.18 11.81 8.11
CA ALA D 485 2.18 12.54 7.34
C ALA D 485 2.92 13.38 6.33
N LYS D 486 3.49 12.71 5.35
CA LYS D 486 4.40 13.34 4.40
C LYS D 486 3.86 14.51 3.61
N ASP D 487 2.61 14.42 3.19
CA ASP D 487 2.03 15.46 2.35
C ASP D 487 1.02 16.31 3.08
N GLY D 488 1.00 16.20 4.39
CA GLY D 488 0.52 16.51 5.70
C GLY D 488 -0.19 17.84 5.65
N SER D 489 0.57 18.92 5.70
CA SER D 489 -0.04 20.25 5.72
C SER D 489 -0.86 20.63 4.47
N GLY D 490 -0.39 20.21 3.30
CA GLY D 490 -1.02 20.50 2.01
C GLY D 490 -2.40 19.90 1.88
N VAL D 491 -2.48 18.61 2.15
CA VAL D 491 -3.73 17.88 2.06
C VAL D 491 -4.67 18.38 3.12
N GLY D 492 -4.13 18.61 4.31
CA GLY D 492 -4.91 19.08 5.41
C GLY D 492 -5.62 20.38 5.10
N ALA D 493 -4.89 21.36 4.58
CA ALA D 493 -5.54 22.61 4.24
C ALA D 493 -6.56 22.42 3.14
N ALA D 494 -6.29 21.54 2.17
CA ALA D 494 -7.27 21.30 1.12
C ALA D 494 -8.56 20.76 1.73
N LEU D 495 -8.43 19.86 2.70
CA LEU D 495 -9.59 19.30 3.38
C LEU D 495 -10.30 20.36 4.20
N CYS D 496 -9.56 21.26 4.82
CA CYS D 496 -10.19 22.29 5.62
C CYS D 496 -11.05 23.17 4.72
N ALA D 497 -10.54 23.49 3.52
CA ALA D 497 -11.28 24.30 2.54
C ALA D 497 -12.50 23.54 2.02
N LEU D 498 -12.40 22.22 1.91
CA LEU D 498 -13.51 21.37 1.48
C LEU D 498 -14.61 21.45 2.53
N VAL D 499 -14.20 21.39 3.81
CA VAL D 499 -15.09 21.50 4.98
C VAL D 499 -15.77 22.90 5.10
N ALA D 500 -15.00 24.01 4.95
CA ALA D 500 -15.44 25.42 4.98
C ALA D 500 -16.14 25.83 6.30
C1 GLC E . -0.54 -32.08 5.58
C2 GLC E . 0.80 -32.40 4.87
C3 GLC E . 1.71 -31.14 4.70
C4 GLC E . 0.89 -29.90 4.17
C5 GLC E . -0.26 -29.66 5.18
C6 GLC E . -1.05 -28.37 4.94
O1 GLC E . -0.41 -32.08 7.00
O2 GLC E . 1.51 -33.41 5.61
O3 GLC E . 2.84 -31.45 3.85
O4 GLC E . 1.72 -28.74 4.11
O5 GLC E . -1.11 -30.82 5.17
O6 GLC E . -1.65 -28.32 3.65
H1 GLC E . -1.26 -32.87 5.32
H2 GLC E . 0.56 -32.77 3.87
H3 GLC E . 2.09 -30.90 5.70
H4 GLC E . 0.47 -30.13 3.19
H5 GLC E . 0.16 -29.59 6.18
H61 GLC E . -1.83 -28.29 5.70
H62 GLC E . -0.38 -27.51 5.04
HO1 GLC E . -1.21 -31.74 7.44
HO2 GLC E . 2.28 -33.06 6.14
HO3 GLC E . 3.63 -31.77 4.38
HO4 GLC E . 2.32 -28.65 3.35
HO6 GLC E . -2.59 -28.00 3.70
MG MG F . -3.14 -24.69 0.88
PG ATP G . -4.43 -26.89 2.45
O1G ATP G . -3.35 -25.93 2.12
O2G ATP G . -4.29 -27.38 3.84
O3G ATP G . -4.43 -28.02 1.46
PB ATP G . -6.07 -25.16 1.00
O1B ATP G . -6.04 -25.89 -0.26
O2B ATP G . -4.88 -24.18 0.98
O3B ATP G . -5.84 -26.08 2.24
PA ATP G . -8.15 -23.54 2.15
O1A ATP G . -9.13 -22.65 1.57
O2A ATP G . -7.07 -22.90 2.94
O3A ATP G . -7.48 -24.49 1.07
O5' ATP G . -8.88 -24.59 3.11
C5' ATP G . -10.25 -25.07 2.88
C4' ATP G . -10.90 -25.45 4.17
O4' ATP G . -10.96 -24.27 5.01
C3' ATP G . -12.36 -25.93 4.19
O3' ATP G . -12.46 -27.37 4.07
C2' ATP G . -12.93 -25.48 5.55
O2' ATP G . -12.63 -26.50 6.50
C1' ATP G . -12.09 -24.25 5.84
N9 ATP G . -12.74 -22.92 5.60
C8 ATP G . -12.92 -22.33 4.37
N7 ATP G . -13.53 -21.14 4.44
C5 ATP G . -13.75 -20.97 5.78
C6 ATP G . -14.37 -19.90 6.58
N6 ATP G . -14.86 -18.80 6.04
N1 ATP G . -14.46 -20.01 7.92
C2 ATP G . -13.95 -21.15 8.54
N3 ATP G . -13.36 -22.21 7.90
C4 ATP G . -13.28 -22.07 6.52
H5'1 ATP G . -10.23 -25.92 2.20
H5'2 ATP G . -10.88 -24.29 2.42
H4' ATP G . -10.27 -26.16 4.70
H3' ATP G . -12.93 -25.48 3.37
HO3' ATP G . -12.13 -27.76 4.90
H2' ATP G . -14.00 -25.27 5.49
HO2' ATP G . -12.82 -26.15 7.38
H1' ATP G . -11.73 -24.28 6.88
H8 ATP G . -12.60 -22.77 3.44
HN61 ATP G . -14.83 -18.68 5.04
HN62 ATP G . -15.28 -18.10 6.63
H2 ATP G . -14.04 -21.21 9.61
C1 GLC H . -36.16 -25.83 -15.30
C2 GLC H . -36.82 -26.92 -16.18
C3 GLC H . -37.97 -27.69 -15.45
C4 GLC H . -37.55 -28.11 -14.00
C5 GLC H . -37.14 -26.81 -13.25
C6 GLC H . -36.88 -27.00 -11.75
O1 GLC H . -36.89 -24.61 -15.31
O2 GLC H . -37.34 -26.31 -17.38
O3 GLC H . -38.41 -28.82 -16.23
O4 GLC H . -38.64 -28.73 -13.30
O5 GLC H . -36.00 -26.25 -13.92
O6 GLC H . -35.84 -27.92 -11.46
H1 GLC H . -35.18 -25.63 -15.70
H2 GLC H . -36.05 -27.65 -16.44
H3 GLC H . -38.81 -26.99 -15.37
H4 GLC H . -36.69 -28.78 -14.04
H5 GLC H . -37.94 -26.08 -13.35
H61 GLC H . -36.62 -26.03 -11.32
H62 GLC H . -37.80 -27.34 -11.27
HO1 GLC H . -36.57 -23.98 -14.64
HO2 GLC H . -38.33 -26.21 -17.38
HO3 GLC H . -39.16 -28.59 -16.85
HO4 GLC H . -38.83 -29.67 -13.50
HO6 GLC H . -35.23 -27.59 -10.77
MG MG I . -34.81 -30.60 -7.62
PG ATP J . -33.60 -28.24 -9.00
O1G ATP J . -34.71 -29.16 -8.63
O2G ATP J . -34.14 -26.95 -9.48
O3G ATP J . -32.74 -28.89 -10.06
PB ATP J . -32.29 -29.28 -6.77
O1B ATP J . -31.48 -30.27 -7.47
O2B ATP J . -33.62 -29.95 -6.41
O3B ATP J . -32.67 -28.05 -7.67
PA ATP J . -31.71 -27.78 -4.38
O1A ATP J . -31.00 -28.12 -3.18
O2A ATP J . -33.19 -27.61 -4.26
O3A ATP J . -31.43 -28.81 -5.55
O5' ATP J . -31.14 -26.41 -5.00
C5' ATP J . -29.73 -26.00 -4.83
C4' ATP J . -29.64 -24.50 -4.86
O4' ATP J . -30.39 -23.98 -3.76
C3' ATP J . -28.27 -23.83 -4.67
O3' ATP J . -27.59 -23.58 -5.91
C2' ATP J . -28.57 -22.48 -3.98
O2' ATP J . -28.85 -21.52 -5.01
C1' ATP J . -29.86 -22.80 -3.22
N9 ATP J . -29.72 -23.05 -1.75
C8 ATP J . -29.26 -24.20 -1.17
N7 ATP J . -29.25 -24.15 0.17
C5 ATP J . -29.72 -22.90 0.45
C6 ATP J . -29.97 -22.16 1.69
N6 ATP J . -29.75 -22.69 2.89
N1 ATP J . -30.45 -20.91 1.67
C2 ATP J . -30.69 -20.31 0.45
N3 ATP J . -30.51 -20.88 -0.79
C4 ATP J . -30.02 -22.18 -0.73
H5'1 ATP J . -29.13 -26.44 -5.62
H5'2 ATP J . -29.34 -26.32 -3.87
H4' ATP J . -30.10 -24.12 -5.76
H3' ATP J . -27.63 -24.44 -4.03
HO3' ATP J . -28.08 -22.90 -6.39
H2' ATP J . -27.75 -22.16 -3.32
HO2' ATP J . -29.20 -20.73 -4.59
H1' ATP J . -30.59 -22.00 -3.39
H8 ATP J . -28.94 -25.06 -1.73
HN61 ATP J . -29.40 -23.63 2.96
HN62 ATP J . -29.94 -22.15 3.71
H2 ATP J . -31.07 -19.30 0.45
C1 GLC K . 29.56 32.35 -16.78
C2 GLC K . 29.93 33.75 -17.36
C3 GLC K . 31.34 34.26 -16.90
C4 GLC K . 31.53 34.06 -15.35
C5 GLC K . 31.33 32.55 -15.06
C6 GLC K . 31.69 32.13 -13.62
O1 GLC K . 30.14 31.28 -17.53
O2 GLC K . 29.90 33.67 -18.79
O3 GLC K . 31.53 35.63 -17.30
O4 GLC K . 32.85 34.45 -14.95
O5 GLC K . 29.99 32.20 -15.40
O6 GLC K . 30.92 32.81 -12.63
H1 GLC K . 28.49 32.25 -16.81
H2 GLC K . 29.19 34.46 -17.01
H3 GLC K . 32.07 33.65 -17.42
H4 GLC K . 30.78 34.64 -14.80
H5 GLC K . 31.98 31.97 -15.71
H61 GLC K . 31.53 31.06 -13.53
H62 GLC K . 32.74 32.34 -13.44
HO1 GLC K . 30.04 30.42 -17.08
HO2 GLC K . 30.80 33.66 -19.22
HO3 GLC K . 31.96 35.71 -18.20
HO4 GLC K . 33.03 35.40 -14.84
HO6 GLC K . 30.59 32.20 -11.94
MG MG L . 31.66 33.75 -7.98
PG ATP M . 29.82 32.00 -9.58
O1G ATP M . 31.06 32.77 -9.34
O2G ATP M . 30.03 31.03 -10.67
O3G ATP M . 28.69 32.92 -9.89
PB ATP M . 29.56 32.01 -6.80
O1B ATP M . 28.63 33.13 -6.71
O2B ATP M . 30.98 32.60 -6.76
O3B ATP M . 29.46 31.25 -8.17
PA ATP M . 29.81 29.68 -5.13
O1A ATP M . 29.65 29.47 -3.72
O2A ATP M . 31.21 29.60 -5.66
O3A ATP M . 29.19 31.05 -5.61
O5' ATP M . 28.94 28.61 -5.95
C5' ATP M . 27.68 28.06 -5.43
C4' ATP M . 27.45 26.68 -5.97
O4' ATP M . 28.53 25.83 -5.53
C3' ATP M . 26.22 25.88 -5.54
O3' ATP M . 25.09 26.08 -6.42
C2' ATP M . 26.64 24.40 -5.59
O2' ATP M . 26.42 23.93 -6.92
C1' ATP M . 28.14 24.50 -5.32
N9 ATP M . 28.60 24.16 -3.93
C8 ATP M . 28.49 24.97 -2.84
N7 ATP M . 29.00 24.42 -1.72
C5 ATP M . 29.43 23.20 -2.14
C6 ATP M . 30.08 22.06 -1.47
N6 ATP M . 30.38 22.08 -0.17
N1 ATP M . 30.41 20.95 -2.14
C2 ATP M . 30.11 20.88 -3.50
N3 ATP M . 29.51 21.86 -4.24
C4 ATP M . 29.20 23.01 -3.52
H5'1 ATP M . 26.85 28.71 -5.69
H5'2 ATP M . 27.71 27.96 -4.33
H4' ATP M . 27.50 26.71 -7.05
H3' ATP M . 25.93 26.16 -4.53
HO3' ATP M . 25.30 25.67 -7.27
H2' ATP M . 26.12 23.79 -4.84
HO2' ATP M . 26.85 23.06 -7.00
H1' ATP M . 28.69 23.89 -6.04
H8 ATP M . 28.06 25.96 -2.86
HN61 ATP M . 30.15 22.89 0.38
HN62 ATP M . 30.82 21.28 0.24
H2 ATP M . 30.37 19.97 -4.02
C1 GLC N . 5.05 27.61 16.57
C2 GLC N . 3.56 28.06 16.60
C3 GLC N . 2.57 26.88 16.31
C4 GLC N . 3.03 26.02 15.09
C5 GLC N . 4.45 25.50 15.41
C6 GLC N . 5.00 24.47 14.43
O1 GLC N . 5.46 27.05 17.81
O2 GLC N . 3.26 28.64 17.87
O3 GLC N . 1.22 27.40 16.13
O4 GLC N . 2.17 24.90 14.89
O5 GLC N . 5.32 26.64 15.53
O6 GLC N . 5.08 24.96 13.08
H1 GLC N . 5.67 28.48 16.39
H2 GLC N . 3.43 28.80 15.80
H3 GLC N . 2.56 26.26 17.20
H4 GLC N . 3.07 26.63 14.19
H5 GLC N . 4.44 25.02 16.39
H61 GLC N . 6.00 24.17 14.74
H62 GLC N . 4.35 23.58 14.43
HO1 GLC N . 6.34 26.62 17.77
HO2 GLC N . 2.72 28.06 18.46
HO3 GLC N . 0.72 27.43 16.99
HO4 GLC N . 1.31 25.05 14.44
HO6 GLC N . 5.93 24.72 12.66
MG MG O . 5.14 22.78 8.80
PG ATP P . 7.09 24.33 10.49
O1G ATP P . 5.89 23.48 10.25
O2G ATP P . 7.51 24.24 11.90
O3G ATP P . 6.80 25.74 10.09
PB ATP P . 7.93 23.42 7.98
O1B ATP P . 7.49 24.56 7.22
O2B ATP P . 6.75 22.43 8.04
O3B ATP P . 8.25 23.77 9.48
PA ATP P . 10.16 21.66 7.57
O1A ATP P . 10.79 21.14 6.38
O2A ATP P . 9.41 20.67 8.40
O3A ATP P . 9.21 22.89 7.26
O5' ATP P . 11.29 22.32 8.51
C5' ATP P . 12.49 22.96 7.98
C4' ATP P . 13.61 22.86 8.98
O4' ATP P . 13.89 21.48 9.22
C3' ATP P . 14.99 23.43 8.64
O3' ATP P . 15.15 24.79 9.05
C2' ATP P . 16.00 22.53 9.40
O2' ATP P . 16.15 23.08 10.71
C1' ATP P . 15.24 21.21 9.49
N9 ATP P . 15.66 20.14 8.53
C8 ATP P . 15.32 20.08 7.21
N7 ATP P . 15.82 19.00 6.58
C5 ATP P . 16.51 18.36 7.57
C6 ATP P . 17.30 17.13 7.61
N6 ATP P . 17.48 16.35 6.55
N1 ATP P . 17.90 16.71 8.75
C2 ATP P . 17.74 17.49 9.90
N3 ATP P . 17.03 18.65 9.99
C4 ATP P . 16.43 19.04 8.80
H5'1 ATP P . 12.29 24.00 7.75
H5'2 ATP P . 12.84 22.46 7.07
H4' ATP P . 13.28 23.27 9.94
H3' ATP P . 15.18 23.36 7.57
HO3' ATP P . 15.17 24.82 10.02
H2' ATP P . 16.95 22.44 8.88
HO2' ATP P . 16.64 22.45 11.25
H1' ATP P . 15.29 20.82 10.51
H8 ATP P . 14.71 20.82 6.71
HN61 ATP P . 17.06 16.61 5.66
HN62 ATP P . 18.03 15.52 6.63
H2 ATP P . 18.23 17.14 10.79
#